data_2DLW
#
_entry.id   2DLW
#
_entity_poly.entity_id   1
_entity_poly.type   'polypeptide(L)'
_entity_poly.pdbx_seq_one_letter_code
;GSSGSSGHKEFAVTMRPTEASERCHLRGSYTLRAGESALELWGGPEPGTQLYDWPYRFLRRFGRDKVTFSFEAGRRCVSG
EGNFEFETRQGNEIFLALEEAISAQKNSGPSSG
;
_entity_poly.pdbx_strand_id   A
#
# COMPACT_ATOMS: atom_id res chain seq x y z
N GLY A 1 3.09 -16.12 15.98
CA GLY A 1 2.58 -15.04 16.79
C GLY A 1 2.97 -15.18 18.26
N SER A 2 4.27 -15.16 18.52
CA SER A 2 4.78 -15.29 19.88
C SER A 2 4.81 -13.93 20.57
N SER A 3 5.05 -12.88 19.80
CA SER A 3 5.12 -11.53 20.35
C SER A 3 3.72 -10.95 20.52
N GLY A 4 2.96 -10.91 19.43
CA GLY A 4 1.61 -10.38 19.48
C GLY A 4 0.84 -10.64 18.20
N SER A 5 1.21 -9.95 17.13
CA SER A 5 0.53 -10.10 15.85
C SER A 5 1.54 -10.06 14.70
N SER A 6 1.38 -10.97 13.75
CA SER A 6 2.28 -11.04 12.60
C SER A 6 1.79 -10.14 11.48
N GLY A 7 0.51 -10.27 11.13
CA GLY A 7 -0.06 -9.46 10.06
C GLY A 7 -1.53 -9.17 10.29
N HIS A 8 -2.29 -9.11 9.20
CA HIS A 8 -3.72 -8.83 9.28
C HIS A 8 -3.97 -7.45 9.90
N LYS A 9 -3.15 -6.48 9.53
CA LYS A 9 -3.28 -5.13 10.05
C LYS A 9 -3.68 -4.16 8.93
N GLU A 10 -4.96 -3.78 8.91
CA GLU A 10 -5.46 -2.86 7.90
C GLU A 10 -5.45 -1.43 8.42
N PHE A 11 -5.61 -0.47 7.51
CA PHE A 11 -5.61 0.94 7.87
C PHE A 11 -6.63 1.71 7.04
N ALA A 12 -7.50 2.46 7.72
CA ALA A 12 -8.52 3.25 7.05
C ALA A 12 -7.93 4.51 6.42
N VAL A 13 -8.13 4.68 5.13
CA VAL A 13 -7.60 5.84 4.41
C VAL A 13 -8.69 6.51 3.58
N THR A 14 -8.48 7.77 3.22
CA THR A 14 -9.44 8.51 2.42
C THR A 14 -8.81 8.99 1.12
N MET A 15 -9.60 8.98 0.05
CA MET A 15 -9.12 9.42 -1.26
C MET A 15 -8.97 10.94 -1.30
N ARG A 16 -7.73 11.40 -1.30
CA ARG A 16 -7.44 12.83 -1.34
C ARG A 16 -7.21 13.31 -2.77
N PRO A 17 -7.37 14.61 -2.99
CA PRO A 17 -7.19 15.22 -4.32
C PRO A 17 -5.72 15.23 -4.74
N THR A 18 -5.44 14.57 -5.87
CA THR A 18 -4.08 14.49 -6.39
C THR A 18 -4.08 14.34 -7.91
N GLU A 19 -3.01 14.80 -8.54
CA GLU A 19 -2.88 14.71 -9.99
C GLU A 19 -3.20 13.29 -10.47
N ALA A 20 -2.68 12.30 -9.76
CA ALA A 20 -2.90 10.91 -10.12
C ALA A 20 -4.36 10.51 -9.88
N SER A 21 -4.78 10.55 -8.62
CA SER A 21 -6.15 10.18 -8.26
C SER A 21 -7.12 10.64 -9.35
N GLU A 22 -6.91 11.84 -9.86
CA GLU A 22 -7.78 12.40 -10.90
C GLU A 22 -8.05 11.36 -11.98
N ARG A 23 -6.99 10.94 -12.68
CA ARG A 23 -7.12 9.96 -13.74
C ARG A 23 -7.94 8.75 -13.28
N CYS A 24 -7.67 8.31 -12.06
CA CYS A 24 -8.39 7.16 -11.50
C CYS A 24 -9.85 7.51 -11.23
N HIS A 25 -10.13 8.79 -11.01
CA HIS A 25 -11.48 9.24 -10.76
C HIS A 25 -12.08 8.51 -9.56
N LEU A 26 -11.27 8.32 -8.52
CA LEU A 26 -11.73 7.63 -7.31
C LEU A 26 -12.62 8.54 -6.46
N ARG A 27 -13.38 7.94 -5.57
CA ARG A 27 -14.27 8.70 -4.70
C ARG A 27 -14.63 7.89 -3.45
N GLY A 28 -14.55 8.54 -2.30
CA GLY A 28 -14.87 7.87 -1.05
C GLY A 28 -13.63 7.46 -0.28
N SER A 29 -13.74 6.39 0.50
CA SER A 29 -12.61 5.90 1.29
C SER A 29 -12.37 4.42 1.04
N TYR A 30 -11.10 4.04 0.96
CA TYR A 30 -10.75 2.65 0.71
C TYR A 30 -9.94 2.08 1.88
N THR A 31 -9.58 0.80 1.79
CA THR A 31 -8.82 0.14 2.83
C THR A 31 -7.38 -0.08 2.39
N LEU A 32 -6.44 0.25 3.27
CA LEU A 32 -5.01 0.08 2.98
C LEU A 32 -4.45 -1.12 3.72
N ARG A 33 -3.69 -1.94 3.00
CA ARG A 33 -3.08 -3.13 3.59
C ARG A 33 -1.77 -3.47 2.88
N ALA A 34 -0.84 -4.07 3.63
CA ALA A 34 0.44 -4.46 3.07
C ALA A 34 0.55 -5.97 2.93
N GLY A 35 0.81 -6.44 1.71
CA GLY A 35 0.93 -7.86 1.47
C GLY A 35 2.35 -8.36 1.62
N GLU A 36 2.68 -9.45 0.93
CA GLU A 36 4.02 -10.02 0.99
C GLU A 36 4.86 -9.56 -0.18
N SER A 37 4.36 -9.77 -1.39
CA SER A 37 5.08 -9.37 -2.60
C SER A 37 4.58 -8.04 -3.12
N ALA A 38 3.27 -7.84 -3.05
CA ALA A 38 2.65 -6.59 -3.51
C ALA A 38 1.79 -5.96 -2.41
N LEU A 39 1.26 -4.79 -2.70
CA LEU A 39 0.42 -4.08 -1.74
C LEU A 39 -1.02 -4.57 -1.81
N GLU A 40 -1.78 -4.33 -0.74
CA GLU A 40 -3.17 -4.76 -0.68
C GLU A 40 -4.10 -3.57 -0.45
N LEU A 41 -5.18 -3.52 -1.20
CA LEU A 41 -6.15 -2.42 -1.08
C LEU A 41 -7.54 -2.88 -1.52
N TRP A 42 -8.41 -3.14 -0.55
CA TRP A 42 -9.76 -3.57 -0.84
C TRP A 42 -10.67 -2.38 -1.14
N GLY A 43 -11.67 -2.60 -1.98
CA GLY A 43 -12.60 -1.53 -2.32
C GLY A 43 -13.96 -2.06 -2.72
N GLY A 44 -13.98 -3.04 -3.61
CA GLY A 44 -15.24 -3.61 -4.06
C GLY A 44 -16.07 -4.17 -2.93
N PRO A 45 -17.20 -4.79 -3.26
CA PRO A 45 -18.10 -5.39 -2.27
C PRO A 45 -17.51 -6.61 -1.60
N GLU A 46 -18.06 -6.98 -0.44
CA GLU A 46 -17.58 -8.14 0.30
C GLU A 46 -17.72 -9.41 -0.52
N PRO A 47 -16.76 -10.34 -0.34
CA PRO A 47 -15.65 -10.15 0.61
C PRO A 47 -14.67 -9.10 0.13
N GLY A 48 -14.45 -9.03 -1.18
CA GLY A 48 -13.53 -8.05 -1.73
C GLY A 48 -12.34 -8.70 -2.41
N THR A 49 -11.64 -7.93 -3.26
CA THR A 49 -10.49 -8.44 -3.98
C THR A 49 -9.46 -7.34 -4.21
N GLN A 50 -8.20 -7.73 -4.35
CA GLN A 50 -7.12 -6.77 -4.58
C GLN A 50 -7.06 -6.36 -6.05
N LEU A 51 -7.41 -5.11 -6.32
CA LEU A 51 -7.40 -4.60 -7.69
C LEU A 51 -6.41 -3.45 -7.82
N TYR A 52 -6.09 -2.81 -6.70
CA TYR A 52 -5.17 -1.69 -6.69
C TYR A 52 -3.81 -2.11 -6.13
N ASP A 53 -3.68 -3.39 -5.81
CA ASP A 53 -2.44 -3.93 -5.27
C ASP A 53 -1.25 -3.54 -6.15
N TRP A 54 -0.40 -2.66 -5.63
CA TRP A 54 0.77 -2.21 -6.37
C TRP A 54 2.01 -3.01 -5.96
N PRO A 55 2.74 -3.51 -6.96
CA PRO A 55 3.96 -4.29 -6.73
C PRO A 55 5.10 -3.45 -6.19
N TYR A 56 5.46 -3.66 -4.93
CA TYR A 56 6.53 -2.92 -4.29
C TYR A 56 7.74 -2.80 -5.22
N ARG A 57 8.23 -3.94 -5.68
CA ARG A 57 9.38 -3.96 -6.58
C ARG A 57 9.36 -2.76 -7.53
N PHE A 58 8.18 -2.46 -8.05
CA PHE A 58 8.03 -1.33 -8.97
C PHE A 58 8.20 0.00 -8.23
N LEU A 59 7.58 0.10 -7.06
CA LEU A 59 7.67 1.32 -6.26
C LEU A 59 9.12 1.74 -6.07
N ARG A 60 9.55 2.75 -6.83
CA ARG A 60 10.91 3.25 -6.74
C ARG A 60 11.18 3.83 -5.36
N ARG A 61 10.37 4.80 -4.97
CA ARG A 61 10.54 5.45 -3.66
C ARG A 61 9.18 5.72 -3.02
N PHE A 62 9.17 5.87 -1.70
CA PHE A 62 7.95 6.13 -0.96
C PHE A 62 8.24 6.83 0.36
N GLY A 63 7.26 7.55 0.88
CA GLY A 63 7.44 8.27 2.13
C GLY A 63 6.17 8.30 2.96
N ARG A 64 6.32 8.30 4.28
CA ARG A 64 5.17 8.34 5.18
C ARG A 64 5.20 9.59 6.05
N ASP A 65 4.05 10.24 6.19
CA ASP A 65 3.95 11.45 7.00
C ASP A 65 2.77 11.36 7.96
N LYS A 66 3.06 11.49 9.25
CA LYS A 66 2.02 11.42 10.28
C LYS A 66 0.74 12.08 9.80
N VAL A 67 0.88 13.10 8.95
CA VAL A 67 -0.27 13.82 8.41
C VAL A 67 -0.91 13.05 7.26
N THR A 68 -0.07 12.55 6.36
CA THR A 68 -0.56 11.80 5.21
C THR A 68 0.53 10.89 4.66
N PHE A 69 0.14 9.68 4.26
CA PHE A 69 1.08 8.72 3.72
C PHE A 69 0.93 8.61 2.20
N SER A 70 2.05 8.74 1.49
CA SER A 70 2.04 8.67 0.03
C SER A 70 3.26 7.90 -0.48
N PHE A 71 3.28 7.66 -1.79
CA PHE A 71 4.40 6.94 -2.41
C PHE A 71 4.49 7.26 -3.90
N GLU A 72 5.53 6.74 -4.55
CA GLU A 72 5.73 6.97 -5.96
C GLU A 72 5.58 5.67 -6.76
N ALA A 73 4.51 5.58 -7.54
CA ALA A 73 4.24 4.40 -8.34
C ALA A 73 4.91 4.50 -9.71
N GLY A 74 5.41 3.38 -10.21
CA GLY A 74 6.07 3.37 -11.50
C GLY A 74 5.09 3.37 -12.66
N ARG A 75 5.46 2.72 -13.75
CA ARG A 75 4.60 2.65 -14.93
C ARG A 75 4.06 1.24 -15.12
N ARG A 76 3.18 1.08 -16.11
CA ARG A 76 2.58 -0.22 -16.39
C ARG A 76 1.87 -0.77 -15.17
N CYS A 77 1.11 0.09 -14.49
CA CYS A 77 0.37 -0.32 -13.30
C CYS A 77 -1.13 -0.17 -13.50
N VAL A 78 -1.91 -1.01 -12.83
CA VAL A 78 -3.36 -0.96 -12.94
C VAL A 78 -3.87 0.45 -12.78
N SER A 79 -3.55 1.08 -11.65
CA SER A 79 -3.99 2.45 -11.38
C SER A 79 -3.27 3.44 -12.29
N GLY A 80 -1.96 3.27 -12.42
CA GLY A 80 -1.19 4.15 -13.28
C GLY A 80 -0.13 4.93 -12.50
N GLU A 81 0.80 5.53 -13.22
CA GLU A 81 1.88 6.30 -12.60
C GLU A 81 1.32 7.56 -11.94
N GLY A 82 2.12 8.16 -11.05
CA GLY A 82 1.70 9.35 -10.36
C GLY A 82 1.97 9.30 -8.87
N ASN A 83 1.34 10.19 -8.12
CA ASN A 83 1.53 10.24 -6.67
C ASN A 83 0.19 10.14 -5.95
N PHE A 84 -0.02 9.03 -5.26
CA PHE A 84 -1.25 8.80 -4.53
C PHE A 84 -1.10 9.20 -3.06
N GLU A 85 -2.13 9.81 -2.50
CA GLU A 85 -2.11 10.24 -1.11
C GLU A 85 -3.23 9.57 -0.31
N PHE A 86 -2.90 9.09 0.88
CA PHE A 86 -3.87 8.43 1.73
C PHE A 86 -4.07 9.21 3.03
N GLU A 87 -5.34 9.41 3.41
CA GLU A 87 -5.66 10.14 4.62
C GLU A 87 -5.66 9.21 5.83
N THR A 88 -4.60 9.26 6.62
CA THR A 88 -4.47 8.43 7.81
C THR A 88 -3.42 8.98 8.77
N ARG A 89 -3.56 8.63 10.04
CA ARG A 89 -2.62 9.10 11.06
C ARG A 89 -1.61 8.02 11.40
N GLN A 90 -2.03 6.77 11.32
CA GLN A 90 -1.16 5.63 11.62
C GLN A 90 -0.31 5.26 10.41
N GLY A 91 -0.26 6.16 9.43
CA GLY A 91 0.51 5.90 8.23
C GLY A 91 1.85 5.26 8.54
N ASN A 92 2.49 5.70 9.62
CA ASN A 92 3.79 5.17 10.01
C ASN A 92 3.82 3.65 9.87
N GLU A 93 2.76 2.99 10.36
CA GLU A 93 2.67 1.53 10.29
C GLU A 93 2.68 1.07 8.83
N ILE A 94 1.69 1.52 8.06
CA ILE A 94 1.59 1.13 6.66
C ILE A 94 2.97 1.06 6.00
N PHE A 95 3.74 2.12 6.15
CA PHE A 95 5.08 2.18 5.57
C PHE A 95 5.93 1.00 6.07
N LEU A 96 6.19 0.98 7.37
CA LEU A 96 6.99 -0.09 7.96
C LEU A 96 6.64 -1.44 7.35
N ALA A 97 5.35 -1.77 7.37
CA ALA A 97 4.89 -3.04 6.82
C ALA A 97 5.54 -3.32 5.47
N LEU A 98 5.43 -2.38 4.55
CA LEU A 98 6.01 -2.52 3.22
C LEU A 98 7.47 -2.93 3.31
N GLU A 99 8.27 -2.16 4.05
CA GLU A 99 9.67 -2.44 4.23
C GLU A 99 9.88 -3.85 4.77
N GLU A 100 9.12 -4.19 5.80
CA GLU A 100 9.22 -5.51 6.42
C GLU A 100 9.20 -6.61 5.37
N ALA A 101 8.25 -6.53 4.45
CA ALA A 101 8.11 -7.51 3.38
C ALA A 101 9.30 -7.45 2.42
N ILE A 102 9.58 -6.25 1.93
CA ILE A 102 10.69 -6.05 0.99
C ILE A 102 12.00 -6.61 1.56
N SER A 103 12.15 -6.50 2.87
CA SER A 103 13.35 -6.99 3.54
C SER A 103 13.26 -8.49 3.80
N ALA A 104 12.05 -8.96 4.12
CA ALA A 104 11.82 -10.37 4.37
C ALA A 104 12.15 -11.22 3.15
N GLN A 105 11.42 -10.99 2.07
CA GLN A 105 11.64 -11.73 0.83
C GLN A 105 13.11 -12.05 0.64
N LYS A 106 13.97 -11.15 1.08
CA LYS A 106 15.41 -11.34 0.96
C LYS A 106 15.97 -12.07 2.18
N ASN A 107 15.57 -11.62 3.36
CA ASN A 107 16.02 -12.23 4.61
C ASN A 107 16.17 -13.74 4.45
N SER A 108 15.15 -14.38 3.88
CA SER A 108 15.17 -15.82 3.67
C SER A 108 15.64 -16.16 2.26
N GLY A 109 16.21 -17.35 2.11
CA GLY A 109 16.70 -17.78 0.81
C GLY A 109 15.63 -17.73 -0.26
N PRO A 110 15.93 -18.31 -1.43
CA PRO A 110 14.99 -18.33 -2.56
C PRO A 110 13.80 -19.24 -2.30
N SER A 111 12.60 -18.66 -2.26
CA SER A 111 11.39 -19.42 -2.02
C SER A 111 11.14 -20.43 -3.14
N SER A 112 11.04 -21.70 -2.77
CA SER A 112 10.82 -22.76 -3.75
C SER A 112 9.70 -23.70 -3.28
N GLY A 113 8.56 -23.64 -3.95
CA GLY A 113 7.43 -24.48 -3.59
C GLY A 113 6.97 -24.27 -2.17
N GLY A 1 -10.93 -19.28 -0.90
CA GLY A 1 -9.66 -19.70 -1.47
C GLY A 1 -8.58 -18.65 -1.30
N SER A 2 -7.72 -18.85 -0.31
CA SER A 2 -6.63 -17.92 -0.03
C SER A 2 -5.31 -18.66 0.20
N SER A 3 -4.25 -18.15 -0.39
CA SER A 3 -2.93 -18.77 -0.25
C SER A 3 -2.38 -18.56 1.16
N GLY A 4 -2.36 -17.31 1.61
CA GLY A 4 -1.86 -17.01 2.94
C GLY A 4 -2.91 -16.37 3.82
N SER A 5 -2.47 -15.67 4.86
CA SER A 5 -3.39 -15.01 5.79
C SER A 5 -3.60 -13.55 5.39
N SER A 6 -4.72 -12.99 5.83
CA SER A 6 -5.06 -11.61 5.52
C SER A 6 -3.94 -10.67 5.96
N GLY A 7 -3.81 -9.54 5.27
CA GLY A 7 -2.78 -8.58 5.60
C GLY A 7 -2.58 -8.45 7.10
N HIS A 8 -1.31 -8.46 7.52
CA HIS A 8 -0.98 -8.34 8.94
C HIS A 8 -1.95 -7.41 9.65
N LYS A 9 -2.06 -6.19 9.14
CA LYS A 9 -2.96 -5.20 9.73
C LYS A 9 -3.51 -4.27 8.66
N GLU A 10 -4.71 -3.74 8.89
CA GLU A 10 -5.35 -2.84 7.95
C GLU A 10 -5.30 -1.39 8.46
N PHE A 11 -5.61 -0.45 7.58
CA PHE A 11 -5.60 0.96 7.95
C PHE A 11 -6.58 1.75 7.07
N ALA A 12 -7.44 2.52 7.71
CA ALA A 12 -8.42 3.33 7.00
C ALA A 12 -7.76 4.54 6.33
N VAL A 13 -8.14 4.79 5.09
CA VAL A 13 -7.59 5.92 4.34
C VAL A 13 -8.61 6.50 3.37
N THR A 14 -8.61 7.82 3.23
CA THR A 14 -9.54 8.49 2.34
C THR A 14 -8.84 9.00 1.08
N MET A 15 -9.51 8.89 -0.05
CA MET A 15 -8.95 9.34 -1.32
C MET A 15 -8.86 10.86 -1.37
N ARG A 16 -7.64 11.39 -1.30
CA ARG A 16 -7.42 12.83 -1.32
C ARG A 16 -7.43 13.35 -2.76
N PRO A 17 -7.96 14.56 -2.95
CA PRO A 17 -8.04 15.20 -4.27
C PRO A 17 -6.67 15.61 -4.81
N THR A 18 -6.07 14.75 -5.61
CA THR A 18 -4.76 15.02 -6.18
C THR A 18 -4.83 15.11 -7.71
N GLU A 19 -3.70 15.40 -8.33
CA GLU A 19 -3.63 15.52 -9.78
C GLU A 19 -3.83 14.16 -10.44
N ALA A 20 -3.04 13.18 -10.02
CA ALA A 20 -3.13 11.83 -10.57
C ALA A 20 -4.54 11.27 -10.43
N SER A 21 -5.08 11.31 -9.21
CA SER A 21 -6.42 10.80 -8.95
C SER A 21 -7.35 11.11 -10.12
N GLU A 22 -7.34 12.37 -10.56
CA GLU A 22 -8.18 12.79 -11.67
C GLU A 22 -8.35 11.67 -12.69
N ARG A 23 -7.22 11.11 -13.13
CA ARG A 23 -7.23 10.03 -14.11
C ARG A 23 -7.94 8.80 -13.55
N CYS A 24 -7.47 8.33 -12.39
CA CYS A 24 -8.06 7.16 -11.75
C CYS A 24 -9.55 7.36 -11.50
N HIS A 25 -9.97 8.63 -11.43
CA HIS A 25 -11.37 8.97 -11.19
C HIS A 25 -11.88 8.29 -9.93
N LEU A 26 -11.04 8.24 -8.90
CA LEU A 26 -11.40 7.62 -7.63
C LEU A 26 -12.11 8.62 -6.73
N ARG A 27 -13.22 8.19 -6.14
CA ARG A 27 -14.00 9.04 -5.25
C ARG A 27 -14.60 8.23 -4.10
N GLY A 28 -14.34 8.66 -2.87
CA GLY A 28 -14.85 7.97 -1.71
C GLY A 28 -13.77 7.61 -0.72
N SER A 29 -13.89 6.44 -0.10
CA SER A 29 -12.92 5.99 0.88
C SER A 29 -12.53 4.52 0.64
N TYR A 30 -11.25 4.24 0.72
CA TYR A 30 -10.75 2.88 0.51
C TYR A 30 -9.94 2.40 1.71
N THR A 31 -9.63 1.11 1.72
CA THR A 31 -8.85 0.53 2.81
C THR A 31 -7.44 0.18 2.36
N LEU A 32 -6.46 0.48 3.21
CA LEU A 32 -5.07 0.19 2.90
C LEU A 32 -4.57 -1.03 3.66
N ARG A 33 -3.79 -1.86 2.99
CA ARG A 33 -3.25 -3.07 3.62
C ARG A 33 -1.86 -3.38 3.06
N ALA A 34 -1.00 -3.92 3.92
CA ALA A 34 0.36 -4.26 3.53
C ALA A 34 0.52 -5.77 3.37
N GLY A 35 0.77 -6.22 2.15
CA GLY A 35 0.94 -7.63 1.89
C GLY A 35 2.38 -8.10 2.10
N GLU A 36 2.73 -9.21 1.47
CA GLU A 36 4.08 -9.76 1.59
C GLU A 36 4.93 -9.34 0.39
N SER A 37 4.42 -9.57 -0.81
CA SER A 37 5.15 -9.23 -2.02
C SER A 37 4.56 -7.97 -2.67
N ALA A 38 3.25 -7.79 -2.52
CA ALA A 38 2.57 -6.63 -3.08
C ALA A 38 1.70 -5.96 -2.04
N LEU A 39 1.15 -4.79 -2.40
CA LEU A 39 0.29 -4.04 -1.48
C LEU A 39 -1.14 -4.56 -1.54
N GLU A 40 -1.94 -4.18 -0.55
CA GLU A 40 -3.34 -4.62 -0.49
C GLU A 40 -4.27 -3.41 -0.30
N LEU A 41 -5.28 -3.33 -1.14
CA LEU A 41 -6.24 -2.23 -1.07
C LEU A 41 -7.64 -2.71 -1.47
N TRP A 42 -8.49 -2.91 -0.47
CA TRP A 42 -9.86 -3.35 -0.72
C TRP A 42 -10.79 -2.17 -0.93
N GLY A 43 -11.72 -2.31 -1.88
CA GLY A 43 -12.66 -1.24 -2.16
C GLY A 43 -13.43 -0.81 -0.94
N GLY A 44 -14.46 -1.57 -0.58
CA GLY A 44 -15.27 -1.24 0.57
C GLY A 44 -16.00 -2.45 1.13
N PRO A 45 -17.23 -2.66 0.66
CA PRO A 45 -18.06 -3.79 1.10
C PRO A 45 -17.53 -5.13 0.62
N GLU A 46 -18.21 -6.21 1.00
CA GLU A 46 -17.80 -7.56 0.61
C GLU A 46 -18.42 -7.94 -0.73
N PRO A 47 -17.83 -8.95 -1.39
CA PRO A 47 -16.65 -9.65 -0.87
C PRO A 47 -15.40 -8.78 -0.89
N GLY A 48 -15.15 -8.14 -2.03
CA GLY A 48 -13.99 -7.28 -2.16
C GLY A 48 -12.74 -8.04 -2.53
N THR A 49 -11.85 -7.41 -3.29
CA THR A 49 -10.60 -8.04 -3.71
C THR A 49 -9.56 -6.99 -4.09
N GLN A 50 -8.29 -7.38 -4.01
CA GLN A 50 -7.20 -6.48 -4.34
C GLN A 50 -7.10 -6.26 -5.84
N LEU A 51 -7.41 -5.05 -6.29
CA LEU A 51 -7.36 -4.71 -7.71
C LEU A 51 -6.33 -3.61 -7.96
N TYR A 52 -6.07 -2.81 -6.95
CA TYR A 52 -5.11 -1.72 -7.07
C TYR A 52 -3.80 -2.07 -6.37
N ASP A 53 -3.72 -3.29 -5.85
CA ASP A 53 -2.51 -3.74 -5.16
C ASP A 53 -1.27 -3.51 -6.01
N TRP A 54 -0.40 -2.62 -5.55
CA TRP A 54 0.83 -2.31 -6.27
C TRP A 54 2.00 -3.08 -5.69
N PRO A 55 2.72 -3.82 -6.56
CA PRO A 55 3.88 -4.61 -6.16
C PRO A 55 5.07 -3.74 -5.77
N TYR A 56 5.43 -3.78 -4.49
CA TYR A 56 6.55 -2.98 -3.99
C TYR A 56 7.71 -2.99 -4.97
N ARG A 57 8.18 -4.19 -5.33
CA ARG A 57 9.28 -4.33 -6.27
C ARG A 57 9.23 -3.23 -7.33
N PHE A 58 8.02 -2.90 -7.78
CA PHE A 58 7.84 -1.88 -8.80
C PHE A 58 7.94 -0.48 -8.19
N LEU A 59 7.31 -0.30 -7.03
CA LEU A 59 7.33 0.98 -6.34
C LEU A 59 8.75 1.49 -6.18
N ARG A 60 9.13 2.45 -7.03
CA ARG A 60 10.48 3.02 -6.98
C ARG A 60 10.80 3.52 -5.58
N ARG A 61 9.86 4.23 -4.97
CA ARG A 61 10.05 4.77 -3.63
C ARG A 61 8.70 5.05 -2.96
N PHE A 62 8.74 5.32 -1.66
CA PHE A 62 7.53 5.60 -0.91
C PHE A 62 7.86 6.31 0.40
N GLY A 63 6.90 7.11 0.90
CA GLY A 63 7.11 7.84 2.13
C GLY A 63 5.84 7.96 2.94
N ARG A 64 5.99 8.26 4.23
CA ARG A 64 4.85 8.41 5.12
C ARG A 64 4.98 9.66 5.97
N ASP A 65 3.86 10.32 6.25
CA ASP A 65 3.85 11.53 7.05
C ASP A 65 2.65 11.55 8.00
N LYS A 66 2.91 11.82 9.28
CA LYS A 66 1.86 11.86 10.28
C LYS A 66 0.61 12.53 9.73
N VAL A 67 0.79 13.42 8.77
CA VAL A 67 -0.33 14.12 8.14
C VAL A 67 -0.95 13.29 7.04
N THR A 68 -0.12 12.68 6.21
CA THR A 68 -0.59 11.86 5.11
C THR A 68 0.50 10.91 4.63
N PHE A 69 0.09 9.80 4.02
CA PHE A 69 1.03 8.81 3.51
C PHE A 69 0.88 8.64 1.99
N SER A 70 1.98 8.82 1.28
CA SER A 70 1.97 8.70 -0.18
C SER A 70 3.19 7.93 -0.66
N PHE A 71 3.28 7.71 -1.97
CA PHE A 71 4.38 6.98 -2.56
C PHE A 71 4.41 7.18 -4.08
N GLU A 72 5.50 6.73 -4.70
CA GLU A 72 5.65 6.84 -6.15
C GLU A 72 5.43 5.50 -6.83
N ALA A 73 4.56 5.49 -7.83
CA ALA A 73 4.25 4.27 -8.57
C ALA A 73 4.82 4.33 -9.98
N GLY A 74 4.86 3.18 -10.65
CA GLY A 74 5.39 3.12 -12.00
C GLY A 74 4.36 3.54 -13.04
N ARG A 75 4.72 3.42 -14.30
CA ARG A 75 3.83 3.79 -15.39
C ARG A 75 3.24 2.56 -16.07
N ARG A 76 3.90 1.41 -15.89
CA ARG A 76 3.45 0.16 -16.47
C ARG A 76 2.32 -0.44 -15.65
N CYS A 77 1.77 0.34 -14.72
CA CYS A 77 0.68 -0.11 -13.87
C CYS A 77 -0.65 0.47 -14.33
N VAL A 78 -1.70 -0.34 -14.24
CA VAL A 78 -3.04 0.10 -14.64
C VAL A 78 -3.39 1.43 -14.00
N SER A 79 -2.80 1.71 -12.83
CA SER A 79 -3.07 2.95 -12.12
C SER A 79 -2.48 4.14 -12.86
N GLY A 80 -1.26 3.97 -13.37
CA GLY A 80 -0.62 5.04 -14.09
C GLY A 80 0.36 5.82 -13.23
N GLU A 81 1.39 6.38 -13.86
CA GLU A 81 2.40 7.15 -13.15
C GLU A 81 1.77 8.35 -12.46
N GLY A 82 2.29 8.70 -11.29
CA GLY A 82 1.78 9.84 -10.54
C GLY A 82 2.05 9.74 -9.06
N ASN A 83 1.19 10.35 -8.25
CA ASN A 83 1.35 10.34 -6.81
C ASN A 83 0.02 10.08 -6.11
N PHE A 84 0.02 9.15 -5.17
CA PHE A 84 -1.19 8.81 -4.42
C PHE A 84 -1.05 9.15 -2.95
N GLU A 85 -2.07 9.79 -2.40
CA GLU A 85 -2.06 10.18 -0.99
C GLU A 85 -3.16 9.47 -0.21
N PHE A 86 -2.88 9.13 1.04
CA PHE A 86 -3.86 8.46 1.88
C PHE A 86 -4.06 9.20 3.19
N GLU A 87 -5.31 9.57 3.47
CA GLU A 87 -5.63 10.31 4.68
C GLU A 87 -5.64 9.37 5.89
N THR A 88 -4.56 9.45 6.69
CA THR A 88 -4.44 8.62 7.88
C THR A 88 -3.42 9.19 8.84
N ARG A 89 -3.41 8.69 10.07
CA ARG A 89 -2.48 9.14 11.10
C ARG A 89 -1.47 8.05 11.45
N GLN A 90 -1.92 6.79 11.36
CA GLN A 90 -1.06 5.66 11.68
C GLN A 90 -0.28 5.22 10.44
N GLY A 91 -0.23 6.07 9.44
CA GLY A 91 0.49 5.74 8.22
C GLY A 91 1.82 5.06 8.49
N ASN A 92 2.47 5.45 9.57
CA ASN A 92 3.76 4.86 9.95
C ASN A 92 3.74 3.35 9.75
N GLU A 93 2.75 2.70 10.35
CA GLU A 93 2.62 1.25 10.24
C GLU A 93 2.61 0.81 8.78
N ILE A 94 1.68 1.35 8.01
CA ILE A 94 1.56 1.01 6.60
C ILE A 94 2.93 0.93 5.94
N PHE A 95 3.75 1.96 6.14
CA PHE A 95 5.09 1.99 5.57
C PHE A 95 5.94 0.85 6.10
N LEU A 96 6.17 0.84 7.40
CA LEU A 96 6.97 -0.20 8.04
C LEU A 96 6.61 -1.57 7.49
N ALA A 97 5.31 -1.86 7.43
CA ALA A 97 4.84 -3.14 6.91
C ALA A 97 5.55 -3.51 5.61
N LEU A 98 5.63 -2.54 4.70
CA LEU A 98 6.28 -2.77 3.41
C LEU A 98 7.75 -3.16 3.61
N GLU A 99 8.51 -2.25 4.21
CA GLU A 99 9.92 -2.50 4.46
C GLU A 99 10.14 -3.89 5.06
N GLU A 100 9.33 -4.23 6.07
CA GLU A 100 9.44 -5.52 6.72
C GLU A 100 9.42 -6.65 5.71
N ALA A 101 8.43 -6.62 4.81
CA ALA A 101 8.30 -7.64 3.78
C ALA A 101 9.43 -7.55 2.77
N ILE A 102 9.59 -6.37 2.18
CA ILE A 102 10.64 -6.16 1.18
C ILE A 102 11.99 -6.66 1.68
N SER A 103 12.26 -6.44 2.97
CA SER A 103 13.51 -6.86 3.57
C SER A 103 13.59 -8.38 3.64
N ALA A 104 12.44 -9.03 3.83
CA ALA A 104 12.38 -10.48 3.91
C ALA A 104 12.66 -11.12 2.54
N GLN A 105 11.85 -10.76 1.56
CA GLN A 105 12.01 -11.31 0.21
C GLN A 105 13.45 -11.13 -0.28
N LYS A 106 14.02 -9.97 -0.01
CA LYS A 106 15.40 -9.68 -0.41
C LYS A 106 16.37 -10.67 0.21
N ASN A 107 16.85 -11.62 -0.60
CA ASN A 107 17.79 -12.62 -0.12
C ASN A 107 18.89 -11.98 0.72
N SER A 108 19.68 -11.12 0.09
CA SER A 108 20.77 -10.45 0.78
C SER A 108 20.24 -9.44 1.78
N GLY A 109 20.47 -9.70 3.06
CA GLY A 109 20.01 -8.81 4.11
C GLY A 109 20.15 -9.41 5.49
N PRO A 110 20.34 -8.54 6.50
CA PRO A 110 20.49 -8.96 7.89
C PRO A 110 19.19 -9.51 8.48
N SER A 111 18.15 -9.53 7.66
CA SER A 111 16.84 -10.01 8.10
C SER A 111 16.92 -11.48 8.50
N SER A 112 17.27 -12.33 7.53
CA SER A 112 17.39 -13.76 7.79
C SER A 112 18.83 -14.16 8.07
N GLY A 113 19.02 -15.37 8.58
CA GLY A 113 20.35 -15.85 8.88
C GLY A 113 20.74 -17.06 8.07
N GLY A 1 5.75 -20.86 15.68
CA GLY A 1 5.75 -19.41 15.77
C GLY A 1 5.09 -18.76 14.57
N SER A 2 5.62 -19.01 13.38
CA SER A 2 5.08 -18.44 12.16
C SER A 2 3.60 -18.81 12.00
N SER A 3 3.33 -20.10 11.96
CA SER A 3 1.97 -20.59 11.81
C SER A 3 1.10 -20.20 13.01
N GLY A 4 -0.20 -20.41 12.88
CA GLY A 4 -1.12 -20.08 13.96
C GLY A 4 -1.49 -18.60 13.97
N SER A 5 -0.56 -17.76 14.38
CA SER A 5 -0.80 -16.32 14.44
C SER A 5 -0.89 -15.73 13.03
N SER A 6 -1.23 -14.45 12.96
CA SER A 6 -1.34 -13.76 11.68
C SER A 6 -1.12 -12.27 11.84
N GLY A 7 -0.11 -11.74 11.14
CA GLY A 7 0.20 -10.33 11.22
C GLY A 7 -0.55 -9.51 10.19
N HIS A 8 -1.85 -9.39 10.37
CA HIS A 8 -2.69 -8.63 9.44
C HIS A 8 -3.25 -7.38 10.11
N LYS A 9 -3.01 -6.23 9.50
CA LYS A 9 -3.49 -4.95 10.04
C LYS A 9 -3.85 -3.98 8.92
N GLU A 10 -5.12 -3.63 8.82
CA GLU A 10 -5.59 -2.71 7.80
C GLU A 10 -5.67 -1.29 8.33
N PHE A 11 -5.73 -0.32 7.43
CA PHE A 11 -5.81 1.08 7.81
C PHE A 11 -6.73 1.86 6.86
N ALA A 12 -7.75 2.49 7.44
CA ALA A 12 -8.70 3.27 6.66
C ALA A 12 -8.06 4.52 6.08
N VAL A 13 -8.14 4.67 4.76
CA VAL A 13 -7.56 5.82 4.08
C VAL A 13 -8.55 6.43 3.10
N THR A 14 -8.60 7.77 3.08
CA THR A 14 -9.51 8.48 2.19
C THR A 14 -8.76 9.05 0.99
N MET A 15 -9.47 9.22 -0.12
CA MET A 15 -8.88 9.77 -1.33
C MET A 15 -8.54 11.24 -1.16
N ARG A 16 -7.26 11.59 -1.35
CA ARG A 16 -6.82 12.97 -1.20
C ARG A 16 -6.74 13.66 -2.56
N PRO A 17 -6.89 14.99 -2.56
CA PRO A 17 -6.85 15.79 -3.78
C PRO A 17 -5.46 15.86 -4.39
N THR A 18 -5.32 15.31 -5.59
CA THR A 18 -4.02 15.30 -6.28
C THR A 18 -4.21 15.20 -7.79
N GLU A 19 -3.11 15.22 -8.52
CA GLU A 19 -3.14 15.14 -9.98
C GLU A 19 -3.68 13.77 -10.42
N ALA A 20 -2.94 12.73 -10.09
CA ALA A 20 -3.34 11.37 -10.45
C ALA A 20 -4.80 11.11 -10.11
N SER A 21 -5.18 11.47 -8.89
CA SER A 21 -6.55 11.28 -8.44
C SER A 21 -7.55 11.60 -9.56
N GLU A 22 -7.29 12.69 -10.27
CA GLU A 22 -8.16 13.11 -11.37
C GLU A 22 -8.33 11.99 -12.38
N ARG A 23 -7.23 11.30 -12.68
CA ARG A 23 -7.26 10.20 -13.65
C ARG A 23 -8.17 9.08 -13.17
N CYS A 24 -7.80 8.45 -12.06
CA CYS A 24 -8.58 7.35 -11.51
C CYS A 24 -9.98 7.83 -11.13
N HIS A 25 -10.10 9.12 -10.82
CA HIS A 25 -11.39 9.69 -10.45
C HIS A 25 -12.00 8.93 -9.28
N LEU A 26 -11.19 8.64 -8.27
CA LEU A 26 -11.65 7.92 -7.09
C LEU A 26 -12.34 8.86 -6.11
N ARG A 27 -13.44 8.39 -5.52
CA ARG A 27 -14.20 9.20 -4.56
C ARG A 27 -14.67 8.34 -3.39
N GLY A 28 -14.42 8.80 -2.17
CA GLY A 28 -14.84 8.06 -1.00
C GLY A 28 -13.66 7.64 -0.13
N SER A 29 -13.82 6.53 0.57
CA SER A 29 -12.76 6.02 1.45
C SER A 29 -12.44 4.57 1.11
N TYR A 30 -11.15 4.23 1.15
CA TYR A 30 -10.70 2.88 0.85
C TYR A 30 -9.95 2.28 2.04
N THR A 31 -9.53 1.03 1.89
CA THR A 31 -8.81 0.34 2.95
C THR A 31 -7.37 0.05 2.52
N LEU A 32 -6.43 0.36 3.42
CA LEU A 32 -5.01 0.14 3.14
C LEU A 32 -4.51 -1.14 3.82
N ARG A 33 -3.58 -1.83 3.17
CA ARG A 33 -3.03 -3.06 3.72
C ARG A 33 -1.65 -3.34 3.14
N ALA A 34 -0.90 -4.23 3.78
CA ALA A 34 0.43 -4.59 3.31
C ALA A 34 0.56 -6.10 3.14
N GLY A 35 0.54 -6.54 1.88
CA GLY A 35 0.66 -7.96 1.60
C GLY A 35 2.09 -8.47 1.78
N GLU A 36 2.46 -9.45 0.96
CA GLU A 36 3.79 -10.03 1.04
C GLU A 36 4.73 -9.39 0.01
N SER A 37 4.32 -9.45 -1.25
CA SER A 37 5.11 -8.88 -2.33
C SER A 37 4.41 -7.68 -2.96
N ALA A 38 3.09 -7.59 -2.73
CA ALA A 38 2.30 -6.49 -3.26
C ALA A 38 1.45 -5.85 -2.17
N LEU A 39 0.94 -4.66 -2.45
CA LEU A 39 0.11 -3.94 -1.50
C LEU A 39 -1.34 -4.42 -1.58
N GLU A 40 -2.07 -4.27 -0.47
CA GLU A 40 -3.46 -4.68 -0.41
C GLU A 40 -4.38 -3.48 -0.23
N LEU A 41 -5.31 -3.30 -1.17
CA LEU A 41 -6.25 -2.19 -1.11
C LEU A 41 -7.66 -2.64 -1.48
N TRP A 42 -8.51 -2.79 -0.47
CA TRP A 42 -9.89 -3.23 -0.69
C TRP A 42 -10.77 -2.06 -1.09
N GLY A 43 -11.69 -2.29 -2.01
CA GLY A 43 -12.58 -1.24 -2.46
C GLY A 43 -13.56 -0.81 -1.39
N GLY A 44 -14.63 -1.58 -1.22
CA GLY A 44 -15.62 -1.26 -0.22
C GLY A 44 -16.69 -2.33 -0.09
N PRO A 45 -17.47 -2.52 -1.17
CA PRO A 45 -18.54 -3.52 -1.21
C PRO A 45 -18.01 -4.94 -1.21
N GLU A 46 -18.91 -5.90 -1.00
CA GLU A 46 -18.53 -7.31 -0.98
C GLU A 46 -18.62 -7.92 -2.38
N PRO A 47 -17.94 -9.05 -2.57
CA PRO A 47 -17.14 -9.69 -1.52
C PRO A 47 -15.89 -8.90 -1.17
N GLY A 48 -15.32 -8.22 -2.17
CA GLY A 48 -14.14 -7.42 -1.94
C GLY A 48 -12.86 -8.15 -2.34
N THR A 49 -12.06 -7.51 -3.18
CA THR A 49 -10.81 -8.10 -3.65
C THR A 49 -9.77 -7.03 -3.96
N GLN A 50 -8.52 -7.45 -4.16
CA GLN A 50 -7.45 -6.52 -4.46
C GLN A 50 -7.33 -6.29 -5.96
N LEU A 51 -7.65 -5.08 -6.40
CA LEU A 51 -7.58 -4.72 -7.81
C LEU A 51 -6.56 -3.62 -8.05
N TYR A 52 -6.28 -2.84 -7.02
CA TYR A 52 -5.33 -1.75 -7.11
C TYR A 52 -4.02 -2.10 -6.42
N ASP A 53 -3.94 -3.34 -5.93
CA ASP A 53 -2.73 -3.81 -5.24
C ASP A 53 -1.49 -3.55 -6.09
N TRP A 54 -0.64 -2.64 -5.62
CA TRP A 54 0.59 -2.31 -6.33
C TRP A 54 1.77 -3.14 -5.81
N PRO A 55 2.45 -3.83 -6.74
CA PRO A 55 3.60 -4.66 -6.40
C PRO A 55 4.81 -3.85 -5.97
N TYR A 56 5.21 -4.01 -4.71
CA TYR A 56 6.37 -3.28 -4.18
C TYR A 56 7.56 -3.36 -5.12
N ARG A 57 7.94 -4.58 -5.47
CA ARG A 57 9.08 -4.79 -6.37
C ARG A 57 9.13 -3.70 -7.43
N PHE A 58 7.96 -3.24 -7.88
CA PHE A 58 7.88 -2.21 -8.90
C PHE A 58 7.99 -0.82 -8.27
N LEU A 59 7.32 -0.63 -7.15
CA LEU A 59 7.34 0.65 -6.45
C LEU A 59 8.77 1.10 -6.20
N ARG A 60 9.19 2.15 -6.91
CA ARG A 60 10.55 2.67 -6.75
C ARG A 60 10.79 3.13 -5.32
N ARG A 61 10.01 4.11 -4.87
CA ARG A 61 10.15 4.64 -3.51
C ARG A 61 8.79 5.03 -2.95
N PHE A 62 8.77 5.34 -1.65
CA PHE A 62 7.54 5.73 -0.99
C PHE A 62 7.83 6.43 0.34
N GLY A 63 6.86 7.21 0.81
CA GLY A 63 7.03 7.93 2.07
C GLY A 63 5.75 8.05 2.85
N ARG A 64 5.85 8.08 4.17
CA ARG A 64 4.69 8.19 5.04
C ARG A 64 4.72 9.49 5.83
N ASP A 65 3.60 9.83 6.46
CA ASP A 65 3.51 11.05 7.24
C ASP A 65 2.66 10.81 8.50
N LYS A 66 2.56 11.84 9.34
CA LYS A 66 1.79 11.74 10.57
C LYS A 66 0.34 11.36 10.28
N VAL A 67 -0.34 12.20 9.51
CA VAL A 67 -1.73 11.94 9.15
C VAL A 67 -1.89 11.76 7.64
N THR A 68 -0.78 11.50 6.97
CA THR A 68 -0.79 11.30 5.53
C THR A 68 0.12 10.15 5.11
N PHE A 69 -0.24 9.47 4.02
CA PHE A 69 0.55 8.35 3.53
C PHE A 69 0.53 8.30 2.00
N SER A 70 1.71 8.45 1.40
CA SER A 70 1.82 8.43 -0.06
C SER A 70 2.95 7.50 -0.50
N PHE A 71 3.08 7.32 -1.80
CA PHE A 71 4.12 6.45 -2.36
C PHE A 71 4.37 6.78 -3.83
N GLU A 72 5.40 6.15 -4.40
CA GLU A 72 5.75 6.38 -5.79
C GLU A 72 5.40 5.16 -6.65
N ALA A 73 4.54 5.36 -7.63
CA ALA A 73 4.12 4.29 -8.51
C ALA A 73 4.46 4.60 -9.96
N GLY A 74 4.83 3.57 -10.72
CA GLY A 74 5.17 3.76 -12.11
C GLY A 74 3.95 3.91 -13.01
N ARG A 75 4.18 4.11 -14.30
CA ARG A 75 3.10 4.27 -15.26
C ARG A 75 2.57 2.92 -15.70
N ARG A 76 3.47 1.96 -15.87
CA ARG A 76 3.09 0.61 -16.29
C ARG A 76 1.73 0.22 -15.71
N CYS A 77 1.55 0.47 -14.42
CA CYS A 77 0.30 0.13 -13.74
C CYS A 77 -0.88 0.72 -14.49
N VAL A 78 -2.06 0.13 -14.29
CA VAL A 78 -3.27 0.59 -14.95
C VAL A 78 -3.72 1.93 -14.37
N SER A 79 -3.50 2.11 -13.07
CA SER A 79 -3.89 3.35 -12.40
C SER A 79 -3.17 4.54 -13.01
N GLY A 80 -1.89 4.37 -13.31
CA GLY A 80 -1.11 5.45 -13.89
C GLY A 80 0.04 5.88 -12.99
N GLU A 81 0.90 6.74 -13.51
CA GLU A 81 2.04 7.23 -12.75
C GLU A 81 1.72 8.55 -12.08
N GLY A 82 2.38 8.83 -10.95
CA GLY A 82 2.14 10.06 -10.23
C GLY A 82 2.32 9.90 -8.73
N ASN A 83 1.82 10.87 -7.97
CA ASN A 83 1.93 10.83 -6.52
C ASN A 83 0.56 10.64 -5.88
N PHE A 84 0.34 9.46 -5.30
CA PHE A 84 -0.93 9.15 -4.65
C PHE A 84 -0.88 9.49 -3.17
N GLU A 85 -1.78 10.36 -2.73
CA GLU A 85 -1.84 10.78 -1.33
C GLU A 85 -3.01 10.11 -0.61
N PHE A 86 -2.77 9.67 0.62
CA PHE A 86 -3.80 9.01 1.41
C PHE A 86 -3.90 9.64 2.80
N GLU A 87 -5.12 9.77 3.29
CA GLU A 87 -5.36 10.35 4.61
C GLU A 87 -5.43 9.26 5.68
N THR A 88 -4.38 9.16 6.49
CA THR A 88 -4.33 8.17 7.56
C THR A 88 -3.34 8.58 8.64
N ARG A 89 -3.61 8.15 9.87
CA ARG A 89 -2.74 8.48 11.00
C ARG A 89 -1.73 7.36 11.24
N GLN A 90 -2.18 6.12 11.08
CA GLN A 90 -1.31 4.96 11.29
C GLN A 90 -0.40 4.74 10.08
N GLY A 91 -0.39 5.71 9.17
CA GLY A 91 0.44 5.60 7.99
C GLY A 91 1.80 5.01 8.29
N ASN A 92 2.52 5.60 9.22
CA ASN A 92 3.85 5.12 9.60
C ASN A 92 3.86 3.60 9.69
N GLU A 93 2.86 3.04 10.36
CA GLU A 93 2.77 1.60 10.52
C GLU A 93 2.80 0.89 9.17
N ILE A 94 2.00 1.38 8.23
CA ILE A 94 1.94 0.81 6.89
C ILE A 94 3.32 0.81 6.23
N PHE A 95 3.98 1.97 6.23
CA PHE A 95 5.29 2.09 5.65
C PHE A 95 6.23 0.99 6.15
N LEU A 96 6.24 0.79 7.46
CA LEU A 96 7.08 -0.24 8.06
C LEU A 96 6.70 -1.63 7.56
N ALA A 97 5.40 -1.88 7.48
CA ALA A 97 4.91 -3.17 7.01
C ALA A 97 5.49 -3.53 5.65
N LEU A 98 5.55 -2.55 4.76
CA LEU A 98 6.08 -2.75 3.42
C LEU A 98 7.57 -3.13 3.49
N GLU A 99 8.34 -2.31 4.17
CA GLU A 99 9.77 -2.55 4.32
C GLU A 99 10.04 -3.91 4.94
N GLU A 100 9.40 -4.16 6.08
CA GLU A 100 9.56 -5.43 6.79
C GLU A 100 9.41 -6.60 5.83
N ALA A 101 8.43 -6.50 4.92
CA ALA A 101 8.18 -7.56 3.96
C ALA A 101 9.24 -7.57 2.86
N ILE A 102 9.43 -6.42 2.22
CA ILE A 102 10.42 -6.29 1.16
C ILE A 102 11.78 -6.84 1.59
N SER A 103 12.27 -6.35 2.73
CA SER A 103 13.56 -6.79 3.26
C SER A 103 13.63 -8.31 3.34
N ALA A 104 12.57 -8.91 3.86
CA ALA A 104 12.50 -10.36 4.00
C ALA A 104 12.88 -11.05 2.69
N GLN A 105 12.25 -10.63 1.60
CA GLN A 105 12.52 -11.21 0.28
C GLN A 105 14.02 -11.40 0.08
N LYS A 106 14.77 -10.29 0.14
CA LYS A 106 16.20 -10.32 -0.04
C LYS A 106 16.90 -10.93 1.17
N ASN A 107 18.16 -11.32 0.99
CA ASN A 107 18.92 -11.92 2.08
C ASN A 107 20.39 -11.49 2.02
N SER A 108 20.83 -10.77 3.04
CA SER A 108 22.20 -10.28 3.09
C SER A 108 22.55 -9.80 4.50
N GLY A 109 23.84 -9.82 4.83
CA GLY A 109 24.29 -9.38 6.14
C GLY A 109 25.74 -8.96 6.15
N PRO A 110 26.62 -9.91 6.47
CA PRO A 110 28.07 -9.67 6.53
C PRO A 110 28.67 -9.44 5.14
N SER A 111 29.88 -8.87 5.11
CA SER A 111 30.56 -8.60 3.86
C SER A 111 29.71 -7.69 2.96
N SER A 112 29.11 -6.67 3.57
CA SER A 112 28.27 -5.73 2.84
C SER A 112 28.86 -4.32 2.91
N GLY A 113 29.39 -3.85 1.78
CA GLY A 113 29.98 -2.53 1.74
C GLY A 113 31.37 -2.52 1.14
N GLY A 1 -16.05 -2.95 18.17
CA GLY A 1 -15.31 -4.07 18.71
C GLY A 1 -13.80 -3.84 18.64
N SER A 2 -13.16 -3.78 19.81
CA SER A 2 -11.72 -3.57 19.88
C SER A 2 -10.96 -4.78 19.32
N SER A 3 -9.73 -4.55 18.88
CA SER A 3 -8.90 -5.63 18.34
C SER A 3 -7.72 -5.91 19.25
N GLY A 4 -7.30 -7.17 19.30
CA GLY A 4 -6.18 -7.56 20.14
C GLY A 4 -5.36 -8.68 19.52
N SER A 5 -4.70 -8.38 18.41
CA SER A 5 -3.88 -9.37 17.72
C SER A 5 -4.74 -10.47 17.13
N SER A 6 -5.87 -10.10 16.54
CA SER A 6 -6.79 -11.05 15.94
C SER A 6 -7.26 -10.57 14.58
N GLY A 7 -7.03 -11.39 13.55
CA GLY A 7 -7.43 -11.03 12.20
C GLY A 7 -6.31 -10.41 11.41
N HIS A 8 -6.67 -9.54 10.47
CA HIS A 8 -5.68 -8.87 9.63
C HIS A 8 -5.52 -7.41 10.04
N LYS A 9 -4.41 -6.80 9.62
CA LYS A 9 -4.13 -5.42 9.94
C LYS A 9 -4.47 -4.50 8.77
N GLU A 10 -5.45 -3.63 8.97
CA GLU A 10 -5.87 -2.70 7.93
C GLU A 10 -5.76 -1.26 8.40
N PHE A 11 -5.94 -0.31 7.49
CA PHE A 11 -5.84 1.11 7.80
C PHE A 11 -6.84 1.92 6.98
N ALA A 12 -7.71 2.65 7.67
CA ALA A 12 -8.71 3.47 7.00
C ALA A 12 -8.07 4.69 6.35
N VAL A 13 -8.26 4.83 5.04
CA VAL A 13 -7.72 5.95 4.29
C VAL A 13 -8.76 6.59 3.39
N THR A 14 -8.71 7.90 3.27
CA THR A 14 -9.66 8.64 2.44
C THR A 14 -9.00 9.16 1.17
N MET A 15 -9.63 8.90 0.04
CA MET A 15 -9.11 9.35 -1.25
C MET A 15 -8.94 10.87 -1.29
N ARG A 16 -7.69 11.31 -1.35
CA ARG A 16 -7.40 12.75 -1.38
C ARG A 16 -7.20 13.23 -2.81
N PRO A 17 -7.47 14.52 -3.06
CA PRO A 17 -7.32 15.13 -4.37
C PRO A 17 -5.86 15.26 -4.80
N THR A 18 -5.54 14.74 -5.97
CA THR A 18 -4.18 14.81 -6.49
C THR A 18 -4.16 14.70 -8.01
N GLU A 19 -2.97 14.81 -8.60
CA GLU A 19 -2.83 14.74 -10.04
C GLU A 19 -3.23 13.36 -10.56
N ALA A 20 -2.73 12.32 -9.91
CA ALA A 20 -3.05 10.95 -10.30
C ALA A 20 -4.51 10.63 -10.05
N SER A 21 -4.96 10.86 -8.82
CA SER A 21 -6.35 10.59 -8.45
C SER A 21 -7.29 10.91 -9.60
N GLU A 22 -7.02 12.00 -10.30
CA GLU A 22 -7.84 12.42 -11.43
C GLU A 22 -8.09 11.25 -12.38
N ARG A 23 -7.01 10.74 -12.97
CA ARG A 23 -7.11 9.63 -13.90
C ARG A 23 -7.91 8.47 -13.29
N CYS A 24 -7.62 8.17 -12.02
CA CYS A 24 -8.30 7.09 -11.32
C CYS A 24 -9.79 7.41 -11.16
N HIS A 25 -10.10 8.69 -11.03
CA HIS A 25 -11.48 9.13 -10.86
C HIS A 25 -12.13 8.44 -9.66
N LEU A 26 -11.38 8.34 -8.56
CA LEU A 26 -11.88 7.71 -7.35
C LEU A 26 -12.53 8.73 -6.42
N ARG A 27 -13.68 8.38 -5.88
CA ARG A 27 -14.40 9.27 -4.96
C ARG A 27 -15.00 8.50 -3.80
N GLY A 28 -14.58 8.84 -2.59
CA GLY A 28 -15.08 8.16 -1.41
C GLY A 28 -13.98 7.77 -0.45
N SER A 29 -14.08 6.56 0.11
CA SER A 29 -13.09 6.07 1.05
C SER A 29 -12.66 4.64 0.69
N TYR A 30 -11.41 4.33 1.00
CA TYR A 30 -10.87 3.00 0.70
C TYR A 30 -10.11 2.44 1.90
N THR A 31 -9.72 1.18 1.81
CA THR A 31 -8.97 0.53 2.88
C THR A 31 -7.56 0.16 2.42
N LEU A 32 -6.57 0.51 3.24
CA LEU A 32 -5.18 0.22 2.93
C LEU A 32 -4.68 -0.98 3.73
N ARG A 33 -3.87 -1.82 3.10
CA ARG A 33 -3.32 -3.00 3.76
C ARG A 33 -2.02 -3.43 3.11
N ALA A 34 -1.10 -3.96 3.91
CA ALA A 34 0.19 -4.41 3.40
C ALA A 34 0.22 -5.93 3.25
N GLY A 35 0.42 -6.39 2.03
CA GLY A 35 0.47 -7.82 1.78
C GLY A 35 1.85 -8.41 1.99
N GLU A 36 2.10 -9.56 1.38
CA GLU A 36 3.39 -10.23 1.51
C GLU A 36 4.29 -9.90 0.32
N SER A 37 3.79 -10.17 -0.88
CA SER A 37 4.55 -9.92 -2.10
C SER A 37 4.12 -8.60 -2.74
N ALA A 38 2.84 -8.27 -2.60
CA ALA A 38 2.31 -7.02 -3.16
C ALA A 38 1.45 -6.29 -2.13
N LEU A 39 0.97 -5.11 -2.52
CA LEU A 39 0.13 -4.30 -1.63
C LEU A 39 -1.31 -4.76 -1.69
N GLU A 40 -2.11 -4.31 -0.72
CA GLU A 40 -3.52 -4.69 -0.65
C GLU A 40 -4.39 -3.45 -0.45
N LEU A 41 -5.49 -3.38 -1.21
CA LEU A 41 -6.40 -2.25 -1.12
C LEU A 41 -7.83 -2.69 -1.43
N TRP A 42 -8.64 -2.83 -0.38
CA TRP A 42 -10.03 -3.24 -0.55
C TRP A 42 -10.90 -2.07 -0.97
N GLY A 43 -11.64 -2.24 -2.05
CA GLY A 43 -12.51 -1.19 -2.54
C GLY A 43 -13.97 -1.60 -2.56
N GLY A 44 -14.77 -0.99 -1.69
CA GLY A 44 -16.18 -1.31 -1.63
C GLY A 44 -16.56 -1.99 -0.33
N PRO A 45 -17.79 -2.54 -0.28
CA PRO A 45 -18.30 -3.23 0.91
C PRO A 45 -17.57 -4.56 1.17
N GLU A 46 -17.56 -4.97 2.43
CA GLU A 46 -16.91 -6.22 2.80
C GLU A 46 -17.65 -7.42 2.23
N PRO A 47 -16.91 -8.51 1.99
CA PRO A 47 -15.46 -8.57 2.25
C PRO A 47 -14.66 -7.69 1.29
N GLY A 48 -14.91 -7.86 0.00
CA GLY A 48 -14.21 -7.08 -1.00
C GLY A 48 -13.06 -7.85 -1.64
N THR A 49 -12.40 -7.22 -2.61
CA THR A 49 -11.28 -7.85 -3.30
C THR A 49 -10.19 -6.83 -3.62
N GLN A 50 -8.95 -7.31 -3.71
CA GLN A 50 -7.81 -6.45 -4.00
C GLN A 50 -7.58 -6.36 -5.51
N LEU A 51 -7.89 -5.20 -6.08
CA LEU A 51 -7.71 -4.99 -7.52
C LEU A 51 -6.71 -3.87 -7.78
N TYR A 52 -6.49 -3.03 -6.77
CA TYR A 52 -5.55 -1.92 -6.89
C TYR A 52 -4.21 -2.27 -6.26
N ASP A 53 -4.09 -3.51 -5.79
CA ASP A 53 -2.85 -3.98 -5.16
C ASP A 53 -1.65 -3.68 -6.05
N TRP A 54 -0.77 -2.80 -5.59
CA TRP A 54 0.43 -2.44 -6.33
C TRP A 54 1.63 -3.25 -5.87
N PRO A 55 2.31 -3.90 -6.82
CA PRO A 55 3.50 -4.72 -6.53
C PRO A 55 4.69 -3.87 -6.10
N TYR A 56 5.03 -3.93 -4.82
CA TYR A 56 6.16 -3.17 -4.29
C TYR A 56 7.29 -3.08 -5.32
N ARG A 57 7.76 -4.24 -5.78
CA ARG A 57 8.83 -4.30 -6.76
C ARG A 57 8.73 -3.15 -7.74
N PHE A 58 7.51 -2.91 -8.24
CA PHE A 58 7.28 -1.83 -9.20
C PHE A 58 7.57 -0.47 -8.58
N LEU A 59 7.05 -0.25 -7.38
CA LEU A 59 7.26 1.01 -6.68
C LEU A 59 8.74 1.36 -6.60
N ARG A 60 9.10 2.53 -7.11
CA ARG A 60 10.49 2.97 -7.10
C ARG A 60 10.90 3.44 -5.70
N ARG A 61 10.09 4.32 -5.12
CA ARG A 61 10.37 4.85 -3.78
C ARG A 61 9.08 5.20 -3.05
N PHE A 62 9.13 5.17 -1.73
CA PHE A 62 7.96 5.48 -0.91
C PHE A 62 8.37 5.75 0.53
N GLY A 63 7.47 6.37 1.29
CA GLY A 63 7.75 6.68 2.68
C GLY A 63 6.56 7.33 3.38
N ARG A 64 6.47 7.11 4.69
CA ARG A 64 5.37 7.68 5.47
C ARG A 64 5.65 9.15 5.78
N ASP A 65 4.58 9.89 6.06
CA ASP A 65 4.69 11.31 6.38
C ASP A 65 3.78 11.69 7.55
N LYS A 66 3.86 12.94 7.98
CA LYS A 66 3.05 13.42 9.09
C LYS A 66 1.57 13.14 8.84
N VAL A 67 1.00 12.24 9.66
CA VAL A 67 -0.40 11.88 9.52
C VAL A 67 -0.80 11.72 8.06
N THR A 68 0.14 11.28 7.24
CA THR A 68 -0.11 11.09 5.82
C THR A 68 0.85 10.05 5.22
N PHE A 69 0.35 9.30 4.24
CA PHE A 69 1.16 8.28 3.59
C PHE A 69 0.96 8.30 2.09
N SER A 70 2.04 8.12 1.34
CA SER A 70 1.99 8.12 -0.12
C SER A 70 3.18 7.38 -0.71
N PHE A 71 3.12 7.12 -2.01
CA PHE A 71 4.20 6.41 -2.70
C PHE A 71 4.24 6.80 -4.18
N GLU A 72 5.30 6.37 -4.86
CA GLU A 72 5.46 6.68 -6.27
C GLU A 72 5.27 5.42 -7.13
N ALA A 73 4.33 5.49 -8.06
CA ALA A 73 4.05 4.37 -8.94
C ALA A 73 4.57 4.63 -10.35
N GLY A 74 4.97 3.57 -11.05
CA GLY A 74 5.47 3.70 -12.40
C GLY A 74 4.37 3.99 -13.41
N ARG A 75 4.76 4.23 -14.65
CA ARG A 75 3.80 4.52 -15.71
C ARG A 75 3.35 3.23 -16.40
N ARG A 76 3.61 2.10 -15.76
CA ARG A 76 3.24 0.81 -16.32
C ARG A 76 1.90 0.33 -15.76
N CYS A 77 1.69 0.59 -14.47
CA CYS A 77 0.46 0.18 -13.80
C CYS A 77 -0.75 0.85 -14.46
N VAL A 78 -1.94 0.31 -14.20
CA VAL A 78 -3.17 0.85 -14.77
C VAL A 78 -3.60 2.11 -14.03
N SER A 79 -3.22 2.22 -12.76
CA SER A 79 -3.57 3.38 -11.96
C SER A 79 -3.13 4.66 -12.63
N GLY A 80 -1.87 4.69 -13.09
CA GLY A 80 -1.34 5.87 -13.75
C GLY A 80 -0.10 6.40 -13.07
N GLU A 81 0.76 7.05 -13.85
CA GLU A 81 2.00 7.61 -13.33
C GLU A 81 1.73 8.90 -12.55
N GLY A 82 2.26 8.99 -11.34
CA GLY A 82 2.07 10.17 -10.53
C GLY A 82 2.33 9.91 -9.05
N ASN A 83 1.35 10.21 -8.21
CA ASN A 83 1.47 10.01 -6.78
C ASN A 83 0.10 9.90 -6.12
N PHE A 84 0.00 9.05 -5.10
CA PHE A 84 -1.25 8.85 -4.39
C PHE A 84 -1.09 9.17 -2.91
N GLU A 85 -1.87 10.14 -2.43
CA GLU A 85 -1.82 10.55 -1.03
C GLU A 85 -3.00 9.97 -0.26
N PHE A 86 -2.69 9.26 0.82
CA PHE A 86 -3.72 8.65 1.65
C PHE A 86 -3.93 9.46 2.93
N GLU A 87 -5.19 9.58 3.35
CA GLU A 87 -5.52 10.32 4.56
C GLU A 87 -5.64 9.39 5.76
N THR A 88 -4.59 9.37 6.59
CA THR A 88 -4.56 8.52 7.78
C THR A 88 -3.47 8.95 8.74
N ARG A 89 -3.67 8.65 10.02
CA ARG A 89 -2.68 9.00 11.05
C ARG A 89 -1.67 7.89 11.24
N GLN A 90 -2.11 6.65 11.06
CA GLN A 90 -1.23 5.49 11.22
C GLN A 90 -0.41 5.27 9.96
N GLY A 91 -0.42 6.24 9.06
CA GLY A 91 0.33 6.14 7.82
C GLY A 91 1.66 5.44 8.02
N ASN A 92 2.39 5.84 9.06
CA ASN A 92 3.69 5.24 9.36
C ASN A 92 3.61 3.72 9.37
N GLU A 93 2.70 3.19 10.18
CA GLU A 93 2.52 1.75 10.29
C GLU A 93 2.45 1.11 8.91
N ILE A 94 1.58 1.63 8.05
CA ILE A 94 1.42 1.11 6.71
C ILE A 94 2.77 0.97 6.00
N PHE A 95 3.58 2.02 6.09
CA PHE A 95 4.90 2.02 5.46
C PHE A 95 5.76 0.88 6.02
N LEU A 96 6.09 0.98 7.31
CA LEU A 96 6.91 -0.04 7.96
C LEU A 96 6.56 -1.43 7.45
N ALA A 97 5.26 -1.74 7.41
CA ALA A 97 4.80 -3.04 6.93
C ALA A 97 5.47 -3.40 5.60
N LEU A 98 5.45 -2.47 4.67
CA LEU A 98 6.04 -2.69 3.35
C LEU A 98 7.53 -3.01 3.47
N GLU A 99 8.29 -2.07 4.02
CA GLU A 99 9.72 -2.25 4.19
C GLU A 99 10.02 -3.61 4.85
N GLU A 100 9.33 -3.88 5.95
CA GLU A 100 9.52 -5.14 6.67
C GLU A 100 9.40 -6.34 5.73
N ALA A 101 8.35 -6.32 4.90
CA ALA A 101 8.12 -7.40 3.96
C ALA A 101 9.23 -7.47 2.91
N ILE A 102 9.44 -6.37 2.20
CA ILE A 102 10.47 -6.31 1.17
C ILE A 102 11.81 -6.79 1.72
N SER A 103 12.25 -6.18 2.82
CA SER A 103 13.52 -6.53 3.43
C SER A 103 13.76 -8.04 3.36
N ALA A 104 12.78 -8.81 3.79
CA ALA A 104 12.88 -10.27 3.77
C ALA A 104 13.55 -10.75 2.48
N GLN A 105 13.06 -10.26 1.35
CA GLN A 105 13.62 -10.65 0.05
C GLN A 105 15.13 -10.83 0.14
N LYS A 106 15.79 -9.88 0.78
CA LYS A 106 17.24 -9.94 0.93
C LYS A 106 17.63 -10.52 2.29
N ASN A 107 18.88 -10.96 2.41
CA ASN A 107 19.36 -11.54 3.66
C ASN A 107 18.59 -12.82 4.00
N SER A 108 18.33 -13.63 2.99
CA SER A 108 17.61 -14.88 3.19
C SER A 108 18.53 -16.09 3.05
N GLY A 109 18.13 -17.20 3.64
CA GLY A 109 18.93 -18.41 3.58
C GLY A 109 18.38 -19.52 4.44
N PRO A 110 18.74 -20.77 4.10
CA PRO A 110 18.29 -21.95 4.84
C PRO A 110 18.90 -22.03 6.23
N SER A 111 18.06 -22.24 7.24
CA SER A 111 18.52 -22.34 8.62
C SER A 111 18.83 -23.79 8.99
N SER A 112 19.85 -23.98 9.82
CA SER A 112 20.24 -25.31 10.25
C SER A 112 19.77 -25.59 11.68
N GLY A 113 19.47 -26.84 11.96
CA GLY A 113 19.01 -27.22 13.29
C GLY A 113 19.98 -26.80 14.37
N GLY A 1 -0.40 -22.79 1.20
CA GLY A 1 -1.38 -21.79 0.78
C GLY A 1 -1.63 -20.75 1.84
N SER A 2 -2.60 -19.87 1.57
CA SER A 2 -2.93 -18.79 2.50
C SER A 2 -2.82 -19.28 3.95
N SER A 3 -3.46 -20.41 4.24
CA SER A 3 -3.44 -20.98 5.58
C SER A 3 -3.85 -19.94 6.61
N GLY A 4 -4.85 -19.13 6.27
CA GLY A 4 -5.31 -18.11 7.18
C GLY A 4 -6.34 -17.19 6.55
N SER A 5 -6.67 -16.09 7.23
CA SER A 5 -7.65 -15.15 6.73
C SER A 5 -7.13 -14.42 5.50
N SER A 6 -8.03 -13.77 4.76
CA SER A 6 -7.65 -13.05 3.55
C SER A 6 -6.66 -11.94 3.87
N GLY A 7 -6.95 -11.18 4.93
CA GLY A 7 -6.06 -10.09 5.32
C GLY A 7 -5.68 -10.16 6.80
N HIS A 8 -4.41 -9.93 7.08
CA HIS A 8 -3.92 -9.96 8.45
C HIS A 8 -4.15 -8.63 9.15
N LYS A 9 -3.50 -7.58 8.64
CA LYS A 9 -3.63 -6.25 9.21
C LYS A 9 -4.09 -5.25 8.16
N GLU A 10 -4.99 -4.36 8.54
CA GLU A 10 -5.52 -3.34 7.63
C GLU A 10 -5.44 -1.96 8.25
N PHE A 11 -5.62 -0.93 7.43
CA PHE A 11 -5.59 0.45 7.91
C PHE A 11 -6.61 1.30 7.17
N ALA A 12 -7.60 1.80 7.91
CA ALA A 12 -8.64 2.65 7.33
C ALA A 12 -8.08 3.98 6.87
N VAL A 13 -8.08 4.21 5.56
CA VAL A 13 -7.57 5.45 5.00
C VAL A 13 -8.63 6.16 4.16
N THR A 14 -8.35 7.39 3.77
CA THR A 14 -9.28 8.18 2.97
C THR A 14 -8.59 8.76 1.74
N MET A 15 -9.33 8.85 0.64
CA MET A 15 -8.79 9.39 -0.61
C MET A 15 -8.69 10.91 -0.54
N ARG A 16 -7.50 11.44 -0.77
CA ARG A 16 -7.28 12.88 -0.73
C ARG A 16 -7.28 13.47 -2.14
N PRO A 17 -7.72 14.73 -2.26
CA PRO A 17 -7.78 15.43 -3.54
C PRO A 17 -6.40 15.76 -4.09
N THR A 18 -6.08 15.19 -5.25
CA THR A 18 -4.78 15.41 -5.88
C THR A 18 -4.90 15.37 -7.40
N GLU A 19 -4.05 16.13 -8.08
CA GLU A 19 -4.06 16.18 -9.53
C GLU A 19 -4.42 14.82 -10.12
N ALA A 20 -3.69 13.79 -9.69
CA ALA A 20 -3.93 12.43 -10.17
C ALA A 20 -5.36 11.98 -9.86
N SER A 21 -5.72 12.05 -8.58
CA SER A 21 -7.05 11.64 -8.15
C SER A 21 -8.10 12.00 -9.20
N GLU A 22 -7.93 13.16 -9.82
CA GLU A 22 -8.86 13.62 -10.85
C GLU A 22 -9.04 12.56 -11.94
N ARG A 23 -7.94 12.24 -12.62
CA ARG A 23 -7.96 11.25 -13.69
C ARG A 23 -8.54 9.93 -13.18
N CYS A 24 -8.07 9.49 -12.02
CA CYS A 24 -8.53 8.24 -11.43
C CYS A 24 -10.03 8.32 -11.10
N HIS A 25 -10.49 9.52 -10.77
CA HIS A 25 -11.90 9.72 -10.43
C HIS A 25 -12.29 8.88 -9.21
N LEU A 26 -11.43 8.88 -8.20
CA LEU A 26 -11.69 8.13 -6.98
C LEU A 26 -12.25 9.03 -5.88
N ARG A 27 -13.40 8.63 -5.33
CA ARG A 27 -14.05 9.40 -4.27
C ARG A 27 -14.45 8.50 -3.11
N GLY A 28 -14.23 8.98 -1.89
CA GLY A 28 -14.58 8.21 -0.72
C GLY A 28 -13.35 7.76 0.07
N SER A 29 -13.50 6.68 0.82
CA SER A 29 -12.40 6.15 1.62
C SER A 29 -12.08 4.71 1.23
N TYR A 30 -10.79 4.40 1.16
CA TYR A 30 -10.35 3.05 0.80
C TYR A 30 -9.54 2.43 1.93
N THR A 31 -9.29 1.12 1.82
CA THR A 31 -8.52 0.40 2.82
C THR A 31 -7.14 0.04 2.30
N LEU A 32 -6.11 0.42 3.04
CA LEU A 32 -4.74 0.13 2.66
C LEU A 32 -4.19 -1.06 3.44
N ARG A 33 -3.91 -2.15 2.73
CA ARG A 33 -3.38 -3.35 3.35
C ARG A 33 -2.06 -3.76 2.71
N ALA A 34 -1.01 -3.84 3.52
CA ALA A 34 0.30 -4.22 3.02
C ALA A 34 0.44 -5.74 2.94
N GLY A 35 0.71 -6.24 1.74
CA GLY A 35 0.86 -7.67 1.54
C GLY A 35 2.29 -8.13 1.69
N GLU A 36 2.59 -9.31 1.15
CA GLU A 36 3.94 -9.87 1.23
C GLU A 36 4.71 -9.60 -0.06
N SER A 37 4.04 -9.82 -1.20
CA SER A 37 4.66 -9.61 -2.49
C SER A 37 4.28 -8.24 -3.06
N ALA A 38 2.99 -7.93 -3.03
CA ALA A 38 2.50 -6.65 -3.54
C ALA A 38 1.57 -5.98 -2.53
N LEU A 39 1.16 -4.75 -2.84
CA LEU A 39 0.27 -4.01 -1.97
C LEU A 39 -1.19 -4.41 -2.19
N GLU A 40 -1.98 -4.35 -1.12
CA GLU A 40 -3.39 -4.70 -1.20
C GLU A 40 -4.27 -3.50 -0.90
N LEU A 41 -5.33 -3.34 -1.70
CA LEU A 41 -6.25 -2.22 -1.52
C LEU A 41 -7.67 -2.62 -1.94
N TRP A 42 -8.52 -2.89 -0.95
CA TRP A 42 -9.90 -3.28 -1.21
C TRP A 42 -10.72 -2.09 -1.68
N GLY A 43 -11.66 -2.35 -2.59
CA GLY A 43 -12.50 -1.29 -3.12
C GLY A 43 -13.58 -0.87 -2.14
N GLY A 44 -14.66 -1.63 -2.09
CA GLY A 44 -15.75 -1.33 -1.19
C GLY A 44 -16.30 -2.55 -0.49
N PRO A 45 -17.61 -2.79 -0.65
CA PRO A 45 -18.28 -3.94 -0.03
C PRO A 45 -17.85 -5.28 -0.65
N GLU A 46 -18.47 -6.36 -0.20
CA GLU A 46 -18.15 -7.68 -0.72
C GLU A 46 -18.58 -7.81 -2.18
N PRO A 47 -18.00 -8.80 -2.88
CA PRO A 47 -17.03 -9.73 -2.28
C PRO A 47 -15.70 -9.04 -1.98
N GLY A 48 -15.31 -8.10 -2.83
CA GLY A 48 -14.06 -7.39 -2.63
C GLY A 48 -12.89 -8.09 -3.27
N THR A 49 -12.08 -7.35 -4.01
CA THR A 49 -10.92 -7.91 -4.68
C THR A 49 -9.85 -6.84 -4.92
N GLN A 50 -8.59 -7.27 -4.87
CA GLN A 50 -7.47 -6.34 -5.07
C GLN A 50 -7.29 -6.02 -6.56
N LEU A 51 -7.59 -4.78 -6.93
CA LEU A 51 -7.46 -4.35 -8.31
C LEU A 51 -6.44 -3.24 -8.44
N TYR A 52 -6.23 -2.49 -7.35
CA TYR A 52 -5.28 -1.39 -7.35
C TYR A 52 -3.96 -1.82 -6.70
N ASP A 53 -3.87 -3.10 -6.35
CA ASP A 53 -2.66 -3.65 -5.73
C ASP A 53 -1.43 -3.30 -6.55
N TRP A 54 -0.63 -2.37 -6.06
CA TRP A 54 0.59 -1.95 -6.74
C TRP A 54 1.78 -2.76 -6.28
N PRO A 55 2.51 -3.36 -7.24
CA PRO A 55 3.68 -4.18 -6.95
C PRO A 55 4.86 -3.34 -6.45
N TYR A 56 5.28 -3.61 -5.21
CA TYR A 56 6.39 -2.88 -4.62
C TYR A 56 7.52 -2.68 -5.63
N ARG A 57 7.93 -3.76 -6.26
CA ARG A 57 9.01 -3.71 -7.25
C ARG A 57 8.86 -2.48 -8.14
N PHE A 58 7.63 -2.14 -8.48
CA PHE A 58 7.35 -0.99 -9.32
C PHE A 58 7.57 0.32 -8.55
N LEU A 59 6.92 0.43 -7.40
CA LEU A 59 7.04 1.61 -6.56
C LEU A 59 8.50 1.96 -6.31
N ARG A 60 8.98 2.98 -6.99
CA ARG A 60 10.37 3.42 -6.84
C ARG A 60 10.62 3.97 -5.44
N ARG A 61 9.66 4.73 -4.93
CA ARG A 61 9.78 5.32 -3.60
C ARG A 61 8.40 5.39 -2.92
N PHE A 62 8.39 5.10 -1.62
CA PHE A 62 7.15 5.12 -0.85
C PHE A 62 7.42 5.47 0.60
N GLY A 63 6.38 5.94 1.30
CA GLY A 63 6.53 6.31 2.69
C GLY A 63 5.59 7.42 3.11
N ARG A 64 5.68 7.83 4.37
CA ARG A 64 4.82 8.89 4.89
C ARG A 64 5.66 10.06 5.41
N ASP A 65 5.18 11.28 5.19
CA ASP A 65 5.87 12.47 5.63
C ASP A 65 5.31 12.97 6.95
N LYS A 66 4.06 13.41 6.92
CA LYS A 66 3.40 13.92 8.12
C LYS A 66 1.94 13.47 8.17
N VAL A 67 1.65 12.52 9.06
CA VAL A 67 0.31 12.00 9.22
C VAL A 67 -0.36 11.80 7.86
N THR A 68 0.44 11.46 6.85
CA THR A 68 -0.07 11.24 5.50
C THR A 68 0.72 10.15 4.80
N PHE A 69 0.04 9.38 3.95
CA PHE A 69 0.67 8.30 3.21
C PHE A 69 0.75 8.64 1.72
N SER A 70 1.91 8.37 1.12
CA SER A 70 2.11 8.66 -0.30
C SER A 70 3.17 7.72 -0.89
N PHE A 71 3.09 7.49 -2.20
CA PHE A 71 4.02 6.62 -2.89
C PHE A 71 4.02 6.89 -4.39
N GLU A 72 4.95 6.26 -5.10
CA GLU A 72 5.05 6.43 -6.54
C GLU A 72 4.59 5.18 -7.27
N ALA A 73 3.55 5.33 -8.10
CA ALA A 73 3.02 4.20 -8.86
C ALA A 73 3.79 3.99 -10.15
N GLY A 74 5.00 4.55 -10.20
CA GLY A 74 5.83 4.41 -11.39
C GLY A 74 5.04 4.51 -12.67
N ARG A 75 5.27 3.59 -13.60
CA ARG A 75 4.57 3.59 -14.87
C ARG A 75 4.24 2.17 -15.32
N ARG A 76 3.46 2.05 -16.38
CA ARG A 76 3.05 0.75 -16.90
C ARG A 76 2.21 -0.01 -15.87
N CYS A 77 1.31 0.71 -15.22
CA CYS A 77 0.43 0.11 -14.22
C CYS A 77 -1.03 0.18 -14.65
N VAL A 78 -1.91 -0.43 -13.86
CA VAL A 78 -3.33 -0.43 -14.17
C VAL A 78 -3.96 0.93 -13.87
N SER A 79 -3.44 1.60 -12.85
CA SER A 79 -3.95 2.92 -12.46
C SER A 79 -3.30 4.02 -13.28
N GLY A 80 -1.98 3.90 -13.48
CA GLY A 80 -1.25 4.89 -14.24
C GLY A 80 -0.29 5.69 -13.38
N GLU A 81 0.81 6.14 -13.99
CA GLU A 81 1.81 6.91 -13.27
C GLU A 81 1.19 8.15 -12.63
N GLY A 82 1.55 8.42 -11.38
CA GLY A 82 1.02 9.57 -10.67
C GLY A 82 1.16 9.43 -9.18
N ASN A 83 1.43 10.55 -8.51
CA ASN A 83 1.58 10.57 -7.05
C ASN A 83 0.23 10.51 -6.36
N PHE A 84 0.12 9.67 -5.34
CA PHE A 84 -1.12 9.53 -4.59
C PHE A 84 -0.93 9.94 -3.14
N GLU A 85 -2.04 10.24 -2.46
CA GLU A 85 -1.99 10.65 -1.06
C GLU A 85 -3.24 10.17 -0.31
N PHE A 86 -3.02 9.42 0.76
CA PHE A 86 -4.11 8.90 1.56
C PHE A 86 -4.14 9.56 2.95
N GLU A 87 -5.31 10.08 3.32
CA GLU A 87 -5.48 10.74 4.61
C GLU A 87 -5.57 9.72 5.73
N THR A 88 -4.53 9.66 6.56
CA THR A 88 -4.49 8.73 7.67
C THR A 88 -3.35 9.06 8.63
N ARG A 89 -3.47 8.60 9.87
CA ARG A 89 -2.45 8.85 10.88
C ARG A 89 -1.56 7.63 11.07
N GLN A 90 -2.06 6.47 10.66
CA GLN A 90 -1.31 5.23 10.77
C GLN A 90 -0.31 5.09 9.63
N GLY A 91 -0.13 6.17 8.87
CA GLY A 91 0.79 6.14 7.75
C GLY A 91 2.09 5.42 8.08
N ASN A 92 2.76 5.87 9.13
CA ASN A 92 4.02 5.27 9.55
C ASN A 92 3.90 3.75 9.63
N GLU A 93 2.78 3.28 10.17
CA GLU A 93 2.54 1.84 10.30
C GLU A 93 2.55 1.16 8.93
N ILE A 94 1.77 1.71 8.00
CA ILE A 94 1.69 1.16 6.66
C ILE A 94 3.05 1.17 5.97
N PHE A 95 3.72 2.32 6.03
CA PHE A 95 5.04 2.47 5.41
C PHE A 95 6.00 1.40 5.92
N LEU A 96 6.05 1.24 7.24
CA LEU A 96 6.92 0.24 7.85
C LEU A 96 6.62 -1.16 7.33
N ALA A 97 5.34 -1.52 7.35
CA ALA A 97 4.92 -2.83 6.87
C ALA A 97 5.60 -3.18 5.56
N LEU A 98 5.46 -2.31 4.56
CA LEU A 98 6.05 -2.54 3.25
C LEU A 98 7.53 -2.91 3.38
N GLU A 99 8.30 -2.02 3.99
CA GLU A 99 9.73 -2.26 4.19
C GLU A 99 9.97 -3.60 4.87
N GLU A 100 9.24 -3.84 5.97
CA GLU A 100 9.38 -5.09 6.72
C GLU A 100 9.31 -6.29 5.78
N ALA A 101 8.31 -6.30 4.91
CA ALA A 101 8.12 -7.39 3.97
C ALA A 101 9.29 -7.48 2.99
N ILE A 102 9.52 -6.39 2.26
CA ILE A 102 10.60 -6.33 1.29
C ILE A 102 11.90 -6.86 1.89
N SER A 103 12.23 -6.39 3.09
CA SER A 103 13.44 -6.80 3.78
C SER A 103 13.46 -8.31 3.97
N ALA A 104 12.38 -8.85 4.53
CA ALA A 104 12.27 -10.28 4.77
C ALA A 104 12.53 -11.07 3.49
N GLN A 105 11.69 -10.85 2.49
CA GLN A 105 11.83 -11.55 1.21
C GLN A 105 13.24 -11.40 0.66
N LYS A 106 13.83 -10.23 0.85
CA LYS A 106 15.19 -9.98 0.38
C LYS A 106 16.20 -10.84 1.12
N ASN A 107 16.10 -10.84 2.45
CA ASN A 107 17.01 -11.62 3.28
C ASN A 107 16.93 -13.10 2.93
N SER A 108 18.08 -13.70 2.63
CA SER A 108 18.14 -15.12 2.28
C SER A 108 18.01 -16.00 3.51
N GLY A 109 17.56 -17.22 3.31
CA GLY A 109 17.39 -18.16 4.42
C GLY A 109 16.37 -19.23 4.13
N PRO A 110 15.16 -19.07 4.68
CA PRO A 110 14.07 -20.04 4.48
C PRO A 110 13.53 -20.03 3.06
N SER A 111 13.57 -18.86 2.42
CA SER A 111 13.09 -18.72 1.06
C SER A 111 14.24 -18.78 0.05
N SER A 112 13.93 -19.21 -1.16
CA SER A 112 14.93 -19.33 -2.21
C SER A 112 14.96 -18.07 -3.09
N GLY A 113 13.76 -17.62 -3.48
CA GLY A 113 13.67 -16.43 -4.31
C GLY A 113 14.18 -15.19 -3.61
N GLY A 1 -3.94 -5.34 26.18
CA GLY A 1 -3.45 -5.67 24.85
C GLY A 1 -3.37 -4.48 23.93
N SER A 2 -2.70 -3.42 24.40
CA SER A 2 -2.55 -2.20 23.62
C SER A 2 -1.43 -2.34 22.59
N SER A 3 -0.22 -2.63 23.08
CA SER A 3 0.93 -2.79 22.21
C SER A 3 1.34 -4.25 22.11
N GLY A 4 1.91 -4.63 20.97
CA GLY A 4 2.34 -6.00 20.77
C GLY A 4 1.36 -6.81 19.94
N SER A 5 1.39 -6.61 18.63
CA SER A 5 0.49 -7.32 17.72
C SER A 5 1.27 -7.96 16.58
N SER A 6 1.10 -9.27 16.41
CA SER A 6 1.79 -10.00 15.35
C SER A 6 0.81 -10.43 14.27
N GLY A 7 1.04 -9.96 13.04
CA GLY A 7 0.18 -10.30 11.93
C GLY A 7 0.01 -9.15 10.96
N HIS A 8 -1.23 -8.89 10.56
CA HIS A 8 -1.53 -7.81 9.63
C HIS A 8 -2.50 -6.81 10.24
N LYS A 9 -2.52 -5.60 9.70
CA LYS A 9 -3.40 -4.54 10.19
C LYS A 9 -3.90 -3.68 9.05
N GLU A 10 -5.21 -3.43 9.03
CA GLU A 10 -5.83 -2.62 7.98
C GLU A 10 -5.97 -1.17 8.44
N PHE A 11 -5.59 -0.23 7.57
CA PHE A 11 -5.68 1.19 7.89
C PHE A 11 -6.63 1.90 6.94
N ALA A 12 -7.70 2.45 7.50
CA ALA A 12 -8.70 3.17 6.69
C ALA A 12 -8.13 4.47 6.16
N VAL A 13 -8.29 4.69 4.85
CA VAL A 13 -7.80 5.90 4.21
C VAL A 13 -8.85 6.50 3.28
N THR A 14 -8.73 7.80 3.03
CA THR A 14 -9.67 8.49 2.15
C THR A 14 -8.98 8.98 0.89
N MET A 15 -9.66 8.86 -0.25
CA MET A 15 -9.11 9.30 -1.52
C MET A 15 -8.95 10.82 -1.55
N ARG A 16 -7.72 11.27 -1.76
CA ARG A 16 -7.44 12.70 -1.79
C ARG A 16 -7.22 13.16 -3.24
N PRO A 17 -7.50 14.45 -3.50
CA PRO A 17 -7.35 15.04 -4.83
C PRO A 17 -5.89 15.18 -5.23
N THR A 18 -5.54 14.65 -6.40
CA THR A 18 -4.18 14.72 -6.90
C THR A 18 -4.15 14.68 -8.43
N GLU A 19 -3.00 15.03 -8.99
CA GLU A 19 -2.84 15.03 -10.44
C GLU A 19 -3.14 13.65 -11.04
N ALA A 20 -2.62 12.62 -10.39
CA ALA A 20 -2.83 11.25 -10.83
C ALA A 20 -4.27 10.81 -10.58
N SER A 21 -4.74 10.99 -9.36
CA SER A 21 -6.09 10.61 -8.99
C SER A 21 -7.08 10.96 -10.09
N GLU A 22 -6.82 12.06 -10.79
CA GLU A 22 -7.68 12.51 -11.87
C GLU A 22 -7.90 11.40 -12.88
N ARG A 23 -6.81 10.91 -13.49
CA ARG A 23 -6.88 9.85 -14.48
C ARG A 23 -7.59 8.62 -13.90
N CYS A 24 -7.26 8.29 -12.66
CA CYS A 24 -7.86 7.14 -11.98
C CYS A 24 -9.35 7.33 -11.79
N HIS A 25 -9.75 8.58 -11.51
CA HIS A 25 -11.16 8.91 -11.31
C HIS A 25 -11.69 8.19 -10.07
N LEU A 26 -10.91 8.21 -8.99
CA LEU A 26 -11.31 7.57 -7.74
C LEU A 26 -12.01 8.56 -6.82
N ARG A 27 -13.18 8.19 -6.31
CA ARG A 27 -13.93 9.06 -5.41
C ARG A 27 -14.44 8.27 -4.21
N GLY A 28 -14.26 8.84 -3.01
CA GLY A 28 -14.70 8.17 -1.80
C GLY A 28 -13.54 7.76 -0.91
N SER A 29 -13.62 6.56 -0.35
CA SER A 29 -12.57 6.05 0.53
C SER A 29 -12.38 4.55 0.34
N TYR A 30 -11.15 4.10 0.47
CA TYR A 30 -10.82 2.69 0.30
C TYR A 30 -10.14 2.14 1.55
N THR A 31 -9.84 0.84 1.53
CA THR A 31 -9.19 0.19 2.66
C THR A 31 -7.72 -0.04 2.37
N LEU A 32 -6.87 0.38 3.31
CA LEU A 32 -5.42 0.22 3.15
C LEU A 32 -4.93 -0.98 3.96
N ARG A 33 -3.96 -1.70 3.40
CA ARG A 33 -3.39 -2.87 4.07
C ARG A 33 -1.95 -3.09 3.63
N ALA A 34 -1.26 -3.98 4.34
CA ALA A 34 0.13 -4.29 4.03
C ALA A 34 0.38 -5.79 4.07
N GLY A 35 0.48 -6.42 2.90
CA GLY A 35 0.72 -7.84 2.83
C GLY A 35 2.16 -8.20 3.11
N GLU A 36 2.65 -9.25 2.45
CA GLU A 36 4.03 -9.70 2.63
C GLU A 36 4.81 -9.59 1.32
N SER A 37 4.09 -9.72 0.20
CA SER A 37 4.73 -9.64 -1.11
C SER A 37 4.27 -8.40 -1.85
N ALA A 38 3.04 -7.99 -1.61
CA ALA A 38 2.48 -6.81 -2.25
C ALA A 38 1.52 -6.06 -1.33
N LEU A 39 1.06 -4.90 -1.77
CA LEU A 39 0.14 -4.09 -0.97
C LEU A 39 -1.30 -4.58 -1.13
N GLU A 40 -2.09 -4.42 -0.09
CA GLU A 40 -3.49 -4.84 -0.12
C GLU A 40 -4.42 -3.63 -0.02
N LEU A 41 -5.31 -3.51 -1.00
CA LEU A 41 -6.27 -2.41 -1.02
C LEU A 41 -7.65 -2.88 -1.44
N TRP A 42 -8.55 -3.02 -0.47
CA TRP A 42 -9.91 -3.48 -0.73
C TRP A 42 -10.78 -2.31 -1.19
N GLY A 43 -11.59 -2.55 -2.23
CA GLY A 43 -12.46 -1.51 -2.73
C GLY A 43 -13.54 -1.14 -1.75
N GLY A 44 -14.39 -2.10 -1.40
CA GLY A 44 -15.48 -1.84 -0.47
C GLY A 44 -16.13 -3.11 0.02
N PRO A 45 -17.46 -3.21 -0.16
CA PRO A 45 -18.23 -4.38 0.26
C PRO A 45 -17.92 -5.61 -0.58
N GLU A 46 -18.62 -6.71 -0.28
CA GLU A 46 -18.42 -7.96 -1.01
C GLU A 46 -18.55 -7.74 -2.52
N PRO A 47 -17.84 -8.58 -3.29
CA PRO A 47 -16.99 -9.64 -2.75
C PRO A 47 -15.75 -9.08 -2.06
N GLY A 48 -15.24 -7.96 -2.57
CA GLY A 48 -14.06 -7.35 -1.98
C GLY A 48 -12.80 -8.14 -2.29
N THR A 49 -11.98 -7.61 -3.19
CA THR A 49 -10.74 -8.27 -3.57
C THR A 49 -9.62 -7.24 -3.77
N GLN A 50 -8.41 -7.74 -4.01
CA GLN A 50 -7.26 -6.87 -4.22
C GLN A 50 -6.98 -6.69 -5.71
N LEU A 51 -7.29 -5.52 -6.23
CA LEU A 51 -7.07 -5.23 -7.64
C LEU A 51 -6.05 -4.11 -7.81
N TYR A 52 -5.86 -3.32 -6.76
CA TYR A 52 -4.91 -2.22 -6.79
C TYR A 52 -3.63 -2.58 -6.04
N ASP A 53 -3.56 -3.82 -5.57
CA ASP A 53 -2.39 -4.29 -4.84
C ASP A 53 -1.11 -4.02 -5.62
N TRP A 54 -0.35 -3.04 -5.18
CA TRP A 54 0.90 -2.68 -5.83
C TRP A 54 2.09 -3.40 -5.20
N PRO A 55 2.86 -4.13 -6.02
CA PRO A 55 4.02 -4.88 -5.55
C PRO A 55 5.17 -3.96 -5.13
N TYR A 56 5.55 -4.04 -3.86
CA TYR A 56 6.63 -3.22 -3.34
C TYR A 56 7.83 -3.23 -4.27
N ARG A 57 8.27 -4.43 -4.66
CA ARG A 57 9.41 -4.58 -5.55
C ARG A 57 9.38 -3.52 -6.65
N PHE A 58 8.18 -3.19 -7.11
CA PHE A 58 8.02 -2.19 -8.16
C PHE A 58 8.20 -0.78 -7.61
N LEU A 59 7.65 -0.54 -6.43
CA LEU A 59 7.75 0.77 -5.79
C LEU A 59 9.21 1.22 -5.71
N ARG A 60 9.54 2.28 -6.43
CA ARG A 60 10.89 2.81 -6.45
C ARG A 60 11.21 3.50 -5.12
N ARG A 61 10.33 4.42 -4.72
CA ARG A 61 10.52 5.16 -3.47
C ARG A 61 9.18 5.47 -2.82
N PHE A 62 9.21 5.73 -1.51
CA PHE A 62 8.00 6.04 -0.76
C PHE A 62 8.33 6.65 0.59
N GLY A 63 7.32 7.20 1.26
CA GLY A 63 7.53 7.80 2.56
C GLY A 63 6.24 8.28 3.19
N ARG A 64 5.90 7.71 4.35
CA ARG A 64 4.68 8.09 5.05
C ARG A 64 4.89 9.35 5.88
N ASP A 65 3.79 9.94 6.33
CA ASP A 65 3.85 11.16 7.13
C ASP A 65 2.67 11.25 8.09
N LYS A 66 2.97 11.45 9.36
CA LYS A 66 1.94 11.54 10.38
C LYS A 66 0.72 12.30 9.86
N VAL A 67 0.97 13.18 8.89
CA VAL A 67 -0.11 13.97 8.30
C VAL A 67 -0.85 13.19 7.22
N THR A 68 -0.07 12.60 6.30
CA THR A 68 -0.65 11.82 5.22
C THR A 68 0.36 10.83 4.65
N PHE A 69 -0.13 9.66 4.25
CA PHE A 69 0.73 8.63 3.69
C PHE A 69 0.79 8.72 2.16
N SER A 70 1.95 8.41 1.60
CA SER A 70 2.13 8.47 0.15
C SER A 70 3.25 7.52 -0.29
N PHE A 71 3.28 7.23 -1.59
CA PHE A 71 4.29 6.33 -2.14
C PHE A 71 4.40 6.51 -3.65
N GLU A 72 5.55 6.12 -4.20
CA GLU A 72 5.79 6.24 -5.63
C GLU A 72 5.64 4.89 -6.33
N ALA A 73 4.75 4.83 -7.31
CA ALA A 73 4.51 3.60 -8.05
C ALA A 73 5.30 3.59 -9.36
N GLY A 74 5.45 2.40 -9.94
CA GLY A 74 6.19 2.27 -11.18
C GLY A 74 5.28 2.07 -12.37
N ARG A 75 5.87 2.01 -13.56
CA ARG A 75 5.10 1.82 -14.78
C ARG A 75 4.54 0.41 -14.87
N ARG A 76 3.77 0.13 -15.91
CA ARG A 76 3.17 -1.19 -16.10
C ARG A 76 2.21 -1.52 -14.96
N CYS A 77 1.43 -0.52 -14.54
CA CYS A 77 0.48 -0.71 -13.46
C CYS A 77 -0.94 -0.37 -13.92
N VAL A 78 -1.91 -0.63 -13.05
CA VAL A 78 -3.31 -0.35 -13.36
C VAL A 78 -3.73 1.02 -12.87
N SER A 79 -3.17 1.42 -11.72
CA SER A 79 -3.49 2.72 -11.13
C SER A 79 -2.83 3.85 -11.92
N GLY A 80 -1.76 3.53 -12.62
CA GLY A 80 -1.05 4.52 -13.41
C GLY A 80 0.13 5.12 -12.67
N GLU A 81 1.28 5.15 -13.31
CA GLU A 81 2.49 5.69 -12.70
C GLU A 81 2.26 7.13 -12.24
N GLY A 82 2.65 7.42 -11.00
CA GLY A 82 2.48 8.75 -10.46
C GLY A 82 2.50 8.77 -8.95
N ASN A 83 2.17 9.92 -8.37
CA ASN A 83 2.16 10.07 -6.91
C ASN A 83 0.75 9.85 -6.35
N PHE A 84 0.67 9.22 -5.19
CA PHE A 84 -0.61 8.95 -4.55
C PHE A 84 -0.61 9.45 -3.11
N GLU A 85 -1.81 9.74 -2.59
CA GLU A 85 -1.94 10.22 -1.23
C GLU A 85 -3.12 9.56 -0.54
N PHE A 86 -2.90 9.07 0.69
CA PHE A 86 -3.94 8.42 1.45
C PHE A 86 -4.10 9.06 2.83
N GLU A 87 -5.31 9.52 3.14
CA GLU A 87 -5.59 10.15 4.41
C GLU A 87 -5.45 9.16 5.56
N THR A 88 -4.42 9.35 6.38
CA THR A 88 -4.17 8.46 7.51
C THR A 88 -3.12 9.05 8.44
N ARG A 89 -3.12 8.59 9.69
CA ARG A 89 -2.16 9.07 10.68
C ARG A 89 -1.21 7.96 11.10
N GLN A 90 -1.68 6.72 10.99
CA GLN A 90 -0.87 5.56 11.36
C GLN A 90 0.04 5.13 10.21
N GLY A 91 0.21 6.03 9.25
CA GLY A 91 1.06 5.72 8.10
C GLY A 91 2.33 4.99 8.49
N ASN A 92 2.90 5.38 9.63
CA ASN A 92 4.13 4.77 10.11
C ASN A 92 4.04 3.24 10.05
N GLU A 93 2.93 2.70 10.55
CA GLU A 93 2.72 1.26 10.53
C GLU A 93 2.84 0.70 9.12
N ILE A 94 1.99 1.19 8.22
CA ILE A 94 2.00 0.74 6.84
C ILE A 94 3.40 0.80 6.25
N PHE A 95 4.01 1.98 6.30
CA PHE A 95 5.36 2.16 5.77
C PHE A 95 6.30 1.07 6.29
N LEU A 96 6.23 0.82 7.59
CA LEU A 96 7.08 -0.19 8.22
C LEU A 96 6.73 -1.58 7.71
N ALA A 97 5.43 -1.86 7.60
CA ALA A 97 4.96 -3.16 7.13
C ALA A 97 5.48 -3.44 5.72
N LEU A 98 5.51 -2.42 4.89
CA LEU A 98 5.98 -2.55 3.52
C LEU A 98 7.47 -2.88 3.49
N GLU A 99 8.27 -2.08 4.18
CA GLU A 99 9.71 -2.29 4.23
C GLU A 99 10.03 -3.73 4.59
N GLU A 100 9.66 -4.13 5.80
CA GLU A 100 9.91 -5.49 6.26
C GLU A 100 9.68 -6.51 5.15
N ALA A 101 8.54 -6.38 4.47
CA ALA A 101 8.19 -7.29 3.39
C ALA A 101 9.24 -7.23 2.28
N ILE A 102 9.62 -6.01 1.90
CA ILE A 102 10.61 -5.81 0.85
C ILE A 102 11.96 -6.41 1.24
N SER A 103 12.36 -6.18 2.49
CA SER A 103 13.63 -6.69 2.99
C SER A 103 13.59 -8.22 3.10
N ALA A 104 12.46 -8.75 3.54
CA ALA A 104 12.29 -10.18 3.70
C ALA A 104 12.37 -10.89 2.34
N GLN A 105 11.51 -10.49 1.42
CA GLN A 105 11.48 -11.09 0.10
C GLN A 105 12.85 -11.01 -0.56
N LYS A 106 13.47 -9.84 -0.49
CA LYS A 106 14.79 -9.63 -1.09
C LYS A 106 15.66 -10.87 -0.93
N ASN A 107 15.74 -11.38 0.30
CA ASN A 107 16.54 -12.57 0.58
C ASN A 107 15.87 -13.44 1.64
N SER A 108 15.95 -14.75 1.47
CA SER A 108 15.35 -15.69 2.41
C SER A 108 15.73 -15.33 3.85
N GLY A 109 17.01 -15.04 4.06
CA GLY A 109 17.48 -14.69 5.39
C GLY A 109 17.75 -13.20 5.53
N PRO A 110 16.73 -12.45 5.98
CA PRO A 110 16.84 -11.00 6.18
C PRO A 110 17.76 -10.63 7.34
N SER A 111 18.14 -9.37 7.41
CA SER A 111 19.01 -8.89 8.47
C SER A 111 18.47 -9.29 9.84
N SER A 112 17.17 -9.11 10.03
CA SER A 112 16.52 -9.44 11.30
C SER A 112 15.98 -10.86 11.26
N GLY A 113 15.56 -11.36 12.43
CA GLY A 113 15.02 -12.70 12.51
C GLY A 113 15.92 -13.72 11.87
N GLY A 1 -0.17 -19.52 23.73
CA GLY A 1 0.82 -20.41 23.13
C GLY A 1 0.24 -21.25 22.01
N SER A 2 -0.12 -22.49 22.31
CA SER A 2 -0.68 -23.38 21.30
C SER A 2 -2.11 -22.99 20.96
N SER A 3 -2.89 -22.67 21.98
CA SER A 3 -4.28 -22.28 21.78
C SER A 3 -4.41 -20.75 21.68
N GLY A 4 -5.28 -20.31 20.77
CA GLY A 4 -5.48 -18.89 20.58
C GLY A 4 -5.81 -18.53 19.14
N SER A 5 -5.75 -17.25 18.81
CA SER A 5 -6.05 -16.79 17.46
C SER A 5 -5.50 -15.37 17.24
N SER A 6 -5.22 -15.05 15.99
CA SER A 6 -4.70 -13.73 15.64
C SER A 6 -5.79 -12.85 15.04
N GLY A 7 -5.65 -11.54 15.24
CA GLY A 7 -6.63 -10.61 14.72
C GLY A 7 -6.35 -10.21 13.28
N HIS A 8 -7.24 -9.40 12.72
CA HIS A 8 -7.08 -8.95 11.34
C HIS A 8 -6.10 -7.78 11.26
N LYS A 9 -5.72 -7.42 10.03
CA LYS A 9 -4.79 -6.31 9.82
C LYS A 9 -5.28 -5.41 8.69
N GLU A 10 -5.46 -4.13 9.01
CA GLU A 10 -5.92 -3.15 8.02
C GLU A 10 -5.77 -1.73 8.56
N PHE A 11 -5.85 -0.76 7.66
CA PHE A 11 -5.73 0.65 8.03
C PHE A 11 -6.69 1.51 7.23
N ALA A 12 -7.65 2.11 7.92
CA ALA A 12 -8.64 2.98 7.27
C ALA A 12 -7.99 4.28 6.79
N VAL A 13 -7.99 4.49 5.48
CA VAL A 13 -7.42 5.70 4.91
C VAL A 13 -8.45 6.46 4.08
N THR A 14 -8.10 7.68 3.69
CA THR A 14 -9.00 8.51 2.90
C THR A 14 -8.29 9.04 1.64
N MET A 15 -9.01 9.05 0.53
CA MET A 15 -8.46 9.53 -0.73
C MET A 15 -8.30 11.05 -0.72
N ARG A 16 -7.22 11.52 -1.33
CA ARG A 16 -6.95 12.96 -1.38
C ARG A 16 -6.81 13.43 -2.82
N PRO A 17 -7.07 14.73 -3.05
CA PRO A 17 -6.97 15.33 -4.38
C PRO A 17 -5.54 15.42 -4.88
N THR A 18 -5.21 14.65 -5.90
CA THR A 18 -3.87 14.64 -6.46
C THR A 18 -3.91 14.81 -7.98
N GLU A 19 -2.73 14.89 -8.60
CA GLU A 19 -2.64 15.06 -10.04
C GLU A 19 -3.05 13.77 -10.76
N ALA A 20 -2.91 12.64 -10.07
CA ALA A 20 -3.26 11.36 -10.64
C ALA A 20 -4.74 11.04 -10.39
N SER A 21 -5.20 11.34 -9.18
CA SER A 21 -6.59 11.08 -8.81
C SER A 21 -7.54 11.44 -9.95
N GLU A 22 -7.17 12.46 -10.71
CA GLU A 22 -7.98 12.91 -11.84
C GLU A 22 -8.25 11.76 -12.80
N ARG A 23 -7.22 10.98 -13.09
CA ARG A 23 -7.35 9.85 -14.00
C ARG A 23 -8.05 8.68 -13.32
N CYS A 24 -7.55 8.30 -12.15
CA CYS A 24 -8.12 7.18 -11.40
C CYS A 24 -9.58 7.47 -11.05
N HIS A 25 -9.93 8.75 -10.95
CA HIS A 25 -11.29 9.15 -10.62
C HIS A 25 -11.75 8.50 -9.32
N LEU A 26 -10.89 8.52 -8.31
CA LEU A 26 -11.19 7.93 -7.01
C LEU A 26 -11.83 8.96 -6.09
N ARG A 27 -12.90 8.56 -5.41
CA ARG A 27 -13.60 9.44 -4.49
C ARG A 27 -14.15 8.67 -3.29
N GLY A 28 -13.93 9.22 -2.09
CA GLY A 28 -14.39 8.57 -0.89
C GLY A 28 -13.26 8.12 0.01
N SER A 29 -13.20 6.82 0.29
CA SER A 29 -12.15 6.28 1.14
C SER A 29 -11.91 4.80 0.83
N TYR A 30 -10.65 4.39 0.89
CA TYR A 30 -10.28 3.01 0.61
C TYR A 30 -9.63 2.36 1.82
N THR A 31 -9.27 1.09 1.69
CA THR A 31 -8.63 0.35 2.77
C THR A 31 -7.22 -0.09 2.39
N LEU A 32 -6.26 0.23 3.25
CA LEU A 32 -4.87 -0.11 3.02
C LEU A 32 -4.48 -1.36 3.80
N ARG A 33 -3.66 -2.22 3.19
CA ARG A 33 -3.22 -3.44 3.84
C ARG A 33 -1.88 -3.89 3.27
N ALA A 34 -0.98 -4.33 4.16
CA ALA A 34 0.34 -4.79 3.75
C ALA A 34 0.34 -6.30 3.50
N GLY A 35 0.86 -6.71 2.34
CA GLY A 35 0.91 -8.13 2.02
C GLY A 35 2.27 -8.74 2.32
N GLU A 36 2.54 -9.88 1.69
CA GLU A 36 3.81 -10.57 1.89
C GLU A 36 4.80 -10.22 0.79
N SER A 37 4.33 -10.21 -0.44
CA SER A 37 5.18 -9.90 -1.59
C SER A 37 4.73 -8.61 -2.26
N ALA A 38 3.45 -8.29 -2.11
CA ALA A 38 2.89 -7.07 -2.70
C ALA A 38 1.90 -6.41 -1.75
N LEU A 39 1.44 -5.22 -2.12
CA LEU A 39 0.49 -4.48 -1.31
C LEU A 39 -0.93 -4.95 -1.55
N GLU A 40 -1.78 -4.83 -0.54
CA GLU A 40 -3.17 -5.25 -0.64
C GLU A 40 -4.12 -4.11 -0.31
N LEU A 41 -4.99 -3.78 -1.26
CA LEU A 41 -5.95 -2.69 -1.07
C LEU A 41 -7.36 -3.15 -1.42
N TRP A 42 -8.34 -2.73 -0.61
CA TRP A 42 -9.73 -3.09 -0.84
C TRP A 42 -10.56 -1.87 -1.23
N GLY A 43 -11.48 -2.05 -2.16
CA GLY A 43 -12.32 -0.96 -2.61
C GLY A 43 -13.17 -0.40 -1.49
N GLY A 44 -14.11 -1.20 -0.98
CA GLY A 44 -14.98 -0.76 0.09
C GLY A 44 -16.10 -1.73 0.37
N PRO A 45 -16.92 -2.01 -0.64
CA PRO A 45 -18.05 -2.94 -0.52
C PRO A 45 -17.59 -4.39 -0.36
N GLU A 46 -18.51 -5.26 0.04
CA GLU A 46 -18.20 -6.67 0.22
C GLU A 46 -18.83 -7.51 -0.89
N PRO A 47 -18.18 -8.65 -1.20
CA PRO A 47 -16.96 -9.08 -0.53
C PRO A 47 -15.77 -8.20 -0.88
N GLY A 48 -15.55 -7.99 -2.18
CA GLY A 48 -14.45 -7.17 -2.62
C GLY A 48 -13.20 -7.99 -2.94
N THR A 49 -12.15 -7.31 -3.39
CA THR A 49 -10.90 -7.98 -3.73
C THR A 49 -9.77 -6.98 -3.92
N GLN A 50 -8.55 -7.47 -3.96
CA GLN A 50 -7.38 -6.62 -4.14
C GLN A 50 -7.08 -6.40 -5.62
N LEU A 51 -7.35 -5.19 -6.11
CA LEU A 51 -7.11 -4.86 -7.51
C LEU A 51 -6.07 -3.76 -7.63
N TYR A 52 -5.90 -2.98 -6.57
CA TYR A 52 -4.94 -1.89 -6.56
C TYR A 52 -3.59 -2.35 -5.99
N ASP A 53 -3.51 -3.65 -5.68
CA ASP A 53 -2.28 -4.21 -5.13
C ASP A 53 -1.08 -3.86 -6.00
N TRP A 54 -0.22 -2.98 -5.49
CA TRP A 54 0.96 -2.56 -6.22
C TRP A 54 2.19 -3.36 -5.77
N PRO A 55 2.88 -3.98 -6.74
CA PRO A 55 4.08 -4.78 -6.49
C PRO A 55 5.26 -3.92 -6.05
N TYR A 56 5.52 -3.91 -4.75
CA TYR A 56 6.63 -3.13 -4.22
C TYR A 56 7.81 -3.10 -5.19
N ARG A 57 8.27 -4.29 -5.57
CA ARG A 57 9.39 -4.41 -6.49
C ARG A 57 9.37 -3.28 -7.53
N PHE A 58 8.20 -3.05 -8.11
CA PHE A 58 8.03 -2.00 -9.11
C PHE A 58 8.17 -0.62 -8.48
N LEU A 59 7.57 -0.45 -7.31
CA LEU A 59 7.63 0.83 -6.60
C LEU A 59 9.06 1.32 -6.46
N ARG A 60 9.36 2.46 -7.08
CA ARG A 60 10.70 3.04 -7.03
C ARG A 60 11.03 3.50 -5.61
N ARG A 61 10.18 4.38 -5.08
CA ARG A 61 10.39 4.91 -3.73
C ARG A 61 9.07 5.35 -3.11
N PHE A 62 9.00 5.32 -1.79
CA PHE A 62 7.79 5.71 -1.08
C PHE A 62 8.13 6.27 0.31
N GLY A 63 7.23 7.07 0.85
CA GLY A 63 7.44 7.65 2.16
C GLY A 63 6.20 7.63 3.03
N ARG A 64 6.35 8.03 4.28
CA ARG A 64 5.23 8.05 5.22
C ARG A 64 5.24 9.32 6.05
N ASP A 65 4.06 9.91 6.25
CA ASP A 65 3.93 11.13 7.03
C ASP A 65 3.15 10.88 8.31
N LYS A 66 3.01 11.92 9.13
CA LYS A 66 2.28 11.80 10.39
C LYS A 66 0.85 11.34 10.16
N VAL A 67 0.09 12.12 9.40
CA VAL A 67 -1.29 11.79 9.11
C VAL A 67 -1.50 11.58 7.61
N THR A 68 -0.40 11.36 6.89
CA THR A 68 -0.47 11.15 5.45
C THR A 68 0.46 10.01 5.02
N PHE A 69 0.11 9.36 3.92
CA PHE A 69 0.91 8.25 3.40
C PHE A 69 0.81 8.17 1.88
N SER A 70 1.94 8.35 1.22
CA SER A 70 1.99 8.30 -0.24
C SER A 70 3.11 7.39 -0.73
N PHE A 71 3.13 7.13 -2.03
CA PHE A 71 4.16 6.27 -2.61
C PHE A 71 4.29 6.53 -4.11
N GLU A 72 5.38 6.05 -4.70
CA GLU A 72 5.62 6.23 -6.13
C GLU A 72 5.38 4.93 -6.89
N ALA A 73 4.39 4.95 -7.77
CA ALA A 73 4.05 3.77 -8.57
C ALA A 73 4.27 4.04 -10.06
N GLY A 74 4.74 3.02 -10.77
CA GLY A 74 4.98 3.17 -12.19
C GLY A 74 3.71 3.35 -12.98
N ARG A 75 3.77 3.11 -14.28
CA ARG A 75 2.61 3.25 -15.15
C ARG A 75 1.93 1.91 -15.39
N ARG A 76 2.74 0.88 -15.59
CA ARG A 76 2.21 -0.47 -15.83
C ARG A 76 0.93 -0.70 -15.03
N CYS A 77 0.96 -0.31 -13.76
CA CYS A 77 -0.21 -0.48 -12.89
C CYS A 77 -1.46 0.11 -13.54
N VAL A 78 -2.57 -0.59 -13.42
CA VAL A 78 -3.83 -0.14 -13.99
C VAL A 78 -4.23 1.22 -13.42
N SER A 79 -3.85 1.47 -12.18
CA SER A 79 -4.17 2.73 -11.52
C SER A 79 -3.53 3.90 -12.25
N GLY A 80 -2.29 3.71 -12.69
CA GLY A 80 -1.58 4.76 -13.40
C GLY A 80 -0.33 5.22 -12.66
N GLU A 81 0.50 6.00 -13.34
CA GLU A 81 1.73 6.50 -12.73
C GLU A 81 1.49 7.84 -12.04
N GLY A 82 2.17 8.06 -10.93
CA GLY A 82 2.01 9.30 -10.19
C GLY A 82 2.15 9.11 -8.70
N ASN A 83 1.82 10.15 -7.94
CA ASN A 83 1.90 10.09 -6.48
C ASN A 83 0.52 9.99 -5.86
N PHE A 84 0.28 8.90 -5.12
CA PHE A 84 -1.01 8.69 -4.47
C PHE A 84 -0.93 9.02 -2.99
N GLU A 85 -1.44 10.18 -2.61
CA GLU A 85 -1.42 10.63 -1.23
C GLU A 85 -2.66 10.14 -0.49
N PHE A 86 -2.46 9.35 0.56
CA PHE A 86 -3.56 8.82 1.34
C PHE A 86 -3.62 9.47 2.73
N GLU A 87 -4.75 10.08 3.04
CA GLU A 87 -4.93 10.74 4.34
C GLU A 87 -5.27 9.73 5.42
N THR A 88 -4.31 9.46 6.30
CA THR A 88 -4.50 8.51 7.39
C THR A 88 -3.56 8.79 8.55
N ARG A 89 -3.98 8.42 9.75
CA ARG A 89 -3.17 8.64 10.95
C ARG A 89 -2.15 7.51 11.13
N GLN A 90 -2.57 6.29 10.79
CA GLN A 90 -1.71 5.12 10.92
C GLN A 90 -0.75 5.02 9.73
N GLY A 91 -0.67 6.09 8.96
CA GLY A 91 0.21 6.10 7.80
C GLY A 91 1.52 5.39 8.06
N ASN A 92 2.26 5.87 9.06
CA ASN A 92 3.55 5.27 9.41
C ASN A 92 3.46 3.75 9.41
N GLU A 93 2.42 3.22 10.02
CA GLU A 93 2.22 1.78 10.09
C GLU A 93 2.13 1.18 8.70
N ILE A 94 1.16 1.64 7.91
CA ILE A 94 0.97 1.15 6.55
C ILE A 94 2.28 1.11 5.79
N PHE A 95 3.13 2.11 6.01
CA PHE A 95 4.42 2.19 5.35
C PHE A 95 5.39 1.16 5.93
N LEU A 96 5.63 1.24 7.23
CA LEU A 96 6.52 0.32 7.91
C LEU A 96 6.23 -1.12 7.51
N ALA A 97 4.95 -1.47 7.45
CA ALA A 97 4.52 -2.81 7.08
C ALA A 97 5.17 -3.24 5.76
N LEU A 98 5.16 -2.34 4.79
CA LEU A 98 5.74 -2.62 3.48
C LEU A 98 7.22 -2.97 3.60
N GLU A 99 7.96 -2.13 4.33
CA GLU A 99 9.39 -2.36 4.53
C GLU A 99 9.65 -3.72 5.15
N GLU A 100 8.89 -4.03 6.20
CA GLU A 100 9.04 -5.31 6.89
C GLU A 100 9.10 -6.46 5.89
N ALA A 101 8.27 -6.39 4.86
CA ALA A 101 8.22 -7.43 3.84
C ALA A 101 9.29 -7.20 2.79
N ILE A 102 9.27 -6.03 2.18
CA ILE A 102 10.25 -5.69 1.14
C ILE A 102 11.66 -6.11 1.55
N SER A 103 11.95 -6.00 2.85
CA SER A 103 13.25 -6.37 3.38
C SER A 103 13.47 -7.88 3.31
N ALA A 104 12.40 -8.63 3.56
CA ALA A 104 12.47 -10.08 3.53
C ALA A 104 12.77 -10.58 2.12
N GLN A 105 11.96 -10.16 1.16
CA GLN A 105 12.14 -10.57 -0.23
C GLN A 105 13.51 -10.18 -0.74
N LYS A 106 13.94 -8.96 -0.39
CA LYS A 106 15.24 -8.46 -0.82
C LYS A 106 16.36 -9.29 -0.21
N ASN A 107 17.46 -9.43 -0.95
CA ASN A 107 18.61 -10.20 -0.50
C ASN A 107 19.88 -9.74 -1.18
N SER A 108 21.02 -10.02 -0.55
CA SER A 108 22.31 -9.63 -1.10
C SER A 108 22.95 -10.78 -1.88
N GLY A 109 23.71 -10.44 -2.91
CA GLY A 109 24.35 -11.46 -3.71
C GLY A 109 25.73 -11.82 -3.19
N PRO A 110 26.77 -11.18 -3.73
CA PRO A 110 28.15 -11.43 -3.32
C PRO A 110 28.45 -10.92 -1.91
N SER A 111 28.16 -11.76 -0.92
CA SER A 111 28.40 -11.39 0.47
C SER A 111 29.75 -11.90 0.96
N SER A 112 30.69 -10.99 1.13
CA SER A 112 32.03 -11.34 1.59
C SER A 112 32.23 -10.95 3.05
N GLY A 113 32.51 -11.95 3.89
CA GLY A 113 32.71 -11.68 5.29
C GLY A 113 33.50 -12.79 5.98
N GLY A 1 8.36 -8.48 20.36
CA GLY A 1 7.93 -8.78 21.71
C GLY A 1 6.42 -8.76 21.85
N SER A 2 5.83 -7.58 21.76
CA SER A 2 4.38 -7.43 21.88
C SER A 2 3.67 -8.02 20.67
N SER A 3 2.62 -8.78 20.92
CA SER A 3 1.86 -9.41 19.84
C SER A 3 0.87 -8.41 19.22
N GLY A 4 0.69 -8.50 17.91
CA GLY A 4 -0.21 -7.60 17.22
C GLY A 4 0.46 -6.87 16.07
N SER A 5 1.17 -5.80 16.40
CA SER A 5 1.86 -5.00 15.38
C SER A 5 2.40 -5.89 14.28
N SER A 6 3.12 -6.95 14.67
CA SER A 6 3.70 -7.87 13.71
C SER A 6 2.62 -8.73 13.06
N GLY A 7 2.79 -9.00 11.77
CA GLY A 7 1.83 -9.81 11.05
C GLY A 7 1.06 -9.00 10.01
N HIS A 8 -0.22 -9.32 9.84
CA HIS A 8 -1.06 -8.62 8.87
C HIS A 8 -2.08 -7.74 9.57
N LYS A 9 -2.16 -6.48 9.16
CA LYS A 9 -3.10 -5.53 9.75
C LYS A 9 -3.60 -4.55 8.70
N GLU A 10 -4.87 -4.17 8.82
CA GLU A 10 -5.48 -3.23 7.88
C GLU A 10 -5.45 -1.81 8.44
N PHE A 11 -5.68 -0.84 7.56
CA PHE A 11 -5.67 0.57 7.96
C PHE A 11 -6.65 1.38 7.10
N ALA A 12 -7.55 2.09 7.76
CA ALA A 12 -8.54 2.90 7.06
C ALA A 12 -7.93 4.22 6.60
N VAL A 13 -8.10 4.53 5.32
CA VAL A 13 -7.57 5.76 4.75
C VAL A 13 -8.59 6.43 3.83
N THR A 14 -8.47 7.74 3.67
CA THR A 14 -9.38 8.50 2.82
C THR A 14 -8.65 9.07 1.61
N MET A 15 -8.98 8.56 0.43
CA MET A 15 -8.36 9.02 -0.80
C MET A 15 -8.47 10.55 -0.93
N ARG A 16 -7.39 11.18 -1.39
CA ARG A 16 -7.38 12.63 -1.55
C ARG A 16 -7.51 13.00 -3.03
N PRO A 17 -8.07 14.19 -3.28
CA PRO A 17 -8.26 14.70 -4.64
C PRO A 17 -6.96 15.07 -5.32
N THR A 18 -6.48 14.18 -6.19
CA THR A 18 -5.23 14.41 -6.91
C THR A 18 -5.45 14.40 -8.42
N GLU A 19 -4.38 14.64 -9.17
CA GLU A 19 -4.46 14.66 -10.63
C GLU A 19 -4.83 13.28 -11.17
N ALA A 20 -4.30 12.24 -10.53
CA ALA A 20 -4.57 10.87 -10.94
C ALA A 20 -5.82 10.33 -10.27
N SER A 21 -5.98 10.63 -8.98
CA SER A 21 -7.14 10.18 -8.22
C SER A 21 -8.39 10.14 -9.10
N GLU A 22 -8.61 11.22 -9.86
CA GLU A 22 -9.76 11.30 -10.73
C GLU A 22 -9.78 10.15 -11.73
N ARG A 23 -8.70 10.00 -12.48
CA ARG A 23 -8.58 8.94 -13.47
C ARG A 23 -8.71 7.56 -12.81
N CYS A 24 -8.04 7.40 -11.68
CA CYS A 24 -8.08 6.13 -10.96
C CYS A 24 -9.48 5.84 -10.44
N HIS A 25 -10.23 6.91 -10.17
CA HIS A 25 -11.59 6.76 -9.65
C HIS A 25 -11.59 6.18 -8.25
N LEU A 26 -10.73 6.72 -7.39
CA LEU A 26 -10.63 6.26 -6.01
C LEU A 26 -11.31 7.23 -5.06
N ARG A 27 -12.18 8.09 -5.60
CA ARG A 27 -12.89 9.07 -4.80
C ARG A 27 -13.73 8.39 -3.73
N GLY A 28 -13.59 8.85 -2.49
CA GLY A 28 -14.34 8.28 -1.39
C GLY A 28 -13.44 7.76 -0.28
N SER A 29 -13.53 6.47 0.00
CA SER A 29 -12.72 5.86 1.05
C SER A 29 -12.34 4.42 0.68
N TYR A 30 -11.05 4.13 0.74
CA TYR A 30 -10.56 2.80 0.41
C TYR A 30 -9.82 2.18 1.59
N THR A 31 -9.56 0.89 1.50
CA THR A 31 -8.85 0.17 2.56
C THR A 31 -7.41 -0.12 2.18
N LEU A 32 -6.49 0.23 3.05
CA LEU A 32 -5.07 0.00 2.80
C LEU A 32 -4.57 -1.23 3.53
N ARG A 33 -3.71 -2.01 2.87
CA ARG A 33 -3.17 -3.22 3.47
C ARG A 33 -1.81 -3.55 2.87
N ALA A 34 -1.00 -4.29 3.62
CA ALA A 34 0.33 -4.68 3.18
C ALA A 34 0.47 -6.20 3.13
N GLY A 35 0.45 -6.75 1.92
CA GLY A 35 0.57 -8.19 1.77
C GLY A 35 1.97 -8.68 2.06
N GLU A 36 2.29 -9.88 1.58
CA GLU A 36 3.61 -10.47 1.80
C GLU A 36 4.58 -10.03 0.71
N SER A 37 4.19 -10.23 -0.54
CA SER A 37 5.03 -9.86 -1.68
C SER A 37 4.51 -8.59 -2.34
N ALA A 38 3.20 -8.38 -2.29
CA ALA A 38 2.59 -7.21 -2.88
C ALA A 38 1.69 -6.49 -1.89
N LEU A 39 1.25 -5.30 -2.23
CA LEU A 39 0.37 -4.51 -1.38
C LEU A 39 -1.08 -4.93 -1.53
N GLU A 40 -1.90 -4.62 -0.52
CA GLU A 40 -3.31 -4.98 -0.55
C GLU A 40 -4.19 -3.73 -0.44
N LEU A 41 -5.23 -3.67 -1.26
CA LEU A 41 -6.14 -2.54 -1.27
C LEU A 41 -7.55 -2.97 -1.66
N TRP A 42 -8.42 -3.09 -0.67
CA TRP A 42 -9.81 -3.49 -0.92
C TRP A 42 -10.64 -2.31 -1.42
N GLY A 43 -11.36 -2.52 -2.52
CA GLY A 43 -12.19 -1.47 -3.08
C GLY A 43 -13.45 -2.00 -3.72
N GLY A 44 -14.52 -1.21 -3.66
CA GLY A 44 -15.77 -1.62 -4.24
C GLY A 44 -16.71 -2.24 -3.22
N PRO A 45 -17.66 -3.07 -3.70
CA PRO A 45 -18.63 -3.74 -2.84
C PRO A 45 -17.99 -4.83 -1.98
N GLU A 46 -18.81 -5.52 -1.20
CA GLU A 46 -18.32 -6.58 -0.32
C GLU A 46 -18.62 -7.95 -0.92
N PRO A 47 -17.77 -8.94 -0.59
CA PRO A 47 -16.62 -8.73 0.28
C PRO A 47 -15.53 -7.88 -0.38
N GLY A 48 -15.26 -8.16 -1.65
CA GLY A 48 -14.24 -7.42 -2.37
C GLY A 48 -12.97 -8.21 -2.56
N THR A 49 -12.06 -7.68 -3.37
CA THR A 49 -10.79 -8.34 -3.63
C THR A 49 -9.69 -7.33 -3.91
N GLN A 50 -8.46 -7.81 -4.04
CA GLN A 50 -7.31 -6.94 -4.31
C GLN A 50 -7.08 -6.81 -5.81
N LEU A 51 -7.33 -5.61 -6.33
CA LEU A 51 -7.15 -5.35 -7.76
C LEU A 51 -6.09 -4.27 -7.97
N TYR A 52 -5.94 -3.39 -6.99
CA TYR A 52 -4.97 -2.30 -7.08
C TYR A 52 -3.68 -2.68 -6.37
N ASP A 53 -3.61 -3.92 -5.88
CA ASP A 53 -2.43 -4.40 -5.18
C ASP A 53 -1.17 -4.17 -6.00
N TRP A 54 -0.34 -3.22 -5.56
CA TRP A 54 0.90 -2.91 -6.26
C TRP A 54 2.08 -3.67 -5.66
N PRO A 55 2.81 -4.39 -6.52
CA PRO A 55 3.97 -5.18 -6.10
C PRO A 55 5.14 -4.30 -5.68
N TYR A 56 5.45 -4.30 -4.39
CA TYR A 56 6.54 -3.49 -3.86
C TYR A 56 7.68 -3.41 -4.87
N ARG A 57 8.24 -4.56 -5.23
CA ARG A 57 9.34 -4.61 -6.18
C ARG A 57 9.19 -3.52 -7.24
N PHE A 58 7.99 -3.38 -7.78
CA PHE A 58 7.73 -2.38 -8.80
C PHE A 58 7.90 -0.97 -8.23
N LEU A 59 7.34 -0.73 -7.05
CA LEU A 59 7.44 0.56 -6.39
C LEU A 59 8.89 1.02 -6.31
N ARG A 60 9.20 2.10 -7.02
CA ARG A 60 10.55 2.64 -7.03
C ARG A 60 10.89 3.27 -5.68
N ARG A 61 10.11 4.27 -5.29
CA ARG A 61 10.32 4.97 -4.02
C ARG A 61 8.98 5.28 -3.34
N PHE A 62 9.00 5.36 -2.02
CA PHE A 62 7.80 5.66 -1.25
C PHE A 62 8.16 6.27 0.10
N GLY A 63 7.26 7.10 0.63
CA GLY A 63 7.49 7.73 1.91
C GLY A 63 6.26 7.72 2.80
N ARG A 64 6.38 8.32 3.98
CA ARG A 64 5.28 8.37 4.92
C ARG A 64 5.43 9.54 5.89
N ASP A 65 4.37 10.33 6.04
CA ASP A 65 4.39 11.48 6.94
C ASP A 65 3.30 11.36 8.00
N LYS A 66 3.69 11.50 9.26
CA LYS A 66 2.74 11.41 10.37
C LYS A 66 1.43 12.10 10.01
N VAL A 67 1.49 13.06 9.09
CA VAL A 67 0.30 13.79 8.66
C VAL A 67 -0.40 13.06 7.52
N THR A 68 0.38 12.60 6.54
CA THR A 68 -0.18 11.88 5.40
C THR A 68 0.85 10.93 4.81
N PHE A 69 0.37 9.80 4.29
CA PHE A 69 1.25 8.80 3.68
C PHE A 69 1.04 8.73 2.18
N SER A 70 2.13 8.63 1.43
CA SER A 70 2.07 8.56 -0.02
C SER A 70 3.20 7.69 -0.57
N PHE A 71 3.05 7.27 -1.82
CA PHE A 71 4.06 6.43 -2.47
C PHE A 71 4.11 6.72 -3.97
N GLU A 72 5.19 6.26 -4.61
CA GLU A 72 5.37 6.47 -6.04
C GLU A 72 5.38 5.14 -6.78
N ALA A 73 4.46 5.00 -7.75
CA ALA A 73 4.36 3.78 -8.54
C ALA A 73 4.77 4.03 -9.99
N GLY A 74 5.33 3.00 -10.62
CA GLY A 74 5.77 3.13 -11.99
C GLY A 74 4.68 2.75 -12.99
N ARG A 75 4.84 3.17 -14.23
CA ARG A 75 3.87 2.86 -15.28
C ARG A 75 3.54 1.37 -15.29
N ARG A 76 4.58 0.54 -15.29
CA ARG A 76 4.40 -0.91 -15.30
C ARG A 76 3.16 -1.31 -14.50
N CYS A 77 3.02 -0.74 -13.30
CA CYS A 77 1.89 -1.04 -12.44
C CYS A 77 0.57 -0.85 -13.19
N VAL A 78 -0.44 -1.62 -12.81
CA VAL A 78 -1.75 -1.55 -13.44
C VAL A 78 -2.30 -0.13 -13.38
N SER A 79 -2.56 0.36 -12.17
CA SER A 79 -3.10 1.69 -11.98
C SER A 79 -2.36 2.71 -12.85
N GLY A 80 -1.03 2.58 -12.89
CA GLY A 80 -0.23 3.49 -13.69
C GLY A 80 0.61 4.42 -12.83
N GLU A 81 1.60 5.05 -13.45
CA GLU A 81 2.48 5.97 -12.73
C GLU A 81 1.70 7.16 -12.19
N GLY A 82 2.14 7.69 -11.05
CA GLY A 82 1.46 8.83 -10.45
C GLY A 82 1.78 8.96 -8.97
N ASN A 83 1.19 9.97 -8.34
CA ASN A 83 1.41 10.21 -6.92
C ASN A 83 0.10 10.10 -6.13
N PHE A 84 0.04 9.14 -5.23
CA PHE A 84 -1.16 8.93 -4.40
C PHE A 84 -0.96 9.49 -3.00
N GLU A 85 -2.04 10.00 -2.42
CA GLU A 85 -1.99 10.56 -1.08
C GLU A 85 -3.12 10.02 -0.22
N PHE A 86 -2.76 9.34 0.86
CA PHE A 86 -3.75 8.76 1.78
C PHE A 86 -3.86 9.59 3.05
N GLU A 87 -5.06 10.05 3.35
CA GLU A 87 -5.30 10.85 4.54
C GLU A 87 -5.35 9.99 5.78
N THR A 88 -4.26 10.00 6.55
CA THR A 88 -4.17 9.20 7.77
C THR A 88 -3.01 9.65 8.64
N ARG A 89 -3.11 9.42 9.94
CA ARG A 89 -2.06 9.80 10.87
C ARG A 89 -1.17 8.60 11.21
N GLN A 90 -1.76 7.41 11.22
CA GLN A 90 -1.02 6.19 11.52
C GLN A 90 -0.24 5.72 10.30
N GLY A 91 -0.14 6.58 9.29
CA GLY A 91 0.59 6.22 8.08
C GLY A 91 1.85 5.43 8.37
N ASN A 92 2.58 5.86 9.39
CA ASN A 92 3.82 5.20 9.78
C ASN A 92 3.67 3.68 9.72
N GLU A 93 2.59 3.18 10.31
CA GLU A 93 2.32 1.74 10.34
C GLU A 93 2.37 1.16 8.93
N ILE A 94 1.49 1.65 8.06
CA ILE A 94 1.43 1.18 6.68
C ILE A 94 2.83 1.03 6.09
N PHE A 95 3.58 2.13 6.10
CA PHE A 95 4.94 2.12 5.56
C PHE A 95 5.75 0.96 6.14
N LEU A 96 5.94 0.98 7.46
CA LEU A 96 6.69 -0.07 8.14
C LEU A 96 6.33 -1.44 7.58
N ALA A 97 5.03 -1.73 7.54
CA ALA A 97 4.55 -3.01 7.03
C ALA A 97 5.22 -3.36 5.70
N LEU A 98 5.21 -2.42 4.77
CA LEU A 98 5.81 -2.63 3.47
C LEU A 98 7.30 -2.95 3.60
N GLU A 99 8.04 -2.05 4.24
CA GLU A 99 9.48 -2.24 4.44
C GLU A 99 9.77 -3.62 5.02
N GLU A 100 9.12 -3.93 6.14
CA GLU A 100 9.31 -5.21 6.80
C GLU A 100 9.15 -6.36 5.81
N ALA A 101 8.08 -6.32 5.03
CA ALA A 101 7.81 -7.35 4.05
C ALA A 101 8.90 -7.41 2.99
N ILE A 102 9.14 -6.27 2.34
CA ILE A 102 10.17 -6.19 1.31
C ILE A 102 11.50 -6.74 1.80
N SER A 103 11.98 -6.21 2.93
CA SER A 103 13.23 -6.65 3.50
C SER A 103 13.39 -8.17 3.39
N ALA A 104 12.36 -8.90 3.79
CA ALA A 104 12.38 -10.36 3.73
C ALA A 104 12.66 -10.83 2.31
N GLN A 105 11.92 -10.30 1.35
CA GLN A 105 12.09 -10.68 -0.05
C GLN A 105 13.56 -10.89 -0.38
N LYS A 106 14.40 -9.95 0.07
CA LYS A 106 15.83 -10.03 -0.17
C LYS A 106 16.46 -11.20 0.58
N ASN A 107 17.23 -12.01 -0.12
CA ASN A 107 17.90 -13.16 0.48
C ASN A 107 19.36 -12.87 0.76
N SER A 108 19.95 -13.60 1.71
CA SER A 108 21.34 -13.41 2.07
C SER A 108 22.14 -14.68 1.81
N GLY A 109 23.45 -14.61 2.02
CA GLY A 109 24.30 -15.76 1.81
C GLY A 109 24.51 -16.58 3.06
N PRO A 110 25.42 -17.55 3.00
CA PRO A 110 25.74 -18.43 4.15
C PRO A 110 26.46 -17.69 5.26
N SER A 111 26.65 -16.38 5.08
CA SER A 111 27.32 -15.56 6.07
C SER A 111 26.48 -14.34 6.44
N SER A 112 26.54 -13.95 7.71
CA SER A 112 25.78 -12.80 8.18
C SER A 112 26.41 -11.49 7.72
N GLY A 113 25.67 -10.75 6.90
CA GLY A 113 26.17 -9.49 6.38
C GLY A 113 25.75 -9.23 4.96
N GLY A 1 -0.23 -27.46 19.76
CA GLY A 1 -1.03 -26.25 19.66
C GLY A 1 -0.20 -25.00 19.81
N SER A 2 -0.46 -24.23 20.87
CA SER A 2 0.27 -22.99 21.12
C SER A 2 0.06 -22.00 19.97
N SER A 3 -1.17 -21.89 19.51
CA SER A 3 -1.50 -20.98 18.40
C SER A 3 -2.18 -19.72 18.93
N GLY A 4 -2.40 -18.76 18.03
CA GLY A 4 -3.05 -17.52 18.42
C GLY A 4 -2.66 -16.37 17.52
N SER A 5 -3.54 -16.04 16.58
CA SER A 5 -3.28 -14.94 15.64
C SER A 5 -4.39 -13.89 15.72
N SER A 6 -3.97 -12.64 15.93
CA SER A 6 -4.92 -11.54 16.04
C SER A 6 -5.62 -11.29 14.70
N GLY A 7 -4.83 -11.15 13.65
CA GLY A 7 -5.38 -10.91 12.33
C GLY A 7 -4.60 -9.87 11.55
N HIS A 8 -5.01 -9.64 10.30
CA HIS A 8 -4.34 -8.68 9.44
C HIS A 8 -4.56 -7.25 9.96
N LYS A 9 -3.55 -6.40 9.77
CA LYS A 9 -3.63 -5.02 10.22
C LYS A 9 -4.09 -4.11 9.09
N GLU A 10 -5.27 -3.51 9.26
CA GLU A 10 -5.82 -2.62 8.25
C GLU A 10 -5.73 -1.16 8.70
N PHE A 11 -5.82 -0.24 7.75
CA PHE A 11 -5.73 1.18 8.04
C PHE A 11 -6.69 1.98 7.17
N ALA A 12 -7.69 2.61 7.80
CA ALA A 12 -8.67 3.40 7.08
C ALA A 12 -8.04 4.65 6.49
N VAL A 13 -8.18 4.82 5.18
CA VAL A 13 -7.63 5.98 4.49
C VAL A 13 -8.68 6.65 3.61
N THR A 14 -8.39 7.87 3.19
CA THR A 14 -9.31 8.62 2.34
C THR A 14 -8.64 9.03 1.02
N MET A 15 -9.45 9.24 -0.01
CA MET A 15 -8.94 9.63 -1.32
C MET A 15 -8.83 11.15 -1.42
N ARG A 16 -7.61 11.65 -1.47
CA ARG A 16 -7.37 13.09 -1.58
C ARG A 16 -7.11 13.49 -3.02
N PRO A 17 -7.51 14.73 -3.36
CA PRO A 17 -7.34 15.27 -4.72
C PRO A 17 -5.87 15.54 -5.05
N THR A 18 -5.35 14.81 -6.03
CA THR A 18 -3.96 14.96 -6.45
C THR A 18 -3.85 15.01 -7.97
N GLU A 19 -2.62 15.19 -8.46
CA GLU A 19 -2.38 15.26 -9.90
C GLU A 19 -2.66 13.91 -10.56
N ALA A 20 -2.54 12.84 -9.78
CA ALA A 20 -2.79 11.50 -10.29
C ALA A 20 -4.22 11.06 -10.02
N SER A 21 -4.56 10.89 -8.74
CA SER A 21 -5.90 10.46 -8.36
C SER A 21 -6.95 11.11 -9.26
N GLU A 22 -6.66 12.31 -9.74
CA GLU A 22 -7.58 13.03 -10.60
C GLU A 22 -7.98 12.17 -11.81
N ARG A 23 -6.97 11.61 -12.47
CA ARG A 23 -7.22 10.76 -13.64
C ARG A 23 -7.95 9.49 -13.25
N CYS A 24 -7.55 8.90 -12.13
CA CYS A 24 -8.17 7.67 -11.65
C CYS A 24 -9.64 7.91 -11.30
N HIS A 25 -9.94 9.13 -10.88
CA HIS A 25 -11.32 9.49 -10.51
C HIS A 25 -11.78 8.68 -9.30
N LEU A 26 -10.90 8.55 -8.31
CA LEU A 26 -11.21 7.80 -7.10
C LEU A 26 -11.93 8.69 -6.09
N ARG A 27 -13.20 8.35 -5.82
CA ARG A 27 -14.00 9.11 -4.87
C ARG A 27 -14.37 8.25 -3.66
N GLY A 28 -14.23 8.83 -2.46
CA GLY A 28 -14.57 8.10 -1.25
C GLY A 28 -13.34 7.72 -0.46
N SER A 29 -13.43 6.59 0.25
CA SER A 29 -12.31 6.12 1.06
C SER A 29 -12.04 4.63 0.79
N TYR A 30 -10.77 4.27 0.74
CA TYR A 30 -10.37 2.88 0.49
C TYR A 30 -9.65 2.30 1.69
N THR A 31 -9.50 0.98 1.70
CA THR A 31 -8.83 0.28 2.80
C THR A 31 -7.40 -0.07 2.43
N LEU A 32 -6.45 0.40 3.25
CA LEU A 32 -5.04 0.13 3.01
C LEU A 32 -4.54 -0.99 3.91
N ARG A 33 -4.16 -2.12 3.29
CA ARG A 33 -3.66 -3.27 4.03
C ARG A 33 -2.43 -3.85 3.35
N ALA A 34 -1.29 -3.80 4.05
CA ALA A 34 -0.05 -4.33 3.52
C ALA A 34 -0.04 -5.85 3.54
N GLY A 35 -0.16 -6.46 2.37
CA GLY A 35 -0.16 -7.91 2.28
C GLY A 35 1.17 -8.52 2.66
N GLU A 36 1.50 -9.64 2.04
CA GLU A 36 2.76 -10.33 2.32
C GLU A 36 3.82 -9.97 1.29
N SER A 37 3.45 -10.02 0.02
CA SER A 37 4.37 -9.71 -1.07
C SER A 37 3.94 -8.44 -1.80
N ALA A 38 2.65 -8.15 -1.75
CA ALA A 38 2.11 -6.97 -2.40
C ALA A 38 1.10 -6.25 -1.49
N LEU A 39 0.70 -5.05 -1.90
CA LEU A 39 -0.26 -4.27 -1.13
C LEU A 39 -1.69 -4.70 -1.42
N GLU A 40 -2.55 -4.62 -0.42
CA GLU A 40 -3.95 -5.00 -0.56
C GLU A 40 -4.86 -3.80 -0.41
N LEU A 41 -5.73 -3.59 -1.40
CA LEU A 41 -6.66 -2.47 -1.38
C LEU A 41 -8.07 -2.92 -1.77
N TRP A 42 -8.93 -3.05 -0.77
CA TRP A 42 -10.31 -3.47 -1.01
C TRP A 42 -11.15 -2.33 -1.57
N GLY A 43 -12.00 -2.65 -2.54
CA GLY A 43 -12.84 -1.63 -3.14
C GLY A 43 -13.35 -2.04 -4.51
N GLY A 44 -14.66 -1.97 -4.70
CA GLY A 44 -15.24 -2.34 -5.98
C GLY A 44 -16.46 -3.24 -5.84
N PRO A 45 -16.46 -4.35 -6.58
CA PRO A 45 -17.57 -5.31 -6.55
C PRO A 45 -17.63 -6.08 -5.23
N GLU A 46 -18.70 -6.84 -5.04
CA GLU A 46 -18.88 -7.62 -3.82
C GLU A 46 -18.60 -9.10 -4.09
N PRO A 47 -18.14 -9.80 -3.04
CA PRO A 47 -17.91 -9.21 -1.72
C PRO A 47 -16.73 -8.25 -1.72
N GLY A 48 -15.68 -8.60 -2.46
CA GLY A 48 -14.50 -7.76 -2.53
C GLY A 48 -13.29 -8.51 -3.04
N THR A 49 -12.41 -7.79 -3.75
CA THR A 49 -11.21 -8.39 -4.32
C THR A 49 -10.14 -7.34 -4.56
N GLN A 50 -8.87 -7.72 -4.36
CA GLN A 50 -7.76 -6.81 -4.56
C GLN A 50 -7.51 -6.59 -6.06
N LEU A 51 -7.80 -5.38 -6.52
CA LEU A 51 -7.60 -5.03 -7.93
C LEU A 51 -6.58 -3.91 -8.08
N TYR A 52 -6.51 -3.05 -7.08
CA TYR A 52 -5.58 -1.93 -7.10
C TYR A 52 -4.30 -2.28 -6.34
N ASP A 53 -4.22 -3.52 -5.88
CA ASP A 53 -3.04 -3.97 -5.13
C ASP A 53 -1.76 -3.68 -5.90
N TRP A 54 -0.88 -2.89 -5.30
CA TRP A 54 0.39 -2.53 -5.93
C TRP A 54 1.55 -3.29 -5.29
N PRO A 55 2.40 -3.89 -6.13
CA PRO A 55 3.56 -4.65 -5.68
C PRO A 55 4.64 -3.76 -5.06
N TYR A 56 5.02 -4.07 -3.83
CA TYR A 56 6.05 -3.30 -3.14
C TYR A 56 7.24 -3.03 -4.04
N ARG A 57 7.57 -3.99 -4.87
CA ARG A 57 8.69 -3.86 -5.79
C ARG A 57 8.52 -2.63 -6.69
N PHE A 58 7.32 -2.47 -7.23
CA PHE A 58 7.02 -1.34 -8.10
C PHE A 58 7.37 -0.02 -7.42
N LEU A 59 6.76 0.21 -6.25
CA LEU A 59 7.01 1.44 -5.49
C LEU A 59 8.50 1.66 -5.29
N ARG A 60 9.06 2.61 -6.05
CA ARG A 60 10.48 2.92 -5.95
C ARG A 60 10.81 3.53 -4.58
N ARG A 61 10.09 4.58 -4.21
CA ARG A 61 10.30 5.24 -2.94
C ARG A 61 8.98 5.67 -2.31
N PHE A 62 8.90 5.59 -0.99
CA PHE A 62 7.69 5.96 -0.26
C PHE A 62 8.03 6.74 1.01
N GLY A 63 7.20 7.73 1.33
CA GLY A 63 7.43 8.53 2.51
C GLY A 63 6.16 8.78 3.30
N ARG A 64 5.99 8.05 4.40
CA ARG A 64 4.80 8.19 5.24
C ARG A 64 4.84 9.49 6.02
N ASP A 65 3.70 10.14 6.15
CA ASP A 65 3.60 11.40 6.88
C ASP A 65 2.77 11.24 8.15
N LYS A 66 2.65 12.31 8.92
CA LYS A 66 1.88 12.29 10.15
C LYS A 66 0.46 11.81 9.90
N VAL A 67 -0.29 12.57 9.11
CA VAL A 67 -1.67 12.23 8.78
C VAL A 67 -1.84 12.00 7.29
N THR A 68 -0.72 11.91 6.58
CA THR A 68 -0.74 11.70 5.14
C THR A 68 0.21 10.57 4.73
N PHE A 69 -0.20 9.79 3.74
CA PHE A 69 0.61 8.68 3.26
C PHE A 69 0.57 8.60 1.74
N SER A 70 1.74 8.64 1.12
CA SER A 70 1.83 8.57 -0.34
C SER A 70 2.99 7.67 -0.77
N PHE A 71 3.10 7.43 -2.07
CA PHE A 71 4.16 6.59 -2.61
C PHE A 71 4.31 6.80 -4.12
N GLU A 72 5.29 6.13 -4.71
CA GLU A 72 5.55 6.25 -6.14
C GLU A 72 5.01 5.03 -6.89
N ALA A 73 4.38 5.28 -8.03
CA ALA A 73 3.83 4.20 -8.84
C ALA A 73 4.33 4.28 -10.28
N GLY A 74 5.16 3.31 -10.66
CA GLY A 74 5.70 3.29 -12.01
C GLY A 74 4.63 3.47 -13.06
N ARG A 75 5.06 3.61 -14.31
CA ARG A 75 4.13 3.80 -15.42
C ARG A 75 3.62 2.45 -15.93
N ARG A 76 3.87 1.40 -15.16
CA ARG A 76 3.44 0.06 -15.54
C ARG A 76 1.99 -0.18 -15.12
N CYS A 77 1.65 0.21 -13.90
CA CYS A 77 0.30 0.05 -13.38
C CYS A 77 -0.71 0.77 -14.27
N VAL A 78 -1.95 0.29 -14.25
CA VAL A 78 -3.02 0.89 -15.04
C VAL A 78 -3.55 2.15 -14.39
N SER A 79 -3.73 2.09 -13.08
CA SER A 79 -4.25 3.24 -12.33
C SER A 79 -3.70 4.54 -12.88
N GLY A 80 -2.37 4.64 -12.96
CA GLY A 80 -1.73 5.84 -13.47
C GLY A 80 -0.61 6.32 -12.59
N GLU A 81 0.59 6.44 -13.17
CA GLU A 81 1.76 6.89 -12.43
C GLU A 81 1.54 8.29 -11.86
N GLY A 82 2.53 8.79 -11.13
CA GLY A 82 2.42 10.11 -10.53
C GLY A 82 2.67 10.09 -9.03
N ASN A 83 1.65 10.45 -8.26
CA ASN A 83 1.78 10.48 -6.81
C ASN A 83 0.41 10.27 -6.14
N PHE A 84 0.29 9.17 -5.41
CA PHE A 84 -0.96 8.85 -4.72
C PHE A 84 -0.90 9.29 -3.27
N GLU A 85 -1.94 9.99 -2.82
CA GLU A 85 -2.01 10.47 -1.45
C GLU A 85 -3.14 9.79 -0.69
N PHE A 86 -2.91 9.50 0.59
CA PHE A 86 -3.90 8.85 1.42
C PHE A 86 -3.96 9.49 2.81
N GLU A 87 -5.18 9.73 3.29
CA GLU A 87 -5.37 10.35 4.61
C GLU A 87 -5.36 9.28 5.71
N THR A 88 -4.25 9.22 6.44
CA THR A 88 -4.12 8.24 7.52
C THR A 88 -3.10 8.71 8.55
N ARG A 89 -3.31 8.34 9.80
CA ARG A 89 -2.40 8.71 10.89
C ARG A 89 -1.47 7.56 11.24
N GLN A 90 -1.95 6.33 11.03
CA GLN A 90 -1.15 5.15 11.34
C GLN A 90 -0.18 4.83 10.20
N GLY A 91 -0.05 5.77 9.27
CA GLY A 91 0.85 5.58 8.15
C GLY A 91 2.10 4.81 8.53
N ASN A 92 2.69 5.18 9.66
CA ASN A 92 3.91 4.52 10.13
C ASN A 92 3.83 3.01 9.91
N GLU A 93 2.73 2.41 10.37
CA GLU A 93 2.54 0.97 10.22
C GLU A 93 2.72 0.55 8.77
N ILE A 94 1.94 1.14 7.87
CA ILE A 94 2.02 0.83 6.46
C ILE A 94 3.46 0.83 5.97
N PHE A 95 4.18 1.92 6.27
CA PHE A 95 5.56 2.06 5.85
C PHE A 95 6.40 0.87 6.36
N LEU A 96 6.32 0.61 7.65
CA LEU A 96 7.06 -0.50 8.25
C LEU A 96 6.73 -1.81 7.57
N ALA A 97 5.45 -2.02 7.26
CA ALA A 97 5.01 -3.24 6.60
C ALA A 97 5.75 -3.45 5.28
N LEU A 98 5.57 -2.52 4.35
CA LEU A 98 6.22 -2.60 3.04
C LEU A 98 7.71 -2.91 3.20
N GLU A 99 8.40 -2.06 3.96
CA GLU A 99 9.83 -2.24 4.20
C GLU A 99 10.12 -3.64 4.73
N GLU A 100 9.57 -3.95 5.89
CA GLU A 100 9.77 -5.25 6.51
C GLU A 100 9.64 -6.37 5.48
N ALA A 101 8.54 -6.36 4.74
CA ALA A 101 8.30 -7.38 3.72
C ALA A 101 9.43 -7.41 2.71
N ILE A 102 9.71 -6.26 2.10
CA ILE A 102 10.78 -6.16 1.10
C ILE A 102 12.09 -6.70 1.65
N SER A 103 12.40 -6.35 2.89
CA SER A 103 13.63 -6.80 3.53
C SER A 103 13.72 -8.32 3.53
N ALA A 104 12.67 -8.97 4.04
CA ALA A 104 12.64 -10.43 4.09
C ALA A 104 12.89 -11.03 2.72
N GLN A 105 12.26 -10.47 1.70
CA GLN A 105 12.42 -10.96 0.33
C GLN A 105 13.88 -11.26 0.02
N LYS A 106 14.74 -10.27 0.28
CA LYS A 106 16.17 -10.44 0.03
C LYS A 106 16.67 -11.77 0.58
N ASN A 107 16.45 -11.99 1.88
CA ASN A 107 16.89 -13.22 2.53
C ASN A 107 16.57 -14.43 1.65
N SER A 108 15.33 -14.53 1.21
CA SER A 108 14.90 -15.64 0.36
C SER A 108 15.49 -15.52 -1.04
N GLY A 109 16.06 -16.61 -1.54
CA GLY A 109 16.66 -16.61 -2.86
C GLY A 109 15.61 -16.58 -3.96
N PRO A 110 15.97 -15.97 -5.10
CA PRO A 110 15.06 -15.87 -6.25
C PRO A 110 14.83 -17.21 -6.93
N SER A 111 15.41 -18.27 -6.37
CA SER A 111 15.26 -19.60 -6.91
C SER A 111 14.30 -20.43 -6.07
N SER A 112 13.55 -21.32 -6.71
CA SER A 112 12.60 -22.17 -6.02
C SER A 112 13.29 -23.04 -4.98
N GLY A 113 14.32 -23.77 -5.41
CA GLY A 113 15.06 -24.63 -4.51
C GLY A 113 16.30 -23.97 -3.97
N GLY A 1 -14.28 -23.49 15.08
CA GLY A 1 -15.61 -23.50 14.50
C GLY A 1 -15.72 -22.60 13.29
N SER A 2 -15.92 -23.21 12.13
CA SER A 2 -16.04 -22.46 10.87
C SER A 2 -14.72 -21.78 10.53
N SER A 3 -13.61 -22.50 10.72
CA SER A 3 -12.30 -21.97 10.42
C SER A 3 -12.10 -21.80 8.93
N GLY A 4 -11.77 -20.57 8.52
CA GLY A 4 -11.56 -20.29 7.11
C GLY A 4 -10.92 -18.95 6.87
N SER A 5 -11.74 -17.91 6.77
CA SER A 5 -11.24 -16.56 6.53
C SER A 5 -10.91 -15.87 7.85
N SER A 6 -10.11 -14.81 7.78
CA SER A 6 -9.71 -14.05 8.96
C SER A 6 -9.34 -12.62 8.59
N GLY A 7 -9.05 -11.82 9.62
CA GLY A 7 -8.68 -10.44 9.39
C GLY A 7 -7.23 -10.15 9.72
N HIS A 8 -6.72 -9.03 9.22
CA HIS A 8 -5.34 -8.65 9.47
C HIS A 8 -5.23 -7.15 9.74
N LYS A 9 -4.04 -6.72 10.17
CA LYS A 9 -3.81 -5.31 10.48
C LYS A 9 -4.20 -4.43 9.30
N GLU A 10 -5.31 -3.72 9.44
CA GLU A 10 -5.80 -2.83 8.39
C GLU A 10 -5.74 -1.37 8.83
N PHE A 11 -5.80 -0.46 7.87
CA PHE A 11 -5.74 0.97 8.15
C PHE A 11 -6.67 1.75 7.22
N ALA A 12 -7.71 2.33 7.79
CA ALA A 12 -8.68 3.10 7.03
C ALA A 12 -8.04 4.39 6.49
N VAL A 13 -8.25 4.66 5.20
CA VAL A 13 -7.70 5.84 4.58
C VAL A 13 -8.72 6.51 3.66
N THR A 14 -8.60 7.81 3.49
CA THR A 14 -9.51 8.57 2.63
C THR A 14 -8.86 8.94 1.31
N MET A 15 -9.67 9.10 0.27
CA MET A 15 -9.17 9.45 -1.05
C MET A 15 -9.07 10.96 -1.20
N ARG A 16 -7.83 11.45 -1.27
CA ARG A 16 -7.60 12.89 -1.42
C ARG A 16 -7.30 13.25 -2.87
N PRO A 17 -7.61 14.49 -3.25
CA PRO A 17 -7.39 14.99 -4.62
C PRO A 17 -5.90 15.16 -4.94
N THR A 18 -5.43 14.42 -5.94
CA THR A 18 -4.03 14.49 -6.35
C THR A 18 -3.89 14.39 -7.86
N GLU A 19 -2.92 15.10 -8.41
CA GLU A 19 -2.68 15.09 -9.85
C GLU A 19 -2.98 13.70 -10.43
N ALA A 20 -2.59 12.66 -9.69
CA ALA A 20 -2.82 11.29 -10.14
C ALA A 20 -4.29 10.91 -10.00
N SER A 21 -4.84 11.07 -8.80
CA SER A 21 -6.22 10.73 -8.54
C SER A 21 -7.10 11.07 -9.74
N GLU A 22 -6.73 12.12 -10.47
CA GLU A 22 -7.47 12.55 -11.65
C GLU A 22 -7.67 11.39 -12.62
N ARG A 23 -6.56 10.87 -13.14
CA ARG A 23 -6.62 9.75 -14.08
C ARG A 23 -7.37 8.57 -13.49
N CYS A 24 -7.05 8.22 -12.25
CA CYS A 24 -7.70 7.11 -11.57
C CYS A 24 -9.20 7.34 -11.47
N HIS A 25 -9.59 8.60 -11.26
CA HIS A 25 -11.00 8.95 -11.14
C HIS A 25 -11.62 8.33 -9.89
N LEU A 26 -10.86 8.33 -8.80
CA LEU A 26 -11.33 7.78 -7.53
C LEU A 26 -12.11 8.82 -6.73
N ARG A 27 -13.04 8.34 -5.90
CA ARG A 27 -13.85 9.23 -5.08
C ARG A 27 -14.39 8.49 -3.86
N GLY A 28 -14.12 9.04 -2.68
CA GLY A 28 -14.59 8.42 -1.46
C GLY A 28 -13.45 8.03 -0.52
N SER A 29 -13.42 6.77 -0.13
CA SER A 29 -12.39 6.27 0.77
C SER A 29 -12.08 4.80 0.50
N TYR A 30 -10.84 4.40 0.74
CA TYR A 30 -10.43 3.02 0.52
C TYR A 30 -9.66 2.48 1.73
N THR A 31 -9.32 1.20 1.67
CA THR A 31 -8.60 0.56 2.76
C THR A 31 -7.17 0.22 2.34
N LEU A 32 -6.22 0.51 3.23
CA LEU A 32 -4.81 0.23 2.95
C LEU A 32 -4.32 -0.96 3.76
N ARG A 33 -3.81 -1.97 3.06
CA ARG A 33 -3.31 -3.18 3.72
C ARG A 33 -1.94 -3.56 3.17
N ALA A 34 -1.09 -4.10 4.04
CA ALA A 34 0.26 -4.51 3.64
C ALA A 34 0.35 -6.03 3.56
N GLY A 35 0.47 -6.54 2.33
CA GLY A 35 0.58 -7.98 2.15
C GLY A 35 1.99 -8.49 2.35
N GLU A 36 2.28 -9.66 1.79
CA GLU A 36 3.61 -10.25 1.91
C GLU A 36 4.47 -9.91 0.71
N SER A 37 3.94 -10.15 -0.49
CA SER A 37 4.67 -9.87 -1.72
C SER A 37 4.12 -8.62 -2.40
N ALA A 38 2.83 -8.38 -2.23
CA ALA A 38 2.18 -7.21 -2.83
C ALA A 38 1.31 -6.49 -1.81
N LEU A 39 0.86 -5.30 -2.17
CA LEU A 39 0.01 -4.49 -1.29
C LEU A 39 -1.45 -4.91 -1.42
N GLU A 40 -2.21 -4.71 -0.36
CA GLU A 40 -3.63 -5.06 -0.36
C GLU A 40 -4.50 -3.81 -0.25
N LEU A 41 -5.40 -3.64 -1.22
CA LEU A 41 -6.29 -2.50 -1.24
C LEU A 41 -7.72 -2.91 -1.60
N TRP A 42 -8.58 -2.98 -0.59
CA TRP A 42 -9.98 -3.38 -0.79
C TRP A 42 -10.76 -2.24 -1.44
N GLY A 43 -11.39 -2.53 -2.57
CA GLY A 43 -12.18 -1.53 -3.27
C GLY A 43 -13.66 -1.72 -3.08
N GLY A 44 -14.06 -2.09 -1.86
CA GLY A 44 -15.47 -2.30 -1.58
C GLY A 44 -15.74 -3.65 -0.92
N PRO A 45 -16.63 -3.66 0.08
CA PRO A 45 -16.98 -4.88 0.80
C PRO A 45 -17.78 -5.85 -0.05
N GLU A 46 -18.03 -5.47 -1.30
CA GLU A 46 -18.79 -6.31 -2.22
C GLU A 46 -18.35 -6.08 -3.66
N PRO A 47 -17.86 -7.15 -4.31
CA PRO A 47 -17.77 -8.47 -3.70
C PRO A 47 -16.70 -8.53 -2.60
N GLY A 48 -15.61 -7.78 -2.81
CA GLY A 48 -14.54 -7.76 -1.85
C GLY A 48 -13.31 -8.52 -2.32
N THR A 49 -12.42 -7.82 -3.02
CA THR A 49 -11.21 -8.43 -3.54
C THR A 49 -10.11 -7.39 -3.74
N GLN A 50 -8.93 -7.86 -4.14
CA GLN A 50 -7.80 -6.97 -4.37
C GLN A 50 -7.60 -6.70 -5.86
N LEU A 51 -7.84 -5.46 -6.27
CA LEU A 51 -7.69 -5.08 -7.67
C LEU A 51 -6.61 -4.01 -7.83
N TYR A 52 -6.48 -3.16 -6.82
CA TYR A 52 -5.49 -2.09 -6.84
C TYR A 52 -4.19 -2.54 -6.18
N ASP A 53 -4.14 -3.80 -5.78
CA ASP A 53 -2.96 -4.36 -5.14
C ASP A 53 -1.71 -4.09 -5.97
N TRP A 54 -0.84 -3.22 -5.48
CA TRP A 54 0.39 -2.89 -6.18
C TRP A 54 1.56 -3.69 -5.65
N PRO A 55 2.28 -4.38 -6.55
CA PRO A 55 3.45 -5.20 -6.18
C PRO A 55 4.63 -4.35 -5.74
N TYR A 56 5.01 -4.50 -4.48
CA TYR A 56 6.13 -3.74 -3.93
C TYR A 56 7.30 -3.74 -4.90
N ARG A 57 7.73 -4.92 -5.32
CA ARG A 57 8.84 -5.05 -6.25
C ARG A 57 8.82 -3.92 -7.28
N PHE A 58 7.62 -3.51 -7.69
CA PHE A 58 7.47 -2.45 -8.67
C PHE A 58 7.66 -1.09 -8.02
N LEU A 59 7.03 -0.90 -6.86
CA LEU A 59 7.14 0.37 -6.14
C LEU A 59 8.60 0.78 -5.96
N ARG A 60 9.02 1.79 -6.73
CA ARG A 60 10.39 2.27 -6.65
C ARG A 60 10.72 2.76 -5.25
N ARG A 61 10.05 3.83 -4.82
CA ARG A 61 10.28 4.39 -3.50
C ARG A 61 8.98 4.94 -2.92
N PHE A 62 8.89 4.94 -1.59
CA PHE A 62 7.69 5.44 -0.91
C PHE A 62 8.07 6.15 0.39
N GLY A 63 7.23 7.10 0.79
CA GLY A 63 7.50 7.84 2.01
C GLY A 63 6.26 7.97 2.89
N ARG A 64 6.45 7.84 4.19
CA ARG A 64 5.34 7.94 5.14
C ARG A 64 5.41 9.26 5.91
N ASP A 65 4.24 9.80 6.24
CA ASP A 65 4.16 11.05 6.98
C ASP A 65 3.35 10.89 8.26
N LYS A 66 3.25 11.96 9.04
CA LYS A 66 2.49 11.93 10.28
C LYS A 66 1.06 11.46 10.05
N VAL A 67 0.31 12.24 9.28
CA VAL A 67 -1.08 11.90 8.97
C VAL A 67 -1.27 11.69 7.48
N THR A 68 -0.17 11.47 6.76
CA THR A 68 -0.22 11.25 5.33
C THR A 68 0.71 10.12 4.91
N PHE A 69 0.31 9.35 3.90
CA PHE A 69 1.12 8.24 3.41
C PHE A 69 1.05 8.15 1.89
N SER A 70 2.16 8.48 1.23
CA SER A 70 2.23 8.44 -0.22
C SER A 70 3.26 7.41 -0.69
N PHE A 71 3.29 7.16 -2.00
CA PHE A 71 4.22 6.20 -2.58
C PHE A 71 4.25 6.33 -4.10
N GLU A 72 5.32 5.82 -4.71
CA GLU A 72 5.47 5.87 -6.16
C GLU A 72 5.17 4.51 -6.78
N ALA A 73 4.05 4.43 -7.50
CA ALA A 73 3.65 3.19 -8.15
C ALA A 73 4.71 2.73 -9.14
N GLY A 74 5.39 3.68 -9.77
CA GLY A 74 6.42 3.35 -10.73
C GLY A 74 5.90 3.34 -12.15
N ARG A 75 5.59 2.16 -12.67
CA ARG A 75 5.09 2.03 -14.03
C ARG A 75 4.53 0.62 -14.26
N ARG A 76 3.82 0.45 -15.38
CA ARG A 76 3.24 -0.84 -15.72
C ARG A 76 2.28 -1.31 -14.63
N CYS A 77 1.42 -0.40 -14.19
CA CYS A 77 0.44 -0.70 -13.15
C CYS A 77 -0.99 -0.60 -13.69
N VAL A 78 -1.95 -1.09 -12.92
CA VAL A 78 -3.35 -1.06 -13.32
C VAL A 78 -3.90 0.36 -13.27
N SER A 79 -3.55 1.09 -12.20
CA SER A 79 -4.02 2.46 -12.02
C SER A 79 -3.25 3.41 -12.93
N GLY A 80 -1.94 3.21 -13.02
CA GLY A 80 -1.11 4.06 -13.85
C GLY A 80 -0.09 4.86 -13.05
N GLU A 81 1.05 5.13 -13.66
CA GLU A 81 2.10 5.89 -12.99
C GLU A 81 1.58 7.23 -12.48
N GLY A 82 1.96 7.57 -11.25
CA GLY A 82 1.51 8.82 -10.67
C GLY A 82 1.51 8.79 -9.15
N ASN A 83 2.13 9.80 -8.54
CA ASN A 83 2.20 9.89 -7.09
C ASN A 83 0.81 9.74 -6.47
N PHE A 84 0.74 8.91 -5.42
CA PHE A 84 -0.53 8.68 -4.73
C PHE A 84 -0.43 9.09 -3.26
N GLU A 85 -1.45 9.79 -2.78
CA GLU A 85 -1.48 10.24 -1.39
C GLU A 85 -2.77 9.78 -0.70
N PHE A 86 -2.61 9.16 0.46
CA PHE A 86 -3.75 8.67 1.22
C PHE A 86 -3.84 9.38 2.58
N GLU A 87 -5.06 9.60 3.04
CA GLU A 87 -5.30 10.27 4.31
C GLU A 87 -5.40 9.26 5.44
N THR A 88 -4.39 9.21 6.30
CA THR A 88 -4.38 8.28 7.42
C THR A 88 -3.42 8.76 8.52
N ARG A 89 -3.75 8.42 9.76
CA ARG A 89 -2.92 8.82 10.90
C ARG A 89 -1.93 7.71 11.26
N GLN A 90 -2.32 6.46 11.03
CA GLN A 90 -1.48 5.33 11.34
C GLN A 90 -0.53 5.03 10.19
N GLY A 91 -0.40 5.98 9.27
CA GLY A 91 0.48 5.81 8.14
C GLY A 91 1.77 5.10 8.50
N ASN A 92 2.43 5.56 9.56
CA ASN A 92 3.67 4.97 10.01
C ASN A 92 3.58 3.44 10.00
N GLU A 93 2.45 2.91 10.46
CA GLU A 93 2.25 1.47 10.51
C GLU A 93 2.30 0.87 9.09
N ILE A 94 1.43 1.37 8.23
CA ILE A 94 1.37 0.90 6.85
C ILE A 94 2.75 0.81 6.24
N PHE A 95 3.49 1.92 6.30
CA PHE A 95 4.84 1.96 5.75
C PHE A 95 5.71 0.87 6.36
N LEU A 96 5.96 0.97 7.65
CA LEU A 96 6.79 -0.01 8.36
C LEU A 96 6.52 -1.42 7.84
N ALA A 97 5.24 -1.76 7.71
CA ALA A 97 4.85 -3.08 7.22
C ALA A 97 5.43 -3.34 5.84
N LEU A 98 5.41 -2.32 4.98
CA LEU A 98 5.93 -2.45 3.62
C LEU A 98 7.41 -2.83 3.65
N GLU A 99 8.20 -2.10 4.44
CA GLU A 99 9.62 -2.37 4.56
C GLU A 99 9.88 -3.70 5.24
N GLU A 100 9.14 -3.95 6.31
CA GLU A 100 9.29 -5.21 7.07
C GLU A 100 9.22 -6.40 6.13
N ALA A 101 8.28 -6.38 5.20
CA ALA A 101 8.11 -7.46 4.24
C ALA A 101 9.10 -7.35 3.09
N ILE A 102 9.08 -6.20 2.41
CA ILE A 102 9.97 -5.97 1.29
C ILE A 102 11.40 -6.38 1.63
N SER A 103 11.86 -6.00 2.82
CA SER A 103 13.21 -6.32 3.27
C SER A 103 13.56 -7.76 2.92
N ALA A 104 12.63 -8.68 3.18
CA ALA A 104 12.83 -10.09 2.90
C ALA A 104 13.06 -10.33 1.41
N GLN A 105 12.26 -9.66 0.58
CA GLN A 105 12.38 -9.79 -0.87
C GLN A 105 13.61 -9.05 -1.39
N LYS A 106 13.61 -7.73 -1.22
CA LYS A 106 14.72 -6.91 -1.67
C LYS A 106 15.01 -7.14 -3.15
N ASN A 107 13.95 -7.31 -3.93
CA ASN A 107 14.09 -7.54 -5.37
C ASN A 107 14.90 -8.81 -5.64
N SER A 108 14.62 -9.85 -4.87
CA SER A 108 15.32 -11.12 -5.02
C SER A 108 14.47 -12.13 -5.77
N GLY A 109 15.12 -13.02 -6.52
CA GLY A 109 14.40 -14.02 -7.28
C GLY A 109 15.27 -14.70 -8.32
N PRO A 110 14.91 -15.94 -8.68
CA PRO A 110 15.66 -16.72 -9.68
C PRO A 110 15.51 -16.16 -11.08
N SER A 111 14.53 -15.28 -11.27
CA SER A 111 14.28 -14.67 -12.57
C SER A 111 15.47 -13.84 -13.02
N SER A 112 15.93 -12.95 -12.14
CA SER A 112 17.07 -12.10 -12.45
C SER A 112 18.27 -12.92 -12.88
N GLY A 113 18.55 -14.00 -12.14
CA GLY A 113 19.67 -14.85 -12.47
C GLY A 113 20.75 -14.83 -11.40
N GLY A 1 -5.39 -12.14 6.47
CA GLY A 1 -5.11 -11.18 7.52
C GLY A 1 -3.78 -11.44 8.20
N SER A 2 -3.82 -11.67 9.50
CA SER A 2 -2.61 -11.93 10.27
C SER A 2 -2.84 -13.05 11.28
N SER A 3 -1.75 -13.53 11.88
CA SER A 3 -1.84 -14.61 12.86
C SER A 3 -1.37 -14.12 14.24
N GLY A 4 -0.35 -13.27 14.23
CA GLY A 4 0.17 -12.74 15.48
C GLY A 4 -0.79 -11.79 16.16
N SER A 5 -1.22 -10.78 15.43
CA SER A 5 -2.15 -9.78 15.97
C SER A 5 -3.53 -10.40 16.19
N SER A 6 -4.30 -9.81 17.10
CA SER A 6 -5.64 -10.29 17.39
C SER A 6 -6.50 -10.35 16.14
N GLY A 7 -6.52 -9.24 15.39
CA GLY A 7 -7.29 -9.17 14.17
C GLY A 7 -6.50 -8.64 13.00
N HIS A 8 -7.18 -8.00 12.06
CA HIS A 8 -6.53 -7.44 10.88
C HIS A 8 -5.80 -6.14 11.23
N LYS A 9 -4.73 -5.85 10.49
CA LYS A 9 -3.95 -4.64 10.71
C LYS A 9 -4.30 -3.57 9.68
N GLU A 10 -5.44 -3.73 9.02
CA GLU A 10 -5.88 -2.78 8.01
C GLU A 10 -5.97 -1.37 8.59
N PHE A 11 -5.83 -0.37 7.72
CA PHE A 11 -5.90 1.02 8.15
C PHE A 11 -6.91 1.80 7.32
N ALA A 12 -7.84 2.47 8.01
CA ALA A 12 -8.86 3.25 7.33
C ALA A 12 -8.27 4.50 6.70
N VAL A 13 -8.29 4.56 5.37
CA VAL A 13 -7.75 5.70 4.64
C VAL A 13 -8.77 6.24 3.65
N THR A 14 -8.49 7.42 3.10
CA THR A 14 -9.37 8.05 2.13
C THR A 14 -8.60 8.52 0.89
N MET A 15 -9.25 8.43 -0.27
CA MET A 15 -8.62 8.84 -1.52
C MET A 15 -8.75 10.35 -1.71
N ARG A 16 -7.63 11.06 -1.57
CA ARG A 16 -7.63 12.50 -1.74
C ARG A 16 -7.67 12.89 -3.22
N PRO A 17 -8.15 14.11 -3.50
CA PRO A 17 -8.26 14.62 -4.87
C PRO A 17 -6.88 14.90 -5.49
N THR A 18 -6.46 14.04 -6.40
CA THR A 18 -5.18 14.19 -7.07
C THR A 18 -5.32 14.10 -8.58
N GLU A 19 -4.25 14.39 -9.30
CA GLU A 19 -4.26 14.34 -10.75
C GLU A 19 -4.31 12.89 -11.23
N ALA A 20 -3.78 11.98 -10.42
CA ALA A 20 -3.76 10.56 -10.76
C ALA A 20 -5.07 9.89 -10.38
N SER A 21 -5.69 10.37 -9.30
CA SER A 21 -6.94 9.81 -8.82
C SER A 21 -8.09 10.16 -9.77
N GLU A 22 -8.03 11.36 -10.34
CA GLU A 22 -9.06 11.81 -11.26
C GLU A 22 -9.03 11.00 -12.55
N ARG A 23 -7.82 10.67 -13.00
CA ARG A 23 -7.64 9.90 -14.23
C ARG A 23 -7.84 8.41 -13.97
N CYS A 24 -7.37 7.95 -12.81
CA CYS A 24 -7.49 6.55 -12.45
C CYS A 24 -8.95 6.17 -12.19
N HIS A 25 -9.81 7.18 -12.18
CA HIS A 25 -11.24 6.96 -11.95
C HIS A 25 -11.47 6.38 -10.55
N LEU A 26 -10.63 6.76 -9.60
CA LEU A 26 -10.75 6.28 -8.23
C LEU A 26 -11.06 7.43 -7.27
N ARG A 27 -12.18 7.31 -6.56
CA ARG A 27 -12.59 8.33 -5.61
C ARG A 27 -13.32 7.72 -4.43
N GLY A 28 -13.34 8.44 -3.31
CA GLY A 28 -14.01 7.94 -2.12
C GLY A 28 -13.05 7.33 -1.12
N SER A 29 -13.58 6.77 -0.05
CA SER A 29 -12.76 6.15 0.99
C SER A 29 -12.50 4.69 0.66
N TYR A 30 -11.25 4.26 0.88
CA TYR A 30 -10.86 2.88 0.61
C TYR A 30 -10.15 2.27 1.82
N THR A 31 -9.82 0.99 1.72
CA THR A 31 -9.14 0.29 2.79
C THR A 31 -7.67 0.04 2.44
N LEU A 32 -6.78 0.35 3.37
CA LEU A 32 -5.35 0.16 3.18
C LEU A 32 -4.86 -1.10 3.87
N ARG A 33 -3.86 -1.75 3.28
CA ARG A 33 -3.31 -2.98 3.85
C ARG A 33 -1.90 -3.23 3.32
N ALA A 34 -1.20 -4.17 3.93
CA ALA A 34 0.16 -4.50 3.52
C ALA A 34 0.32 -6.01 3.35
N GLY A 35 0.30 -6.47 2.10
CA GLY A 35 0.45 -7.88 1.82
C GLY A 35 1.86 -8.38 2.07
N GLU A 36 2.21 -9.50 1.44
CA GLU A 36 3.53 -10.08 1.60
C GLU A 36 4.46 -9.65 0.47
N SER A 37 3.98 -9.76 -0.76
CA SER A 37 4.77 -9.38 -1.93
C SER A 37 4.25 -8.07 -2.53
N ALA A 38 2.95 -7.84 -2.40
CA ALA A 38 2.34 -6.62 -2.92
C ALA A 38 1.41 -5.98 -1.89
N LEU A 39 0.91 -4.80 -2.20
CA LEU A 39 0.01 -4.08 -1.31
C LEU A 39 -1.43 -4.55 -1.48
N GLU A 40 -2.24 -4.33 -0.45
CA GLU A 40 -3.64 -4.74 -0.49
C GLU A 40 -4.56 -3.54 -0.31
N LEU A 41 -5.44 -3.31 -1.28
CA LEU A 41 -6.36 -2.18 -1.24
C LEU A 41 -7.78 -2.63 -1.63
N TRP A 42 -8.64 -2.78 -0.62
CA TRP A 42 -10.01 -3.19 -0.87
C TRP A 42 -10.87 -2.02 -1.33
N GLY A 43 -11.68 -2.25 -2.35
CA GLY A 43 -12.54 -1.20 -2.87
C GLY A 43 -13.52 -0.69 -1.84
N GLY A 44 -14.50 -1.54 -1.49
CA GLY A 44 -15.49 -1.16 -0.51
C GLY A 44 -16.37 -2.32 -0.07
N PRO A 45 -17.59 -2.38 -0.61
CA PRO A 45 -18.54 -3.46 -0.28
C PRO A 45 -18.11 -4.81 -0.86
N GLU A 46 -18.91 -5.83 -0.60
CA GLU A 46 -18.62 -7.18 -1.09
C GLU A 46 -18.67 -7.22 -2.62
N PRO A 47 -18.05 -8.26 -3.19
CA PRO A 47 -17.34 -9.29 -2.43
C PRO A 47 -16.07 -8.76 -1.77
N GLY A 48 -15.51 -7.70 -2.34
CA GLY A 48 -14.30 -7.12 -1.80
C GLY A 48 -13.05 -7.87 -2.22
N THR A 49 -12.30 -7.31 -3.16
CA THR A 49 -11.09 -7.92 -3.65
C THR A 49 -9.99 -6.89 -3.87
N GLN A 50 -8.76 -7.37 -4.09
CA GLN A 50 -7.62 -6.49 -4.31
C GLN A 50 -7.33 -6.34 -5.79
N LEU A 51 -7.61 -5.17 -6.34
CA LEU A 51 -7.37 -4.90 -7.76
C LEU A 51 -6.35 -3.78 -7.93
N TYR A 52 -6.35 -2.84 -7.00
CA TYR A 52 -5.42 -1.72 -7.06
C TYR A 52 -4.11 -2.04 -6.33
N ASP A 53 -4.00 -3.28 -5.86
CA ASP A 53 -2.80 -3.72 -5.16
C ASP A 53 -1.54 -3.42 -5.96
N TRP A 54 -0.61 -2.72 -5.33
CA TRP A 54 0.65 -2.36 -6.00
C TRP A 54 1.82 -3.13 -5.40
N PRO A 55 2.56 -3.84 -6.25
CA PRO A 55 3.73 -4.62 -5.84
C PRO A 55 4.89 -3.75 -5.39
N TYR A 56 5.25 -3.84 -4.12
CA TYR A 56 6.35 -3.05 -3.57
C TYR A 56 7.53 -3.03 -4.53
N ARG A 57 7.92 -4.21 -5.02
CA ARG A 57 9.04 -4.32 -5.95
C ARG A 57 8.99 -3.21 -7.00
N PHE A 58 7.78 -2.89 -7.45
CA PHE A 58 7.60 -1.84 -8.45
C PHE A 58 7.89 -0.47 -7.87
N LEU A 59 7.33 -0.20 -6.69
CA LEU A 59 7.52 1.08 -6.02
C LEU A 59 9.00 1.39 -5.87
N ARG A 60 9.39 2.61 -6.22
CA ARG A 60 10.77 3.04 -6.12
C ARG A 60 11.06 3.62 -4.74
N ARG A 61 10.33 4.67 -4.39
CA ARG A 61 10.51 5.33 -3.10
C ARG A 61 9.17 5.80 -2.54
N PHE A 62 9.14 6.06 -1.24
CA PHE A 62 7.91 6.53 -0.58
C PHE A 62 8.25 7.23 0.73
N GLY A 63 7.33 8.09 1.19
CA GLY A 63 7.54 8.80 2.43
C GLY A 63 6.26 8.98 3.22
N ARG A 64 6.10 8.20 4.28
CA ARG A 64 4.91 8.27 5.12
C ARG A 64 4.87 9.58 5.90
N ASP A 65 3.68 10.15 6.03
CA ASP A 65 3.51 11.40 6.75
C ASP A 65 2.75 11.18 8.06
N LYS A 66 2.57 12.26 8.81
CA LYS A 66 1.86 12.18 10.09
C LYS A 66 0.44 11.67 9.89
N VAL A 67 -0.35 12.41 9.11
CA VAL A 67 -1.72 12.03 8.84
C VAL A 67 -1.94 11.77 7.35
N THR A 68 -0.85 11.55 6.64
CA THR A 68 -0.92 11.28 5.20
C THR A 68 0.14 10.27 4.78
N PHE A 69 -0.12 9.57 3.67
CA PHE A 69 0.80 8.57 3.16
C PHE A 69 0.90 8.64 1.64
N SER A 70 2.06 9.06 1.15
CA SER A 70 2.28 9.18 -0.29
C SER A 70 3.39 8.24 -0.75
N PHE A 71 3.43 7.98 -2.05
CA PHE A 71 4.44 7.09 -2.62
C PHE A 71 4.52 7.26 -4.14
N GLU A 72 5.61 6.74 -4.73
CA GLU A 72 5.79 6.84 -6.17
C GLU A 72 5.59 5.48 -6.83
N ALA A 73 4.51 5.35 -7.59
CA ALA A 73 4.20 4.11 -8.28
C ALA A 73 4.97 4.00 -9.60
N GLY A 74 5.63 2.86 -9.80
CA GLY A 74 6.39 2.65 -11.01
C GLY A 74 5.51 2.34 -12.21
N ARG A 75 6.11 2.31 -13.39
CA ARG A 75 5.37 2.02 -14.61
C ARG A 75 4.93 0.55 -14.66
N ARG A 76 4.15 0.19 -15.67
CA ARG A 76 3.66 -1.16 -15.81
C ARG A 76 2.78 -1.55 -14.63
N CYS A 77 1.90 -0.65 -14.23
CA CYS A 77 1.00 -0.90 -13.12
C CYS A 77 -0.45 -1.03 -13.60
N VAL A 78 -1.27 -1.72 -12.81
CA VAL A 78 -2.67 -1.92 -13.15
C VAL A 78 -3.36 -0.59 -13.42
N SER A 79 -3.30 0.31 -12.44
CA SER A 79 -3.93 1.63 -12.56
C SER A 79 -3.04 2.57 -13.37
N GLY A 80 -1.74 2.48 -13.14
CA GLY A 80 -0.80 3.34 -13.85
C GLY A 80 0.12 4.11 -12.91
N GLU A 81 1.18 4.67 -13.47
CA GLU A 81 2.15 5.43 -12.67
C GLU A 81 1.58 6.80 -12.30
N GLY A 82 2.08 7.36 -11.20
CA GLY A 82 1.62 8.66 -10.76
C GLY A 82 1.71 8.84 -9.26
N ASN A 83 1.29 10.00 -8.77
CA ASN A 83 1.33 10.27 -7.34
C ASN A 83 0.03 9.84 -6.66
N PHE A 84 0.16 9.20 -5.50
CA PHE A 84 -1.00 8.72 -4.76
C PHE A 84 -0.91 9.15 -3.29
N GLU A 85 -1.98 9.75 -2.80
CA GLU A 85 -2.03 10.21 -1.41
C GLU A 85 -3.12 9.49 -0.64
N PHE A 86 -3.00 9.48 0.68
CA PHE A 86 -3.99 8.83 1.55
C PHE A 86 -4.21 9.63 2.83
N GLU A 87 -5.44 9.63 3.31
CA GLU A 87 -5.79 10.35 4.52
C GLU A 87 -5.49 9.52 5.76
N THR A 88 -4.65 8.50 5.59
CA THR A 88 -4.28 7.61 6.69
C THR A 88 -3.78 8.42 7.89
N ARG A 89 -3.97 7.87 9.08
CA ARG A 89 -3.53 8.53 10.31
C ARG A 89 -2.27 7.87 10.86
N GLN A 90 -2.17 6.56 10.69
CA GLN A 90 -1.02 5.81 11.18
C GLN A 90 0.19 6.03 10.27
N GLY A 91 0.11 5.51 9.05
CA GLY A 91 1.21 5.66 8.11
C GLY A 91 2.44 4.88 8.52
N ASN A 92 3.16 5.40 9.51
CA ASN A 92 4.37 4.75 9.99
C ASN A 92 4.21 3.23 9.99
N GLU A 93 3.08 2.76 10.52
CA GLU A 93 2.81 1.33 10.58
C GLU A 93 2.84 0.71 9.19
N ILE A 94 2.15 1.34 8.24
CA ILE A 94 2.09 0.85 6.87
C ILE A 94 3.49 0.84 6.25
N PHE A 95 4.16 1.98 6.31
CA PHE A 95 5.51 2.11 5.75
C PHE A 95 6.41 0.97 6.23
N LEU A 96 6.28 0.62 7.51
CA LEU A 96 7.08 -0.45 8.09
C LEU A 96 6.69 -1.80 7.51
N ALA A 97 5.40 -2.05 7.41
CA ALA A 97 4.89 -3.30 6.86
C ALA A 97 5.48 -3.57 5.47
N LEU A 98 5.52 -2.54 4.65
CA LEU A 98 6.06 -2.65 3.29
C LEU A 98 7.54 -3.01 3.33
N GLU A 99 8.32 -2.21 4.05
CA GLU A 99 9.75 -2.44 4.17
C GLU A 99 10.04 -3.84 4.71
N GLU A 100 9.31 -4.23 5.75
CA GLU A 100 9.48 -5.55 6.35
C GLU A 100 9.45 -6.64 5.29
N ALA A 101 8.44 -6.59 4.42
CA ALA A 101 8.29 -7.58 3.36
C ALA A 101 9.45 -7.50 2.37
N ILE A 102 9.75 -6.28 1.92
CA ILE A 102 10.84 -6.08 0.98
C ILE A 102 12.15 -6.65 1.50
N SER A 103 12.43 -6.41 2.78
CA SER A 103 13.65 -6.90 3.41
C SER A 103 13.60 -8.43 3.58
N ALA A 104 12.49 -8.92 4.12
CA ALA A 104 12.31 -10.35 4.33
C ALA A 104 12.46 -11.12 3.02
N GLN A 105 11.68 -10.75 2.02
CA GLN A 105 11.73 -11.40 0.72
C GLN A 105 13.12 -11.34 0.13
N LYS A 106 13.75 -10.17 0.24
CA LYS A 106 15.10 -9.97 -0.28
C LYS A 106 15.99 -11.17 0.02
N ASN A 107 16.04 -11.56 1.30
CA ASN A 107 16.85 -12.69 1.71
C ASN A 107 16.46 -13.96 0.96
N SER A 108 17.22 -15.03 1.14
CA SER A 108 16.96 -16.29 0.48
C SER A 108 17.45 -17.47 1.31
N GLY A 109 16.85 -18.63 1.10
CA GLY A 109 17.24 -19.82 1.84
C GLY A 109 16.37 -20.04 3.07
N PRO A 110 17.00 -19.95 4.25
CA PRO A 110 16.31 -20.14 5.53
C PRO A 110 15.34 -19.01 5.84
N SER A 111 14.26 -19.34 6.56
CA SER A 111 13.25 -18.34 6.92
C SER A 111 13.78 -17.41 8.01
N SER A 112 14.31 -17.99 9.07
CA SER A 112 14.83 -17.21 10.18
C SER A 112 13.81 -16.19 10.67
N GLY A 113 12.54 -16.61 10.72
CA GLY A 113 11.49 -15.71 11.17
C GLY A 113 11.69 -14.30 10.68
N GLY A 1 13.54 -22.01 10.04
CA GLY A 1 13.32 -20.74 9.37
C GLY A 1 12.25 -19.91 10.06
N SER A 2 11.84 -18.82 9.40
CA SER A 2 10.82 -17.94 9.96
C SER A 2 9.44 -18.59 9.90
N SER A 3 8.68 -18.43 10.97
CA SER A 3 7.34 -19.01 11.05
C SER A 3 6.30 -17.94 11.41
N GLY A 4 5.26 -17.85 10.61
CA GLY A 4 4.21 -16.87 10.86
C GLY A 4 4.03 -15.91 9.70
N SER A 5 4.52 -14.68 9.87
CA SER A 5 4.40 -13.67 8.84
C SER A 5 2.95 -13.44 8.45
N SER A 6 2.08 -13.41 9.46
CA SER A 6 0.64 -13.19 9.23
C SER A 6 0.14 -12.00 10.03
N GLY A 7 -0.95 -11.39 9.55
CA GLY A 7 -1.52 -10.25 10.24
C GLY A 7 -2.60 -9.57 9.43
N HIS A 8 -2.27 -9.16 8.21
CA HIS A 8 -3.22 -8.50 7.33
C HIS A 8 -3.82 -7.26 8.01
N LYS A 9 -2.97 -6.51 8.70
CA LYS A 9 -3.40 -5.30 9.39
C LYS A 9 -3.87 -4.25 8.39
N GLU A 10 -5.15 -3.89 8.47
CA GLU A 10 -5.72 -2.89 7.58
C GLU A 10 -5.70 -1.51 8.23
N PHE A 11 -5.89 -0.48 7.41
CA PHE A 11 -5.89 0.90 7.90
C PHE A 11 -6.85 1.77 7.09
N ALA A 12 -7.75 2.46 7.78
CA ALA A 12 -8.72 3.32 7.13
C ALA A 12 -8.04 4.57 6.55
N VAL A 13 -8.31 4.83 5.28
CA VAL A 13 -7.73 5.99 4.61
C VAL A 13 -8.74 6.66 3.69
N THR A 14 -8.59 7.97 3.49
CA THR A 14 -9.49 8.73 2.64
C THR A 14 -8.76 9.25 1.41
N MET A 15 -9.46 9.28 0.27
CA MET A 15 -8.89 9.77 -0.97
C MET A 15 -8.47 11.23 -0.84
N ARG A 16 -7.19 11.50 -1.07
CA ARG A 16 -6.67 12.86 -0.97
C ARG A 16 -6.54 13.49 -2.36
N PRO A 17 -6.65 14.82 -2.41
CA PRO A 17 -6.55 15.57 -3.67
C PRO A 17 -5.14 15.57 -4.24
N THR A 18 -4.98 14.95 -5.41
CA THR A 18 -3.67 14.88 -6.06
C THR A 18 -3.81 14.99 -7.57
N GLU A 19 -2.67 15.07 -8.25
CA GLU A 19 -2.66 15.18 -9.70
C GLU A 19 -3.19 13.90 -10.35
N ALA A 20 -3.11 12.79 -9.61
CA ALA A 20 -3.56 11.51 -10.11
C ALA A 20 -5.04 11.29 -9.77
N SER A 21 -5.42 11.66 -8.56
CA SER A 21 -6.80 11.49 -8.11
C SER A 21 -7.78 11.87 -9.21
N GLU A 22 -7.50 12.98 -9.89
CA GLU A 22 -8.36 13.45 -10.97
C GLU A 22 -8.47 12.41 -12.07
N ARG A 23 -7.32 11.83 -12.45
CA ARG A 23 -7.29 10.82 -13.49
C ARG A 23 -7.96 9.53 -13.03
N CYS A 24 -7.53 9.03 -11.88
CA CYS A 24 -8.08 7.80 -11.32
C CYS A 24 -9.57 7.94 -11.07
N HIS A 25 -9.99 9.15 -10.70
CA HIS A 25 -11.40 9.42 -10.42
C HIS A 25 -11.86 8.66 -9.17
N LEU A 26 -11.02 8.65 -8.15
CA LEU A 26 -11.34 7.96 -6.90
C LEU A 26 -12.03 8.91 -5.92
N ARG A 27 -13.30 8.64 -5.64
CA ARG A 27 -14.07 9.47 -4.72
C ARG A 27 -14.61 8.64 -3.57
N GLY A 28 -14.38 9.12 -2.34
CA GLY A 28 -14.84 8.41 -1.18
C GLY A 28 -13.71 7.97 -0.27
N SER A 29 -13.84 6.78 0.31
CA SER A 29 -12.81 6.24 1.20
C SER A 29 -12.51 4.79 0.88
N TYR A 30 -11.22 4.46 0.81
CA TYR A 30 -10.81 3.10 0.51
C TYR A 30 -10.03 2.49 1.68
N THR A 31 -9.80 1.18 1.62
CA THR A 31 -9.07 0.49 2.67
C THR A 31 -7.64 0.20 2.25
N LEU A 32 -6.70 0.49 3.13
CA LEU A 32 -5.28 0.26 2.85
C LEU A 32 -4.79 -1.01 3.53
N ARG A 33 -3.98 -1.77 2.82
CA ARG A 33 -3.43 -3.01 3.35
C ARG A 33 -2.09 -3.35 2.70
N ALA A 34 -1.42 -4.37 3.23
CA ALA A 34 -0.12 -4.79 2.70
C ALA A 34 -0.07 -6.30 2.52
N GLY A 35 -0.08 -6.75 1.28
CA GLY A 35 -0.04 -8.17 0.99
C GLY A 35 1.38 -8.70 0.93
N GLU A 36 1.55 -9.88 0.35
CA GLU A 36 2.86 -10.49 0.22
C GLU A 36 3.67 -9.84 -0.90
N SER A 37 4.73 -9.14 -0.51
CA SER A 37 5.58 -8.46 -1.48
C SER A 37 4.75 -7.57 -2.40
N ALA A 38 3.67 -7.02 -1.87
CA ALA A 38 2.80 -6.16 -2.65
C ALA A 38 1.79 -5.44 -1.75
N LEU A 39 1.29 -4.31 -2.22
CA LEU A 39 0.32 -3.51 -1.46
C LEU A 39 -1.09 -4.03 -1.68
N GLU A 40 -1.91 -3.99 -0.62
CA GLU A 40 -3.28 -4.46 -0.70
C GLU A 40 -4.25 -3.29 -0.53
N LEU A 41 -5.34 -3.32 -1.28
CA LEU A 41 -6.36 -2.27 -1.21
C LEU A 41 -7.73 -2.81 -1.63
N TRP A 42 -8.62 -2.97 -0.66
CA TRP A 42 -9.96 -3.47 -0.93
C TRP A 42 -10.88 -2.34 -1.39
N GLY A 43 -11.55 -2.55 -2.52
CA GLY A 43 -12.46 -1.54 -3.03
C GLY A 43 -13.25 -0.86 -1.94
N GLY A 44 -14.41 -1.44 -1.61
CA GLY A 44 -15.25 -0.87 -0.58
C GLY A 44 -16.29 -1.86 -0.07
N PRO A 45 -17.32 -2.11 -0.89
CA PRO A 45 -18.41 -3.03 -0.54
C PRO A 45 -17.95 -4.48 -0.52
N GLU A 46 -18.76 -5.35 0.08
CA GLU A 46 -18.42 -6.77 0.16
C GLU A 46 -19.00 -7.53 -1.03
N PRO A 47 -18.35 -8.64 -1.39
CA PRO A 47 -17.14 -9.11 -0.70
C PRO A 47 -15.94 -8.21 -0.93
N GLY A 48 -15.66 -7.92 -2.20
CA GLY A 48 -14.54 -7.07 -2.54
C GLY A 48 -13.27 -7.87 -2.81
N THR A 49 -12.31 -7.23 -3.48
CA THR A 49 -11.05 -7.89 -3.81
C THR A 49 -9.97 -6.86 -4.13
N GLN A 50 -8.72 -7.25 -3.91
CA GLN A 50 -7.59 -6.36 -4.17
C GLN A 50 -7.33 -6.24 -5.67
N LEU A 51 -7.61 -5.07 -6.23
CA LEU A 51 -7.41 -4.83 -7.65
C LEU A 51 -6.38 -3.72 -7.87
N TYR A 52 -6.24 -2.85 -6.87
CA TYR A 52 -5.29 -1.74 -6.97
C TYR A 52 -3.98 -2.09 -6.29
N ASP A 53 -3.87 -3.33 -5.82
CA ASP A 53 -2.66 -3.79 -5.16
C ASP A 53 -1.43 -3.52 -6.01
N TRP A 54 -0.52 -2.70 -5.49
CA TRP A 54 0.70 -2.35 -6.20
C TRP A 54 1.90 -3.07 -5.61
N PRO A 55 2.59 -3.86 -6.43
CA PRO A 55 3.78 -4.62 -6.00
C PRO A 55 4.97 -3.71 -5.72
N TYR A 56 5.39 -3.66 -4.47
CA TYR A 56 6.52 -2.83 -4.06
C TYR A 56 7.63 -2.89 -5.11
N ARG A 57 8.13 -4.09 -5.37
CA ARG A 57 9.19 -4.29 -6.34
C ARG A 57 9.06 -3.30 -7.50
N PHE A 58 7.83 -3.05 -7.92
CA PHE A 58 7.55 -2.13 -9.01
C PHE A 58 7.64 -0.67 -8.54
N LEU A 59 7.08 -0.41 -7.37
CA LEU A 59 7.08 0.94 -6.80
C LEU A 59 8.50 1.50 -6.76
N ARG A 60 8.75 2.50 -7.60
CA ARG A 60 10.07 3.12 -7.66
C ARG A 60 10.50 3.63 -6.28
N ARG A 61 9.60 4.35 -5.62
CA ARG A 61 9.88 4.89 -4.29
C ARG A 61 8.60 5.10 -3.50
N PHE A 62 8.72 5.07 -2.18
CA PHE A 62 7.56 5.25 -1.30
C PHE A 62 7.99 5.78 0.06
N GLY A 63 7.00 6.08 0.91
CA GLY A 63 7.30 6.59 2.24
C GLY A 63 6.36 7.71 2.64
N ARG A 64 6.03 7.76 3.93
CA ARG A 64 5.13 8.79 4.45
C ARG A 64 5.90 10.04 4.82
N ASP A 65 5.26 11.20 4.69
CA ASP A 65 5.89 12.47 5.02
C ASP A 65 5.50 12.93 6.41
N LYS A 66 4.22 13.27 6.58
CA LYS A 66 3.71 13.73 7.87
C LYS A 66 2.29 13.23 8.10
N VAL A 67 2.14 12.30 9.04
CA VAL A 67 0.83 11.74 9.36
C VAL A 67 0.03 11.44 8.10
N THR A 68 0.74 11.09 7.03
CA THR A 68 0.10 10.77 5.76
C THR A 68 0.95 9.79 4.95
N PHE A 69 0.28 8.80 4.37
CA PHE A 69 0.96 7.79 3.55
C PHE A 69 0.97 8.18 2.08
N SER A 70 1.97 7.71 1.36
CA SER A 70 2.09 8.02 -0.07
C SER A 70 3.14 7.12 -0.73
N PHE A 71 3.08 7.04 -2.05
CA PHE A 71 4.03 6.23 -2.81
C PHE A 71 3.96 6.55 -4.29
N GLU A 72 4.82 5.89 -5.07
CA GLU A 72 4.86 6.11 -6.52
C GLU A 72 4.62 4.81 -7.27
N ALA A 73 3.52 4.77 -8.04
CA ALA A 73 3.18 3.59 -8.81
C ALA A 73 4.24 3.29 -9.86
N GLY A 74 4.81 4.34 -10.44
CA GLY A 74 5.83 4.16 -11.45
C GLY A 74 5.25 3.90 -12.82
N ARG A 75 4.06 4.43 -13.08
CA ARG A 75 3.39 4.24 -14.35
C ARG A 75 3.38 2.77 -14.76
N ARG A 76 3.29 1.89 -13.76
CA ARG A 76 3.27 0.45 -14.02
C ARG A 76 1.84 -0.07 -14.08
N CYS A 77 1.04 0.31 -13.10
CA CYS A 77 -0.35 -0.11 -13.04
C CYS A 77 -1.25 0.82 -13.84
N VAL A 78 -2.42 0.32 -14.24
CA VAL A 78 -3.36 1.11 -15.02
C VAL A 78 -3.77 2.37 -14.26
N SER A 79 -3.91 2.25 -12.95
CA SER A 79 -4.30 3.38 -12.11
C SER A 79 -3.73 4.68 -12.66
N GLY A 80 -2.52 4.62 -13.19
CA GLY A 80 -1.87 5.80 -13.73
C GLY A 80 -0.72 6.29 -12.88
N GLU A 81 0.19 7.04 -13.49
CA GLU A 81 1.34 7.57 -12.77
C GLU A 81 0.93 8.71 -11.85
N GLY A 82 1.55 8.78 -10.68
CA GLY A 82 1.24 9.83 -9.72
C GLY A 82 1.28 9.34 -8.29
N ASN A 83 1.46 10.26 -7.36
CA ASN A 83 1.53 9.91 -5.94
C ASN A 83 0.15 9.98 -5.30
N PHE A 84 -0.30 8.85 -4.77
CA PHE A 84 -1.62 8.77 -4.13
C PHE A 84 -1.50 8.91 -2.62
N GLU A 85 -1.86 10.08 -2.11
CA GLU A 85 -1.79 10.35 -0.68
C GLU A 85 -2.99 9.75 0.05
N PHE A 86 -2.73 9.14 1.20
CA PHE A 86 -3.79 8.52 1.99
C PHE A 86 -3.95 9.22 3.34
N GLU A 87 -5.18 9.59 3.67
CA GLU A 87 -5.47 10.27 4.93
C GLU A 87 -5.57 9.27 6.07
N THR A 88 -4.55 9.24 6.91
CA THR A 88 -4.52 8.33 8.06
C THR A 88 -3.44 8.73 9.06
N ARG A 89 -3.57 8.24 10.28
CA ARG A 89 -2.60 8.54 11.32
C ARG A 89 -1.58 7.42 11.47
N GLN A 90 -2.02 6.19 11.22
CA GLN A 90 -1.14 5.04 11.33
C GLN A 90 -0.23 4.92 10.10
N GLY A 91 -0.24 5.97 9.27
CA GLY A 91 0.58 5.96 8.07
C GLY A 91 1.89 5.23 8.27
N ASN A 92 2.58 5.54 9.37
CA ASN A 92 3.86 4.90 9.67
C ASN A 92 3.76 3.39 9.55
N GLU A 93 2.79 2.81 10.26
CA GLU A 93 2.59 1.37 10.24
C GLU A 93 2.59 0.84 8.81
N ILE A 94 1.80 1.48 7.94
CA ILE A 94 1.70 1.08 6.55
C ILE A 94 3.07 1.12 5.88
N PHE A 95 3.80 2.22 6.07
CA PHE A 95 5.13 2.37 5.49
C PHE A 95 6.08 1.29 5.99
N LEU A 96 6.03 1.03 7.29
CA LEU A 96 6.89 0.02 7.89
C LEU A 96 6.53 -1.37 7.39
N ALA A 97 5.24 -1.62 7.20
CA ALA A 97 4.77 -2.91 6.72
C ALA A 97 5.39 -3.24 5.36
N LEU A 98 5.47 -2.25 4.49
CA LEU A 98 6.03 -2.44 3.15
C LEU A 98 7.53 -2.73 3.25
N GLU A 99 8.22 -1.98 4.10
CA GLU A 99 9.65 -2.15 4.28
C GLU A 99 9.96 -3.50 4.91
N GLU A 100 9.13 -3.91 5.86
CA GLU A 100 9.32 -5.18 6.54
C GLU A 100 9.25 -6.35 5.57
N ALA A 101 8.21 -6.35 4.74
CA ALA A 101 8.02 -7.41 3.75
C ALA A 101 9.20 -7.48 2.79
N ILE A 102 9.64 -6.32 2.32
CA ILE A 102 10.77 -6.26 1.39
C ILE A 102 12.06 -6.70 2.07
N SER A 103 12.40 -6.06 3.17
CA SER A 103 13.61 -6.39 3.92
C SER A 103 13.78 -7.90 4.04
N ALA A 104 12.71 -8.57 4.41
CA ALA A 104 12.72 -10.02 4.56
C ALA A 104 13.23 -10.70 3.30
N GLN A 105 12.69 -10.28 2.15
CA GLN A 105 13.09 -10.85 0.87
C GLN A 105 14.61 -10.99 0.78
N LYS A 106 15.32 -9.90 1.04
CA LYS A 106 16.77 -9.91 0.99
C LYS A 106 17.35 -10.28 2.36
N ASN A 107 18.60 -10.73 2.36
CA ASN A 107 19.28 -11.12 3.58
C ASN A 107 20.57 -10.32 3.78
N SER A 108 20.60 -9.50 4.83
CA SER A 108 21.77 -8.68 5.12
C SER A 108 23.05 -9.49 5.00
N GLY A 109 23.08 -10.66 5.66
CA GLY A 109 24.24 -11.51 5.61
C GLY A 109 24.45 -12.28 6.90
N PRO A 110 25.03 -11.62 7.91
CA PRO A 110 25.29 -12.23 9.22
C PRO A 110 24.00 -12.50 9.99
N SER A 111 23.82 -13.76 10.39
CA SER A 111 22.63 -14.16 11.13
C SER A 111 22.44 -13.27 12.37
N SER A 112 23.53 -13.03 13.09
CA SER A 112 23.48 -12.20 14.29
C SER A 112 22.45 -12.73 15.27
N GLY A 113 22.42 -14.04 15.44
CA GLY A 113 21.47 -14.65 16.35
C GLY A 113 20.04 -14.24 16.07
N GLY A 1 7.22 -12.92 29.40
CA GLY A 1 5.84 -13.33 29.56
C GLY A 1 5.30 -14.07 28.35
N SER A 2 4.05 -13.79 27.99
CA SER A 2 3.43 -14.44 26.86
C SER A 2 3.35 -13.50 25.66
N SER A 3 2.87 -14.02 24.53
CA SER A 3 2.76 -13.22 23.31
C SER A 3 1.33 -13.25 22.78
N GLY A 4 0.78 -12.07 22.48
CA GLY A 4 -0.56 -11.99 21.96
C GLY A 4 -0.73 -12.71 20.65
N SER A 5 -1.72 -12.31 19.85
CA SER A 5 -1.99 -12.94 18.57
C SER A 5 -2.35 -11.89 17.52
N SER A 6 -1.43 -11.66 16.59
CA SER A 6 -1.65 -10.68 15.53
C SER A 6 -1.44 -11.31 14.16
N GLY A 7 -1.91 -10.62 13.12
CA GLY A 7 -1.76 -11.12 11.77
C GLY A 7 -2.25 -10.14 10.73
N HIS A 8 -3.53 -10.23 10.38
CA HIS A 8 -4.12 -9.34 9.38
C HIS A 8 -4.34 -7.95 9.96
N LYS A 9 -3.67 -6.96 9.40
CA LYS A 9 -3.80 -5.58 9.85
C LYS A 9 -4.16 -4.65 8.70
N GLU A 10 -5.25 -3.90 8.87
CA GLU A 10 -5.69 -2.96 7.83
C GLU A 10 -5.47 -1.52 8.28
N PHE A 11 -5.80 -0.58 7.39
CA PHE A 11 -5.63 0.84 7.69
C PHE A 11 -6.62 1.68 6.89
N ALA A 12 -7.35 2.54 7.57
CA ALA A 12 -8.33 3.40 6.93
C ALA A 12 -7.66 4.59 6.25
N VAL A 13 -7.81 4.67 4.94
CA VAL A 13 -7.22 5.77 4.17
C VAL A 13 -8.27 6.48 3.32
N THR A 14 -8.27 7.81 3.40
CA THR A 14 -9.22 8.62 2.64
C THR A 14 -8.59 9.14 1.35
N MET A 15 -9.23 8.85 0.22
CA MET A 15 -8.74 9.31 -1.07
C MET A 15 -8.61 10.82 -1.11
N ARG A 16 -7.38 11.31 -1.08
CA ARG A 16 -7.12 12.75 -1.11
C ARG A 16 -7.15 13.28 -2.54
N PRO A 17 -7.75 14.46 -2.72
CA PRO A 17 -7.85 15.10 -4.04
C PRO A 17 -6.50 15.59 -4.55
N THR A 18 -5.86 14.78 -5.38
CA THR A 18 -4.56 15.13 -5.95
C THR A 18 -4.63 15.23 -7.46
N GLU A 19 -3.50 15.58 -8.08
CA GLU A 19 -3.44 15.72 -9.53
C GLU A 19 -3.66 14.37 -10.21
N ALA A 20 -2.97 13.35 -9.73
CA ALA A 20 -3.09 12.01 -10.30
C ALA A 20 -4.48 11.43 -10.03
N SER A 21 -4.90 11.45 -8.78
CA SER A 21 -6.21 10.93 -8.40
C SER A 21 -7.24 11.20 -9.48
N GLU A 22 -7.22 12.41 -10.01
CA GLU A 22 -8.16 12.81 -11.06
C GLU A 22 -8.35 11.68 -12.06
N ARG A 23 -7.28 11.31 -12.74
CA ARG A 23 -7.34 10.25 -13.73
C ARG A 23 -8.03 9.00 -13.17
N CYS A 24 -7.67 8.64 -11.94
CA CYS A 24 -8.26 7.47 -11.29
C CYS A 24 -9.73 7.70 -11.01
N HIS A 25 -10.11 8.96 -10.76
CA HIS A 25 -11.49 9.31 -10.47
C HIS A 25 -11.99 8.57 -9.23
N LEU A 26 -11.15 8.50 -8.21
CA LEU A 26 -11.50 7.83 -6.97
C LEU A 26 -12.09 8.82 -5.97
N ARG A 27 -13.31 8.55 -5.52
CA ARG A 27 -14.00 9.41 -4.57
C ARG A 27 -14.42 8.62 -3.33
N GLY A 28 -14.10 9.17 -2.16
CA GLY A 28 -14.46 8.50 -0.91
C GLY A 28 -13.24 7.98 -0.17
N SER A 29 -13.37 6.80 0.44
CA SER A 29 -12.28 6.21 1.19
C SER A 29 -12.17 4.72 0.89
N TYR A 30 -10.93 4.22 0.87
CA TYR A 30 -10.69 2.81 0.59
C TYR A 30 -9.93 2.14 1.74
N THR A 31 -9.76 0.83 1.65
CA THR A 31 -9.07 0.08 2.68
C THR A 31 -7.63 -0.20 2.29
N LEU A 32 -6.69 0.18 3.15
CA LEU A 32 -5.27 -0.03 2.88
C LEU A 32 -4.75 -1.25 3.63
N ARG A 33 -3.94 -2.06 2.96
CA ARG A 33 -3.37 -3.26 3.57
C ARG A 33 -2.00 -3.57 2.98
N ALA A 34 -1.16 -4.23 3.78
CA ALA A 34 0.18 -4.59 3.34
C ALA A 34 0.39 -6.10 3.36
N GLY A 35 0.71 -6.65 2.19
CA GLY A 35 0.92 -8.08 2.09
C GLY A 35 2.36 -8.48 2.35
N GLU A 36 2.86 -9.45 1.59
CA GLU A 36 4.24 -9.91 1.75
C GLU A 36 5.04 -9.66 0.48
N SER A 37 4.40 -9.83 -0.67
CA SER A 37 5.05 -9.64 -1.95
C SER A 37 4.56 -8.35 -2.63
N ALA A 38 3.27 -8.07 -2.47
CA ALA A 38 2.67 -6.88 -3.05
C ALA A 38 1.76 -6.18 -2.05
N LEU A 39 1.26 -5.00 -2.44
CA LEU A 39 0.37 -4.23 -1.58
C LEU A 39 -1.06 -4.72 -1.69
N GLU A 40 -1.86 -4.41 -0.68
CA GLU A 40 -3.26 -4.81 -0.65
C GLU A 40 -4.18 -3.62 -0.44
N LEU A 41 -5.28 -3.57 -1.21
CA LEU A 41 -6.23 -2.49 -1.10
C LEU A 41 -7.63 -2.95 -1.51
N TRP A 42 -8.48 -3.17 -0.51
CA TRP A 42 -9.85 -3.62 -0.77
C TRP A 42 -10.74 -2.44 -1.13
N GLY A 43 -11.54 -2.61 -2.18
CA GLY A 43 -12.44 -1.55 -2.61
C GLY A 43 -13.26 -0.99 -1.47
N GLY A 44 -14.20 -1.78 -0.97
CA GLY A 44 -15.05 -1.33 0.13
C GLY A 44 -16.08 -2.37 0.52
N PRO A 45 -17.26 -2.29 -0.10
CA PRO A 45 -18.36 -3.23 0.17
C PRO A 45 -18.08 -4.64 -0.34
N GLU A 46 -18.97 -5.57 -0.04
CA GLU A 46 -18.81 -6.95 -0.47
C GLU A 46 -18.88 -7.07 -1.99
N PRO A 47 -18.22 -8.11 -2.53
CA PRO A 47 -17.47 -9.07 -1.74
C PRO A 47 -16.21 -8.47 -1.12
N GLY A 48 -15.40 -7.83 -1.95
CA GLY A 48 -14.17 -7.22 -1.47
C GLY A 48 -12.93 -7.98 -1.91
N THR A 49 -12.21 -7.42 -2.88
CA THR A 49 -11.00 -8.05 -3.39
C THR A 49 -9.90 -7.03 -3.61
N GLN A 50 -8.70 -7.51 -3.91
CA GLN A 50 -7.56 -6.63 -4.13
C GLN A 50 -7.25 -6.52 -5.63
N LEU A 51 -7.56 -5.36 -6.20
CA LEU A 51 -7.31 -5.12 -7.61
C LEU A 51 -6.32 -3.98 -7.81
N TYR A 52 -6.17 -3.15 -6.79
CA TYR A 52 -5.24 -2.02 -6.84
C TYR A 52 -3.91 -2.38 -6.22
N ASP A 53 -3.77 -3.64 -5.81
CA ASP A 53 -2.52 -4.11 -5.20
C ASP A 53 -1.33 -3.77 -6.07
N TRP A 54 -0.52 -2.82 -5.61
CA TRP A 54 0.67 -2.40 -6.35
C TRP A 54 1.89 -3.22 -5.94
N PRO A 55 2.54 -3.85 -6.92
CA PRO A 55 3.73 -4.68 -6.69
C PRO A 55 4.95 -3.85 -6.29
N TYR A 56 5.40 -4.04 -5.06
CA TYR A 56 6.55 -3.30 -4.55
C TYR A 56 7.69 -3.29 -5.58
N ARG A 57 8.11 -4.47 -5.99
CA ARG A 57 9.19 -4.60 -6.96
C ARG A 57 9.14 -3.46 -7.98
N PHE A 58 7.93 -3.01 -8.29
CA PHE A 58 7.74 -1.93 -9.25
C PHE A 58 7.80 -0.56 -8.55
N LEU A 59 7.15 -0.47 -7.39
CA LEU A 59 7.13 0.77 -6.63
C LEU A 59 8.54 1.30 -6.42
N ARG A 60 8.91 2.31 -7.19
CA ARG A 60 10.24 2.91 -7.08
C ARG A 60 10.56 3.25 -5.63
N ARG A 61 9.76 4.11 -5.03
CA ARG A 61 9.97 4.52 -3.64
C ARG A 61 8.65 4.88 -2.98
N PHE A 62 8.65 4.99 -1.66
CA PHE A 62 7.45 5.33 -0.90
C PHE A 62 7.82 5.85 0.49
N GLY A 63 6.93 6.64 1.07
CA GLY A 63 7.17 7.18 2.39
C GLY A 63 5.88 7.48 3.14
N ARG A 64 6.01 7.84 4.41
CA ARG A 64 4.85 8.15 5.24
C ARG A 64 5.00 9.52 5.89
N ASP A 65 3.90 10.02 6.47
CA ASP A 65 3.91 11.32 7.12
C ASP A 65 3.12 11.28 8.42
N LYS A 66 3.09 12.39 9.13
CA LYS A 66 2.38 12.48 10.40
C LYS A 66 0.96 11.93 10.27
N VAL A 67 0.12 12.64 9.51
CA VAL A 67 -1.26 12.21 9.31
C VAL A 67 -1.53 11.93 7.83
N THR A 68 -0.46 11.73 7.06
CA THR A 68 -0.58 11.46 5.64
C THR A 68 0.38 10.35 5.21
N PHE A 69 0.06 9.71 4.09
CA PHE A 69 0.89 8.63 3.58
C PHE A 69 0.72 8.48 2.06
N SER A 70 1.83 8.56 1.34
CA SER A 70 1.80 8.44 -0.11
C SER A 70 2.95 7.55 -0.61
N PHE A 71 2.95 7.28 -1.91
CA PHE A 71 3.99 6.45 -2.51
C PHE A 71 4.16 6.79 -3.99
N GLU A 72 5.14 6.14 -4.62
CA GLU A 72 5.41 6.37 -6.04
C GLU A 72 5.12 5.11 -6.85
N ALA A 73 4.21 5.24 -7.83
CA ALA A 73 3.85 4.11 -8.68
C ALA A 73 4.30 4.35 -10.12
N GLY A 74 4.65 3.27 -10.81
CA GLY A 74 5.09 3.38 -12.19
C GLY A 74 3.97 3.16 -13.18
N ARG A 75 4.11 3.71 -14.38
CA ARG A 75 3.10 3.57 -15.42
C ARG A 75 2.65 2.12 -15.54
N ARG A 76 3.60 1.19 -15.42
CA ARG A 76 3.31 -0.23 -15.52
C ARG A 76 2.00 -0.56 -14.81
N CYS A 77 1.80 0.02 -13.64
CA CYS A 77 0.59 -0.22 -12.86
C CYS A 77 -0.64 0.29 -13.59
N VAL A 78 -1.76 -0.39 -13.40
CA VAL A 78 -3.01 -0.01 -14.04
C VAL A 78 -3.48 1.36 -13.56
N SER A 79 -3.26 1.64 -12.28
CA SER A 79 -3.66 2.90 -11.70
C SER A 79 -3.12 4.08 -12.51
N GLY A 80 -1.85 3.98 -12.90
CA GLY A 80 -1.24 5.04 -13.68
C GLY A 80 -0.10 5.73 -12.93
N GLU A 81 0.79 6.37 -13.67
CA GLU A 81 1.92 7.06 -13.08
C GLU A 81 1.49 8.37 -12.43
N GLY A 82 1.96 8.63 -11.22
CA GLY A 82 1.60 9.84 -10.53
C GLY A 82 1.95 9.79 -9.04
N ASN A 83 1.05 10.27 -8.21
CA ASN A 83 1.26 10.29 -6.77
C ASN A 83 -0.05 10.11 -6.01
N PHE A 84 -0.07 9.17 -5.08
CA PHE A 84 -1.26 8.90 -4.28
C PHE A 84 -1.05 9.26 -2.82
N GLU A 85 -1.92 10.11 -2.29
CA GLU A 85 -1.82 10.53 -0.90
C GLU A 85 -3.00 10.00 -0.08
N PHE A 86 -2.71 9.57 1.14
CA PHE A 86 -3.74 9.04 2.02
C PHE A 86 -3.87 9.89 3.28
N GLU A 87 -5.11 10.19 3.66
CA GLU A 87 -5.37 11.00 4.85
C GLU A 87 -5.27 10.15 6.11
N THR A 88 -4.64 8.99 5.99
CA THR A 88 -4.49 8.08 7.12
C THR A 88 -3.59 8.69 8.19
N ARG A 89 -3.78 8.27 9.44
CA ARG A 89 -2.99 8.78 10.56
C ARG A 89 -1.86 7.80 10.90
N GLN A 90 -2.18 6.51 10.89
CA GLN A 90 -1.19 5.48 11.21
C GLN A 90 -0.33 5.16 9.99
N GLY A 91 -0.38 6.04 8.98
CA GLY A 91 0.40 5.84 7.77
C GLY A 91 1.75 5.21 8.06
N ASN A 92 2.35 5.57 9.20
CA ASN A 92 3.64 5.02 9.58
C ASN A 92 3.66 3.50 9.47
N GLU A 93 2.68 2.86 10.11
CA GLU A 93 2.58 1.41 10.09
C GLU A 93 2.56 0.89 8.65
N ILE A 94 1.70 1.48 7.83
CA ILE A 94 1.58 1.08 6.43
C ILE A 94 2.93 1.14 5.72
N PHE A 95 3.63 2.26 5.89
CA PHE A 95 4.93 2.44 5.26
C PHE A 95 5.92 1.38 5.74
N LEU A 96 5.99 1.23 7.06
CA LEU A 96 6.90 0.25 7.66
C LEU A 96 6.62 -1.15 7.13
N ALA A 97 5.37 -1.58 7.23
CA ALA A 97 4.96 -2.90 6.75
C ALA A 97 5.67 -3.24 5.44
N LEU A 98 5.61 -2.33 4.49
CA LEU A 98 6.23 -2.54 3.19
C LEU A 98 7.73 -2.82 3.34
N GLU A 99 8.44 -1.88 3.96
CA GLU A 99 9.87 -2.02 4.17
C GLU A 99 10.19 -3.35 4.85
N GLU A 100 9.54 -3.60 5.99
CA GLU A 100 9.75 -4.83 6.73
C GLU A 100 9.56 -6.06 5.84
N ALA A 101 8.45 -6.08 5.12
CA ALA A 101 8.13 -7.19 4.23
C ALA A 101 9.24 -7.37 3.19
N ILE A 102 9.53 -6.31 2.44
CA ILE A 102 10.57 -6.35 1.43
C ILE A 102 11.85 -6.96 1.96
N SER A 103 12.28 -6.50 3.13
CA SER A 103 13.49 -6.99 3.76
C SER A 103 13.57 -8.51 3.67
N ALA A 104 12.49 -9.17 4.06
CA ALA A 104 12.44 -10.63 4.02
C ALA A 104 12.60 -11.15 2.61
N GLN A 105 11.79 -10.63 1.69
CA GLN A 105 11.84 -11.04 0.29
C GLN A 105 13.28 -11.18 -0.18
N LYS A 106 14.11 -10.19 0.15
CA LYS A 106 15.51 -10.19 -0.24
C LYS A 106 16.20 -11.47 0.25
N ASN A 107 15.96 -11.82 1.51
CA ASN A 107 16.57 -13.01 2.09
C ASN A 107 16.04 -14.27 1.42
N SER A 108 16.96 -15.08 0.89
CA SER A 108 16.58 -16.32 0.21
C SER A 108 16.58 -17.49 1.19
N GLY A 109 15.71 -18.46 0.92
CA GLY A 109 15.61 -19.63 1.78
C GLY A 109 14.89 -20.78 1.12
N PRO A 110 13.87 -21.32 1.79
CA PRO A 110 13.08 -22.44 1.28
C PRO A 110 12.22 -22.04 0.08
N SER A 111 12.27 -22.87 -0.96
CA SER A 111 11.50 -22.60 -2.17
C SER A 111 10.07 -22.19 -1.83
N SER A 112 9.47 -22.91 -0.88
CA SER A 112 8.10 -22.63 -0.46
C SER A 112 7.98 -22.69 1.06
N GLY A 113 6.83 -22.28 1.57
CA GLY A 113 6.59 -22.29 3.00
C GLY A 113 7.65 -21.50 3.77
N GLY A 1 0.08 -14.74 21.50
CA GLY A 1 1.19 -15.23 20.71
C GLY A 1 1.29 -14.56 19.35
N SER A 2 2.47 -14.61 18.75
CA SER A 2 2.69 -14.00 17.45
C SER A 2 1.60 -14.41 16.46
N SER A 3 1.49 -15.72 16.23
CA SER A 3 0.49 -16.25 15.30
C SER A 3 -0.91 -15.85 15.73
N GLY A 4 -1.19 -15.93 17.02
CA GLY A 4 -2.50 -15.57 17.53
C GLY A 4 -2.98 -14.24 17.00
N SER A 5 -3.82 -14.29 15.96
CA SER A 5 -4.34 -13.09 15.34
C SER A 5 -5.68 -12.69 15.98
N SER A 6 -5.82 -11.40 16.28
CA SER A 6 -7.05 -10.89 16.89
C SER A 6 -7.99 -10.33 15.84
N GLY A 7 -7.43 -9.56 14.91
CA GLY A 7 -8.22 -8.96 13.85
C GLY A 7 -7.38 -8.46 12.69
N HIS A 8 -8.00 -7.71 11.80
CA HIS A 8 -7.30 -7.17 10.64
C HIS A 8 -6.53 -5.90 11.00
N LYS A 9 -5.25 -5.87 10.64
CA LYS A 9 -4.41 -4.71 10.93
C LYS A 9 -4.49 -3.69 9.81
N GLU A 10 -5.53 -3.79 8.98
CA GLU A 10 -5.72 -2.88 7.86
C GLU A 10 -5.81 -1.43 8.36
N PHE A 11 -5.68 -0.48 7.44
CA PHE A 11 -5.75 0.94 7.77
C PHE A 11 -6.65 1.68 6.80
N ALA A 12 -7.76 2.21 7.30
CA ALA A 12 -8.70 2.95 6.48
C ALA A 12 -8.12 4.29 6.06
N VAL A 13 -8.01 4.51 4.75
CA VAL A 13 -7.47 5.76 4.22
C VAL A 13 -8.45 6.42 3.26
N THR A 14 -8.54 7.74 3.33
CA THR A 14 -9.45 8.49 2.47
C THR A 14 -8.71 9.04 1.25
N MET A 15 -9.38 9.06 0.11
CA MET A 15 -8.79 9.57 -1.13
C MET A 15 -8.39 11.03 -0.97
N ARG A 16 -7.12 11.33 -1.23
CA ARG A 16 -6.62 12.69 -1.12
C ARG A 16 -6.74 13.42 -2.45
N PRO A 17 -7.09 14.71 -2.39
CA PRO A 17 -7.26 15.55 -3.58
C PRO A 17 -5.93 15.85 -4.26
N THR A 18 -5.63 15.10 -5.33
CA THR A 18 -4.39 15.29 -6.06
C THR A 18 -4.66 15.41 -7.56
N GLU A 19 -3.60 15.64 -8.33
CA GLU A 19 -3.71 15.77 -9.77
C GLU A 19 -3.99 14.43 -10.43
N ALA A 20 -3.23 13.42 -10.03
CA ALA A 20 -3.39 12.07 -10.57
C ALA A 20 -4.78 11.52 -10.26
N SER A 21 -5.14 11.53 -8.98
CA SER A 21 -6.44 11.03 -8.55
C SER A 21 -7.52 11.38 -9.55
N GLU A 22 -7.53 12.64 -9.99
CA GLU A 22 -8.51 13.10 -10.96
C GLU A 22 -8.81 12.02 -12.00
N ARG A 23 -7.78 11.62 -12.73
CA ARG A 23 -7.93 10.60 -13.76
C ARG A 23 -8.59 9.34 -13.19
N CYS A 24 -8.16 8.95 -11.99
CA CYS A 24 -8.70 7.76 -11.34
C CYS A 24 -10.18 7.96 -11.01
N HIS A 25 -10.56 9.21 -10.74
CA HIS A 25 -11.95 9.52 -10.40
C HIS A 25 -12.39 8.78 -9.15
N LEU A 26 -11.48 8.64 -8.20
CA LEU A 26 -11.78 7.94 -6.95
C LEU A 26 -12.27 8.92 -5.88
N ARG A 27 -13.28 8.50 -5.14
CA ARG A 27 -13.84 9.34 -4.08
C ARG A 27 -14.39 8.49 -2.94
N GLY A 28 -14.28 9.00 -1.72
CA GLY A 28 -14.76 8.28 -0.56
C GLY A 28 -13.64 7.82 0.35
N SER A 29 -13.67 6.55 0.74
CA SER A 29 -12.65 6.00 1.61
C SER A 29 -12.37 4.54 1.27
N TYR A 30 -11.09 4.18 1.21
CA TYR A 30 -10.70 2.81 0.89
C TYR A 30 -9.95 2.18 2.06
N THR A 31 -9.59 0.91 1.90
CA THR A 31 -8.87 0.18 2.95
C THR A 31 -7.42 -0.08 2.53
N LEU A 32 -6.49 0.28 3.41
CA LEU A 32 -5.08 0.09 3.14
C LEU A 32 -4.55 -1.15 3.86
N ARG A 33 -3.61 -1.85 3.21
CA ARG A 33 -3.03 -3.06 3.78
C ARG A 33 -1.62 -3.29 3.24
N ALA A 34 -0.92 -4.26 3.82
CA ALA A 34 0.44 -4.58 3.40
C ALA A 34 0.59 -6.07 3.11
N GLY A 35 0.65 -6.41 1.83
CA GLY A 35 0.79 -7.80 1.44
C GLY A 35 2.22 -8.30 1.57
N GLU A 36 2.54 -9.38 0.87
CA GLU A 36 3.88 -9.96 0.92
C GLU A 36 4.74 -9.42 -0.22
N SER A 37 4.24 -9.55 -1.45
CA SER A 37 4.97 -9.08 -2.62
C SER A 37 4.39 -7.77 -3.13
N ALA A 38 3.11 -7.57 -2.90
CA ALA A 38 2.44 -6.34 -3.34
C ALA A 38 1.54 -5.80 -2.23
N LEU A 39 1.02 -4.59 -2.45
CA LEU A 39 0.15 -3.95 -1.47
C LEU A 39 -1.29 -4.45 -1.63
N GLU A 40 -2.08 -4.32 -0.56
CA GLU A 40 -3.46 -4.75 -0.57
C GLU A 40 -4.41 -3.58 -0.31
N LEU A 41 -5.36 -3.39 -1.23
CA LEU A 41 -6.32 -2.29 -1.10
C LEU A 41 -7.73 -2.78 -1.43
N TRP A 42 -8.54 -2.99 -0.40
CA TRP A 42 -9.91 -3.45 -0.59
C TRP A 42 -10.85 -2.28 -0.89
N GLY A 43 -11.69 -2.43 -1.90
CA GLY A 43 -12.61 -1.38 -2.27
C GLY A 43 -13.13 -1.52 -3.69
N GLY A 44 -14.42 -1.26 -3.86
CA GLY A 44 -15.03 -1.38 -5.19
C GLY A 44 -16.09 -2.45 -5.24
N PRO A 45 -15.80 -3.54 -5.98
CA PRO A 45 -16.74 -4.66 -6.13
C PRO A 45 -16.90 -5.46 -4.84
N GLU A 46 -18.00 -6.18 -4.73
CA GLU A 46 -18.27 -6.99 -3.55
C GLU A 46 -18.12 -8.48 -3.85
N PRO A 47 -17.77 -9.26 -2.82
CA PRO A 47 -17.56 -8.74 -1.48
C PRO A 47 -16.30 -7.89 -1.37
N GLY A 48 -15.19 -8.42 -1.86
CA GLY A 48 -13.93 -7.71 -1.81
C GLY A 48 -12.84 -8.39 -2.60
N THR A 49 -12.03 -7.60 -3.29
CA THR A 49 -10.93 -8.14 -4.10
C THR A 49 -9.84 -7.10 -4.32
N GLN A 50 -8.59 -7.54 -4.26
CA GLN A 50 -7.46 -6.64 -4.45
C GLN A 50 -7.26 -6.32 -5.93
N LEU A 51 -7.56 -5.08 -6.31
CA LEU A 51 -7.41 -4.65 -7.69
C LEU A 51 -6.39 -3.52 -7.82
N TYR A 52 -6.27 -2.73 -6.76
CA TYR A 52 -5.32 -1.62 -6.74
C TYR A 52 -4.00 -2.04 -6.12
N ASP A 53 -3.90 -3.31 -5.76
CA ASP A 53 -2.69 -3.85 -5.16
C ASP A 53 -1.46 -3.50 -5.99
N TRP A 54 -0.63 -2.61 -5.46
CA TRP A 54 0.58 -2.19 -6.15
C TRP A 54 1.80 -2.97 -5.66
N PRO A 55 2.53 -3.58 -6.60
CA PRO A 55 3.72 -4.37 -6.29
C PRO A 55 4.89 -3.50 -5.81
N TYR A 56 5.35 -3.76 -4.60
CA TYR A 56 6.46 -2.99 -4.03
C TYR A 56 7.63 -2.92 -5.00
N ARG A 57 8.06 -4.08 -5.49
CA ARG A 57 9.17 -4.15 -6.43
C ARG A 57 9.12 -2.99 -7.41
N PHE A 58 7.90 -2.59 -7.79
CA PHE A 58 7.71 -1.49 -8.73
C PHE A 58 7.89 -0.14 -8.04
N LEU A 59 7.27 0.00 -6.87
CA LEU A 59 7.36 1.24 -6.11
C LEU A 59 8.82 1.65 -5.91
N ARG A 60 9.21 2.74 -6.57
CA ARG A 60 10.58 3.24 -6.46
C ARG A 60 10.88 3.71 -5.04
N ARG A 61 10.15 4.72 -4.59
CA ARG A 61 10.34 5.27 -3.25
C ARG A 61 9.02 5.79 -2.69
N PHE A 62 8.96 5.89 -1.36
CA PHE A 62 7.75 6.38 -0.69
C PHE A 62 8.10 7.12 0.59
N GLY A 63 7.18 7.94 1.06
CA GLY A 63 7.41 8.72 2.27
C GLY A 63 6.14 8.92 3.07
N ARG A 64 6.09 8.33 4.26
CA ARG A 64 4.93 8.45 5.13
C ARG A 64 4.91 9.81 5.84
N ASP A 65 3.73 10.38 5.98
CA ASP A 65 3.57 11.67 6.64
C ASP A 65 2.87 11.52 7.97
N LYS A 66 2.70 12.63 8.68
CA LYS A 66 2.04 12.63 9.99
C LYS A 66 0.67 11.97 9.89
N VAL A 67 -0.24 12.59 9.14
CA VAL A 67 -1.58 12.07 8.98
C VAL A 67 -1.86 11.73 7.51
N THR A 68 -0.80 11.61 6.72
CA THR A 68 -0.93 11.30 5.31
C THR A 68 0.06 10.22 4.90
N PHE A 69 -0.31 9.44 3.88
CA PHE A 69 0.55 8.36 3.38
C PHE A 69 0.57 8.34 1.86
N SER A 70 1.75 8.55 1.29
CA SER A 70 1.91 8.57 -0.16
C SER A 70 3.06 7.66 -0.59
N PHE A 71 3.21 7.48 -1.90
CA PHE A 71 4.26 6.64 -2.45
C PHE A 71 4.41 6.86 -3.94
N GLU A 72 5.49 6.32 -4.50
CA GLU A 72 5.76 6.45 -5.93
C GLU A 72 5.57 5.12 -6.65
N ALA A 73 4.73 5.12 -7.68
CA ALA A 73 4.46 3.91 -8.45
C ALA A 73 4.94 4.06 -9.88
N GLY A 74 5.77 3.12 -10.33
CA GLY A 74 6.29 3.16 -11.69
C GLY A 74 5.21 2.91 -12.73
N ARG A 75 5.64 2.76 -13.97
CA ARG A 75 4.70 2.51 -15.07
C ARG A 75 4.26 1.06 -15.08
N ARG A 76 3.35 0.72 -16.00
CA ARG A 76 2.84 -0.64 -16.11
C ARG A 76 2.05 -1.03 -14.86
N CYS A 77 1.21 -0.11 -14.39
CA CYS A 77 0.40 -0.36 -13.20
C CYS A 77 -1.09 -0.35 -13.55
N VAL A 78 -1.88 -1.06 -12.74
CA VAL A 78 -3.32 -1.12 -12.96
C VAL A 78 -3.96 0.25 -12.82
N SER A 79 -3.49 1.03 -11.85
CA SER A 79 -4.01 2.36 -11.61
C SER A 79 -3.35 3.39 -12.51
N GLY A 80 -2.03 3.29 -12.63
CA GLY A 80 -1.29 4.22 -13.48
C GLY A 80 -0.22 4.96 -12.70
N GLU A 81 0.98 5.06 -13.29
CA GLU A 81 2.08 5.75 -12.65
C GLU A 81 1.67 7.15 -12.21
N GLY A 82 2.24 7.62 -11.11
CA GLY A 82 1.92 8.94 -10.60
C GLY A 82 1.94 8.99 -9.08
N ASN A 83 1.77 10.19 -8.53
CA ASN A 83 1.76 10.37 -7.08
C ASN A 83 0.39 10.06 -6.50
N PHE A 84 0.36 9.20 -5.50
CA PHE A 84 -0.89 8.82 -4.86
C PHE A 84 -0.86 9.15 -3.37
N GLU A 85 -1.68 10.13 -2.96
CA GLU A 85 -1.73 10.54 -1.57
C GLU A 85 -2.89 9.86 -0.84
N PHE A 86 -2.77 9.73 0.47
CA PHE A 86 -3.80 9.09 1.28
C PHE A 86 -3.88 9.74 2.65
N GLU A 87 -5.11 9.81 3.19
CA GLU A 87 -5.33 10.41 4.50
C GLU A 87 -5.46 9.33 5.57
N THR A 88 -4.53 9.32 6.52
CA THR A 88 -4.53 8.34 7.60
C THR A 88 -3.56 8.73 8.70
N ARG A 89 -3.77 8.18 9.89
CA ARG A 89 -2.91 8.47 11.03
C ARG A 89 -1.90 7.34 11.25
N GLN A 90 -2.35 6.12 11.01
CA GLN A 90 -1.49 4.94 11.19
C GLN A 90 -0.61 4.72 9.96
N GLY A 91 -0.49 5.76 9.12
CA GLY A 91 0.32 5.65 7.92
C GLY A 91 1.72 5.14 8.22
N ASN A 92 2.28 5.58 9.33
CA ASN A 92 3.63 5.16 9.72
C ASN A 92 3.74 3.64 9.75
N GLU A 93 2.76 2.99 10.37
CA GLU A 93 2.73 1.53 10.47
C GLU A 93 2.84 0.90 9.09
N ILE A 94 1.99 1.35 8.17
CA ILE A 94 1.99 0.82 6.81
C ILE A 94 3.38 0.91 6.19
N PHE A 95 3.98 2.09 6.25
CA PHE A 95 5.31 2.30 5.69
C PHE A 95 6.29 1.25 6.20
N LEU A 96 6.17 0.89 7.47
CA LEU A 96 7.04 -0.11 8.07
C LEU A 96 6.67 -1.50 7.61
N ALA A 97 5.38 -1.78 7.54
CA ALA A 97 4.89 -3.08 7.10
C ALA A 97 5.47 -3.46 5.74
N LEU A 98 5.53 -2.49 4.83
CA LEU A 98 6.06 -2.72 3.50
C LEU A 98 7.52 -3.16 3.57
N GLU A 99 8.33 -2.40 4.31
CA GLU A 99 9.74 -2.72 4.45
C GLU A 99 9.93 -4.15 4.96
N GLU A 100 9.44 -4.42 6.16
CA GLU A 100 9.56 -5.74 6.76
C GLU A 100 9.48 -6.82 5.69
N ALA A 101 8.54 -6.65 4.75
CA ALA A 101 8.35 -7.62 3.68
C ALA A 101 9.46 -7.49 2.62
N ILE A 102 9.63 -6.28 2.11
CA ILE A 102 10.65 -6.03 1.10
C ILE A 102 11.99 -6.63 1.51
N SER A 103 12.37 -6.43 2.77
CA SER A 103 13.64 -6.95 3.29
C SER A 103 13.59 -8.47 3.37
N ALA A 104 12.46 -9.01 3.83
CA ALA A 104 12.29 -10.45 3.96
C ALA A 104 12.41 -11.13 2.60
N GLN A 105 11.52 -10.78 1.69
CA GLN A 105 11.52 -11.37 0.35
C GLN A 105 12.95 -11.49 -0.19
N LYS A 106 13.79 -10.51 0.14
CA LYS A 106 15.17 -10.52 -0.30
C LYS A 106 16.04 -11.37 0.60
N ASN A 107 17.11 -11.93 0.05
CA ASN A 107 18.02 -12.78 0.80
C ASN A 107 18.98 -11.94 1.63
N SER A 108 18.94 -12.11 2.95
CA SER A 108 19.81 -11.37 3.85
C SER A 108 21.27 -11.72 3.60
N GLY A 109 22.04 -10.74 3.15
CA GLY A 109 23.44 -10.97 2.88
C GLY A 109 23.80 -10.74 1.43
N PRO A 110 25.00 -11.21 1.03
CA PRO A 110 25.48 -11.06 -0.36
C PRO A 110 24.70 -11.92 -1.33
N SER A 111 23.87 -11.28 -2.15
CA SER A 111 23.06 -11.98 -3.14
C SER A 111 23.94 -12.80 -4.09
N SER A 112 23.33 -13.74 -4.78
CA SER A 112 24.06 -14.59 -5.73
C SER A 112 24.73 -13.75 -6.81
N GLY A 113 25.71 -14.34 -7.49
CA GLY A 113 26.40 -13.63 -8.54
C GLY A 113 27.19 -14.57 -9.44
N GLY A 1 8.57 -21.46 20.71
CA GLY A 1 7.87 -20.27 21.14
C GLY A 1 6.88 -19.78 20.10
N SER A 2 5.72 -19.29 20.56
CA SER A 2 4.70 -18.79 19.66
C SER A 2 4.34 -17.35 19.99
N SER A 3 4.39 -16.49 18.98
CA SER A 3 4.08 -15.07 19.15
C SER A 3 3.64 -14.45 17.84
N GLY A 4 2.69 -13.52 17.92
CA GLY A 4 2.20 -12.86 16.73
C GLY A 4 0.70 -12.63 16.77
N SER A 5 0.29 -11.39 17.02
CA SER A 5 -1.13 -11.05 17.08
C SER A 5 -1.92 -11.81 16.02
N SER A 6 -1.44 -11.73 14.78
CA SER A 6 -2.11 -12.40 13.67
C SER A 6 -3.59 -12.03 13.62
N GLY A 7 -3.88 -10.76 13.88
CA GLY A 7 -5.26 -10.30 13.86
C GLY A 7 -5.57 -9.45 12.63
N HIS A 8 -5.88 -8.19 12.86
CA HIS A 8 -6.20 -7.27 11.77
C HIS A 8 -5.11 -6.21 11.60
N LYS A 9 -4.44 -6.23 10.46
CA LYS A 9 -3.37 -5.27 10.18
C LYS A 9 -3.80 -4.29 9.09
N GLU A 10 -5.10 -4.20 8.86
CA GLU A 10 -5.64 -3.29 7.85
C GLU A 10 -5.51 -1.84 8.30
N PHE A 11 -5.49 -0.93 7.33
CA PHE A 11 -5.38 0.49 7.62
C PHE A 11 -6.44 1.29 6.89
N ALA A 12 -7.37 1.87 7.64
CA ALA A 12 -8.44 2.67 7.05
C ALA A 12 -7.93 4.02 6.58
N VAL A 13 -7.99 4.24 5.27
CA VAL A 13 -7.53 5.50 4.69
C VAL A 13 -8.60 6.11 3.79
N THR A 14 -8.55 7.44 3.63
CA THR A 14 -9.51 8.14 2.81
C THR A 14 -8.85 8.71 1.55
N MET A 15 -9.52 8.59 0.42
CA MET A 15 -9.01 9.09 -0.84
C MET A 15 -8.81 10.60 -0.78
N ARG A 16 -7.57 11.05 -0.97
CA ARG A 16 -7.25 12.47 -0.94
C ARG A 16 -7.31 13.07 -2.34
N PRO A 17 -7.87 14.29 -2.44
CA PRO A 17 -7.99 15.00 -3.71
C PRO A 17 -6.64 15.46 -4.26
N THR A 18 -6.23 14.86 -5.37
CA THR A 18 -4.95 15.21 -5.99
C THR A 18 -5.08 15.29 -7.51
N GLU A 19 -3.99 15.64 -8.17
CA GLU A 19 -3.99 15.76 -9.62
C GLU A 19 -4.18 14.40 -10.29
N ALA A 20 -3.46 13.40 -9.78
CA ALA A 20 -3.55 12.04 -10.32
C ALA A 20 -4.91 11.43 -10.02
N SER A 21 -5.32 11.49 -8.75
CA SER A 21 -6.60 10.93 -8.33
C SER A 21 -7.65 11.11 -9.42
N GLU A 22 -7.66 12.29 -10.03
CA GLU A 22 -8.62 12.60 -11.09
C GLU A 22 -8.76 11.41 -12.05
N ARG A 23 -7.68 11.07 -12.74
CA ARG A 23 -7.70 9.97 -13.68
C ARG A 23 -8.42 8.76 -13.10
N CYS A 24 -7.99 8.34 -11.92
CA CYS A 24 -8.60 7.18 -11.25
C CYS A 24 -10.08 7.45 -10.98
N HIS A 25 -10.41 8.70 -10.72
CA HIS A 25 -11.80 9.09 -10.43
C HIS A 25 -12.32 8.35 -9.21
N LEU A 26 -11.46 8.17 -8.21
CA LEU A 26 -11.84 7.48 -6.98
C LEU A 26 -12.58 8.42 -6.03
N ARG A 27 -13.69 7.94 -5.48
CA ARG A 27 -14.48 8.75 -4.55
C ARG A 27 -14.92 7.91 -3.35
N GLY A 28 -14.60 8.39 -2.15
CA GLY A 28 -14.96 7.68 -0.94
C GLY A 28 -13.75 7.27 -0.13
N SER A 29 -13.87 6.17 0.60
CA SER A 29 -12.78 5.68 1.45
C SER A 29 -12.43 4.24 1.09
N TYR A 30 -11.13 3.96 1.04
CA TYR A 30 -10.66 2.62 0.70
C TYR A 30 -9.85 2.02 1.86
N THR A 31 -9.60 0.72 1.79
CA THR A 31 -8.84 0.03 2.82
C THR A 31 -7.43 -0.29 2.34
N LEU A 32 -6.44 0.07 3.15
CA LEU A 32 -5.05 -0.17 2.82
C LEU A 32 -4.51 -1.40 3.55
N ARG A 33 -3.86 -2.28 2.82
CA ARG A 33 -3.30 -3.50 3.41
C ARG A 33 -1.97 -3.86 2.75
N ALA A 34 -1.27 -4.83 3.33
CA ALA A 34 0.01 -5.28 2.80
C ALA A 34 0.03 -6.79 2.61
N GLY A 35 0.18 -7.23 1.36
CA GLY A 35 0.22 -8.65 1.08
C GLY A 35 1.63 -9.18 0.96
N GLU A 36 1.78 -10.30 0.25
CA GLU A 36 3.08 -10.91 0.05
C GLU A 36 3.85 -10.23 -1.09
N SER A 37 4.88 -9.50 -0.75
CA SER A 37 5.68 -8.79 -1.74
C SER A 37 4.80 -7.94 -2.65
N ALA A 38 3.71 -7.42 -2.09
CA ALA A 38 2.79 -6.59 -2.84
C ALA A 38 1.80 -5.88 -1.91
N LEU A 39 1.32 -4.72 -2.35
CA LEU A 39 0.37 -3.94 -1.55
C LEU A 39 -1.05 -4.40 -1.80
N GLU A 40 -1.94 -4.16 -0.83
CA GLU A 40 -3.33 -4.55 -0.95
C GLU A 40 -4.25 -3.34 -0.76
N LEU A 41 -5.29 -3.26 -1.58
CA LEU A 41 -6.24 -2.16 -1.51
C LEU A 41 -7.62 -2.59 -2.02
N TRP A 42 -8.57 -2.74 -1.10
CA TRP A 42 -9.92 -3.15 -1.46
C TRP A 42 -10.78 -1.93 -1.80
N GLY A 43 -11.44 -1.98 -2.95
CA GLY A 43 -12.28 -0.87 -3.37
C GLY A 43 -13.76 -1.18 -3.20
N GLY A 44 -14.43 -0.41 -2.36
CA GLY A 44 -15.85 -0.62 -2.14
C GLY A 44 -16.11 -1.52 -0.94
N PRO A 45 -17.40 -1.82 -0.70
CA PRO A 45 -17.82 -2.68 0.42
C PRO A 45 -17.40 -4.13 0.21
N GLU A 46 -17.51 -4.92 1.28
CA GLU A 46 -17.16 -6.34 1.22
C GLU A 46 -18.15 -7.11 0.35
N PRO A 47 -17.70 -8.26 -0.19
CA PRO A 47 -16.34 -8.75 0.03
C PRO A 47 -15.29 -7.88 -0.67
N GLY A 48 -15.52 -7.59 -1.95
CA GLY A 48 -14.60 -6.79 -2.71
C GLY A 48 -13.49 -7.61 -3.35
N THR A 49 -12.56 -6.93 -4.01
CA THR A 49 -11.44 -7.61 -4.66
C THR A 49 -10.17 -6.78 -4.58
N GLN A 50 -9.05 -7.39 -4.96
CA GLN A 50 -7.77 -6.69 -4.93
C GLN A 50 -7.27 -6.42 -6.35
N LEU A 51 -7.43 -5.17 -6.79
CA LEU A 51 -6.99 -4.78 -8.13
C LEU A 51 -5.91 -3.70 -8.05
N TYR A 52 -6.00 -2.85 -7.04
CA TYR A 52 -5.04 -1.78 -6.86
C TYR A 52 -3.73 -2.31 -6.27
N ASP A 53 -3.65 -3.63 -6.12
CA ASP A 53 -2.46 -4.27 -5.57
C ASP A 53 -1.20 -3.81 -6.32
N TRP A 54 -0.40 -2.98 -5.65
CA TRP A 54 0.82 -2.47 -6.24
C TRP A 54 2.03 -3.27 -5.77
N PRO A 55 2.78 -3.83 -6.73
CA PRO A 55 3.98 -4.63 -6.42
C PRO A 55 5.12 -3.78 -5.90
N TYR A 56 5.48 -3.99 -4.64
CA TYR A 56 6.57 -3.23 -4.03
C TYR A 56 7.78 -3.15 -4.95
N ARG A 57 8.15 -4.29 -5.53
CA ARG A 57 9.28 -4.36 -6.43
C ARG A 57 9.27 -3.19 -7.41
N PHE A 58 8.08 -2.79 -7.82
CA PHE A 58 7.93 -1.68 -8.76
C PHE A 58 8.18 -0.34 -8.06
N LEU A 59 7.59 -0.18 -6.89
CA LEU A 59 7.76 1.06 -6.12
C LEU A 59 9.23 1.40 -5.93
N ARG A 60 9.69 2.43 -6.63
CA ARG A 60 11.08 2.84 -6.53
C ARG A 60 11.37 3.49 -5.18
N ARG A 61 10.44 4.33 -4.72
CA ARG A 61 10.59 5.01 -3.44
C ARG A 61 9.25 5.51 -2.93
N PHE A 62 9.13 5.65 -1.62
CA PHE A 62 7.89 6.12 -1.00
C PHE A 62 8.20 6.99 0.21
N GLY A 63 7.16 7.66 0.72
CA GLY A 63 7.33 8.52 1.88
C GLY A 63 6.06 8.63 2.71
N ARG A 64 6.22 8.50 4.02
CA ARG A 64 5.07 8.59 4.93
C ARG A 64 5.10 9.90 5.71
N ASP A 65 3.92 10.33 6.16
CA ASP A 65 3.79 11.57 6.91
C ASP A 65 3.06 11.34 8.23
N LYS A 66 2.93 12.40 9.02
CA LYS A 66 2.24 12.30 10.30
C LYS A 66 0.76 11.98 10.11
N VAL A 67 0.08 12.80 9.33
CA VAL A 67 -1.34 12.59 9.06
C VAL A 67 -1.59 12.33 7.58
N THR A 68 -0.54 11.96 6.87
CA THR A 68 -0.64 11.67 5.44
C THR A 68 0.30 10.54 5.04
N PHE A 69 -0.01 9.90 3.92
CA PHE A 69 0.81 8.79 3.43
C PHE A 69 0.74 8.71 1.90
N SER A 70 1.92 8.73 1.26
CA SER A 70 1.99 8.66 -0.19
C SER A 70 3.13 7.75 -0.63
N PHE A 71 3.25 7.56 -1.95
CA PHE A 71 4.29 6.70 -2.50
C PHE A 71 4.43 6.92 -4.00
N GLU A 72 5.50 6.38 -4.58
CA GLU A 72 5.74 6.52 -6.01
C GLU A 72 5.42 5.22 -6.74
N ALA A 73 4.35 5.24 -7.53
CA ALA A 73 3.93 4.07 -8.28
C ALA A 73 4.59 4.04 -9.66
N GLY A 74 5.46 3.05 -9.87
CA GLY A 74 6.15 2.91 -11.14
C GLY A 74 5.20 2.65 -12.29
N ARG A 75 5.75 2.25 -13.43
CA ARG A 75 4.94 1.96 -14.61
C ARG A 75 4.39 0.54 -14.56
N ARG A 76 3.59 0.19 -15.57
CA ARG A 76 3.00 -1.14 -15.64
C ARG A 76 2.00 -1.35 -14.50
N CYS A 77 1.21 -0.33 -14.22
CA CYS A 77 0.21 -0.39 -13.16
C CYS A 77 -1.19 -0.08 -13.70
N VAL A 78 -2.17 -0.84 -13.23
CA VAL A 78 -3.55 -0.65 -13.66
C VAL A 78 -4.04 0.76 -13.34
N SER A 79 -3.67 1.25 -12.16
CA SER A 79 -4.07 2.58 -11.73
C SER A 79 -3.38 3.66 -12.57
N GLY A 80 -2.07 3.49 -12.76
CA GLY A 80 -1.31 4.46 -13.54
C GLY A 80 -0.27 5.17 -12.72
N GLU A 81 0.95 5.23 -13.25
CA GLU A 81 2.05 5.90 -12.55
C GLU A 81 1.69 7.33 -12.18
N GLY A 82 1.92 7.69 -10.92
CA GLY A 82 1.60 9.04 -10.47
C GLY A 82 1.77 9.20 -8.98
N ASN A 83 1.60 10.42 -8.49
CA ASN A 83 1.75 10.71 -7.07
C ASN A 83 0.41 10.59 -6.36
N PHE A 84 0.26 9.54 -5.55
CA PHE A 84 -0.97 9.31 -4.80
C PHE A 84 -0.84 9.82 -3.36
N GLU A 85 -1.98 10.09 -2.74
CA GLU A 85 -2.00 10.58 -1.37
C GLU A 85 -3.23 10.05 -0.62
N PHE A 86 -3.08 9.86 0.69
CA PHE A 86 -4.17 9.37 1.52
C PHE A 86 -4.24 10.13 2.84
N GLU A 87 -5.34 9.95 3.56
CA GLU A 87 -5.53 10.62 4.84
C GLU A 87 -5.50 9.61 5.99
N THR A 88 -4.41 9.60 6.74
CA THR A 88 -4.26 8.69 7.87
C THR A 88 -3.14 9.13 8.80
N ARG A 89 -3.30 8.83 10.08
CA ARG A 89 -2.30 9.20 11.08
C ARG A 89 -1.35 8.04 11.35
N GLN A 90 -1.82 6.83 11.12
CA GLN A 90 -1.01 5.64 11.35
C GLN A 90 -0.14 5.33 10.13
N GLY A 91 0.02 6.32 9.26
CA GLY A 91 0.82 6.13 8.07
C GLY A 91 2.17 5.52 8.36
N ASN A 92 2.82 5.99 9.43
CA ASN A 92 4.12 5.47 9.82
C ASN A 92 4.14 3.95 9.78
N GLU A 93 3.14 3.33 10.41
CA GLU A 93 3.04 1.88 10.44
C GLU A 93 3.18 1.29 9.04
N ILE A 94 2.19 1.56 8.20
CA ILE A 94 2.20 1.06 6.83
C ILE A 94 3.62 1.01 6.27
N PHE A 95 4.30 2.15 6.29
CA PHE A 95 5.67 2.24 5.79
C PHE A 95 6.51 1.08 6.30
N LEU A 96 6.46 0.84 7.60
CA LEU A 96 7.22 -0.24 8.21
C LEU A 96 6.75 -1.60 7.68
N ALA A 97 5.44 -1.78 7.60
CA ALA A 97 4.88 -3.03 7.11
C ALA A 97 5.43 -3.38 5.74
N LEU A 98 5.52 -2.39 4.86
CA LEU A 98 6.04 -2.59 3.52
C LEU A 98 7.52 -2.93 3.54
N GLU A 99 8.32 -2.04 4.13
CA GLU A 99 9.76 -2.24 4.22
C GLU A 99 10.07 -3.62 4.82
N GLU A 100 9.47 -3.91 5.97
CA GLU A 100 9.68 -5.19 6.64
C GLU A 100 9.48 -6.35 5.67
N ALA A 101 8.39 -6.29 4.91
CA ALA A 101 8.08 -7.34 3.95
C ALA A 101 9.11 -7.39 2.83
N ILE A 102 9.34 -6.25 2.19
CA ILE A 102 10.31 -6.16 1.11
C ILE A 102 11.63 -6.78 1.51
N SER A 103 12.02 -6.59 2.77
CA SER A 103 13.27 -7.14 3.27
C SER A 103 13.13 -8.63 3.60
N ALA A 104 12.04 -8.98 4.27
CA ALA A 104 11.78 -10.37 4.64
C ALA A 104 11.75 -11.26 3.40
N GLN A 105 10.90 -10.93 2.44
CA GLN A 105 10.79 -11.70 1.22
C GLN A 105 12.16 -12.06 0.66
N LYS A 106 13.06 -11.08 0.65
CA LYS A 106 14.41 -11.30 0.14
C LYS A 106 15.09 -12.46 0.86
N ASN A 107 15.47 -13.48 0.09
CA ASN A 107 16.13 -14.65 0.65
C ASN A 107 17.55 -14.33 1.09
N SER A 108 18.18 -15.27 1.79
CA SER A 108 19.53 -15.08 2.28
C SER A 108 20.53 -15.07 1.13
N GLY A 109 21.72 -14.54 1.37
CA GLY A 109 22.74 -14.48 0.34
C GLY A 109 23.94 -13.65 0.76
N PRO A 110 25.06 -13.82 0.03
CA PRO A 110 26.30 -13.10 0.32
C PRO A 110 26.19 -11.61 0.00
N SER A 111 25.68 -10.84 0.95
CA SER A 111 25.52 -9.39 0.76
C SER A 111 26.87 -8.69 0.80
N SER A 112 27.59 -8.84 1.91
CA SER A 112 28.89 -8.22 2.06
C SER A 112 29.93 -8.87 1.14
N GLY A 113 29.96 -10.20 1.15
CA GLY A 113 30.90 -10.91 0.30
C GLY A 113 30.49 -10.92 -1.15
N GLY A 1 -10.37 -21.22 23.59
CA GLY A 1 -9.60 -21.15 22.37
C GLY A 1 -8.48 -20.13 22.43
N SER A 2 -8.48 -19.20 21.48
CA SER A 2 -7.46 -18.15 21.44
C SER A 2 -7.99 -16.90 20.73
N SER A 3 -7.58 -15.74 21.23
CA SER A 3 -8.02 -14.47 20.65
C SER A 3 -7.12 -13.33 21.11
N GLY A 4 -7.14 -12.23 20.36
CA GLY A 4 -6.32 -11.08 20.71
C GLY A 4 -5.97 -10.24 19.49
N SER A 5 -4.71 -10.33 19.06
CA SER A 5 -4.25 -9.57 17.91
C SER A 5 -3.84 -10.50 16.77
N SER A 6 -3.86 -9.97 15.55
CA SER A 6 -3.50 -10.75 14.38
C SER A 6 -2.20 -10.23 13.76
N GLY A 7 -1.48 -11.13 13.07
CA GLY A 7 -0.24 -10.74 12.44
C GLY A 7 -0.39 -9.56 11.52
N HIS A 8 -1.44 -9.58 10.69
CA HIS A 8 -1.70 -8.50 9.75
C HIS A 8 -2.42 -7.34 10.43
N LYS A 9 -2.35 -6.17 9.82
CA LYS A 9 -2.99 -4.97 10.37
C LYS A 9 -3.41 -4.02 9.26
N GLU A 10 -4.72 -3.91 9.05
CA GLU A 10 -5.26 -3.04 8.02
C GLU A 10 -5.19 -1.58 8.45
N PHE A 11 -5.47 -0.67 7.53
CA PHE A 11 -5.44 0.76 7.81
C PHE A 11 -6.45 1.51 6.95
N ALA A 12 -7.38 2.20 7.60
CA ALA A 12 -8.40 2.97 6.89
C ALA A 12 -7.81 4.22 6.28
N VAL A 13 -7.79 4.27 4.95
CA VAL A 13 -7.25 5.43 4.24
C VAL A 13 -8.35 6.17 3.49
N THR A 14 -8.14 7.47 3.25
CA THR A 14 -9.11 8.29 2.54
C THR A 14 -8.48 8.97 1.34
N MET A 15 -9.02 8.69 0.16
CA MET A 15 -8.51 9.28 -1.07
C MET A 15 -8.49 10.79 -0.98
N ARG A 16 -7.33 11.38 -1.27
CA ARG A 16 -7.18 12.84 -1.22
C ARG A 16 -7.07 13.42 -2.63
N PRO A 17 -7.46 14.70 -2.76
CA PRO A 17 -7.42 15.40 -4.05
C PRO A 17 -6.00 15.69 -4.50
N THR A 18 -5.57 15.02 -5.57
CA THR A 18 -4.23 15.21 -6.11
C THR A 18 -4.22 15.08 -7.63
N GLU A 19 -3.39 15.90 -8.27
CA GLU A 19 -3.29 15.87 -9.73
C GLU A 19 -3.43 14.45 -10.26
N ALA A 20 -2.74 13.52 -9.61
CA ALA A 20 -2.79 12.12 -10.02
C ALA A 20 -4.17 11.52 -9.79
N SER A 21 -4.78 11.86 -8.66
CA SER A 21 -6.10 11.36 -8.31
C SER A 21 -7.08 11.57 -9.47
N GLU A 22 -6.94 12.70 -10.14
CA GLU A 22 -7.81 13.03 -11.27
C GLU A 22 -7.78 11.91 -12.31
N ARG A 23 -6.63 11.29 -12.48
CA ARG A 23 -6.47 10.21 -13.45
C ARG A 23 -7.32 9.00 -13.06
N CYS A 24 -6.99 8.40 -11.93
CA CYS A 24 -7.72 7.23 -11.44
C CYS A 24 -9.20 7.56 -11.24
N HIS A 25 -9.48 8.81 -10.88
CA HIS A 25 -10.84 9.26 -10.66
C HIS A 25 -11.47 8.51 -9.48
N LEU A 26 -10.73 8.41 -8.39
CA LEU A 26 -11.20 7.72 -7.19
C LEU A 26 -12.06 8.65 -6.33
N ARG A 27 -12.94 8.05 -5.53
CA ARG A 27 -13.81 8.83 -4.66
C ARG A 27 -14.27 7.99 -3.47
N GLY A 28 -13.97 8.49 -2.27
CA GLY A 28 -14.35 7.78 -1.05
C GLY A 28 -13.16 7.18 -0.34
N SER A 29 -13.40 6.60 0.83
CA SER A 29 -12.34 6.00 1.62
C SER A 29 -12.09 4.55 1.19
N TYR A 30 -10.83 4.18 1.07
CA TYR A 30 -10.46 2.83 0.66
C TYR A 30 -9.77 2.08 1.80
N THR A 31 -9.55 0.79 1.61
CA THR A 31 -8.91 -0.04 2.62
C THR A 31 -7.45 -0.32 2.25
N LEU A 32 -6.55 0.02 3.16
CA LEU A 32 -5.12 -0.18 2.94
C LEU A 32 -4.64 -1.44 3.67
N ARG A 33 -3.75 -2.19 3.02
CA ARG A 33 -3.21 -3.41 3.60
C ARG A 33 -1.84 -3.73 3.02
N ALA A 34 -0.97 -4.30 3.84
CA ALA A 34 0.37 -4.67 3.40
C ALA A 34 0.54 -6.18 3.32
N GLY A 35 0.87 -6.67 2.14
CA GLY A 35 1.05 -8.10 1.95
C GLY A 35 2.49 -8.52 2.11
N GLU A 36 2.83 -9.72 1.62
CA GLU A 36 4.19 -10.24 1.71
C GLU A 36 4.97 -9.95 0.44
N SER A 37 4.34 -10.22 -0.71
CA SER A 37 4.97 -10.01 -2.00
C SER A 37 4.54 -8.67 -2.60
N ALA A 38 3.26 -8.36 -2.46
CA ALA A 38 2.70 -7.12 -2.99
C ALA A 38 1.79 -6.45 -1.97
N LEU A 39 1.33 -5.24 -2.30
CA LEU A 39 0.44 -4.50 -1.41
C LEU A 39 -1.01 -4.95 -1.58
N GLU A 40 -1.83 -4.68 -0.57
CA GLU A 40 -3.23 -5.06 -0.60
C GLU A 40 -4.13 -3.84 -0.41
N LEU A 41 -5.20 -3.77 -1.20
CA LEU A 41 -6.14 -2.65 -1.12
C LEU A 41 -7.54 -3.10 -1.53
N TRP A 42 -8.40 -3.30 -0.53
CA TRP A 42 -9.78 -3.71 -0.78
C TRP A 42 -10.65 -2.52 -1.16
N GLY A 43 -11.45 -2.68 -2.21
CA GLY A 43 -12.32 -1.60 -2.65
C GLY A 43 -13.27 -2.04 -3.74
N GLY A 44 -14.46 -2.48 -3.34
CA GLY A 44 -15.45 -2.93 -4.30
C GLY A 44 -16.53 -3.79 -3.67
N PRO A 45 -17.02 -4.78 -4.43
CA PRO A 45 -18.06 -5.69 -3.96
C PRO A 45 -17.56 -6.64 -2.87
N GLU A 46 -18.47 -7.34 -2.22
CA GLU A 46 -18.12 -8.28 -1.16
C GLU A 46 -17.97 -9.69 -1.72
N PRO A 47 -17.11 -10.49 -1.07
CA PRO A 47 -16.36 -10.06 0.11
C PRO A 47 -15.29 -9.02 -0.24
N GLY A 48 -14.84 -9.04 -1.49
CA GLY A 48 -13.82 -8.11 -1.92
C GLY A 48 -12.58 -8.81 -2.44
N THR A 49 -11.73 -8.05 -3.14
CA THR A 49 -10.50 -8.61 -3.69
C THR A 49 -9.46 -7.52 -3.92
N GLN A 50 -8.22 -7.94 -4.19
CA GLN A 50 -7.14 -6.99 -4.42
C GLN A 50 -6.93 -6.76 -5.91
N LEU A 51 -7.24 -5.55 -6.38
CA LEU A 51 -7.09 -5.21 -7.78
C LEU A 51 -6.08 -4.08 -7.96
N TYR A 52 -5.94 -3.25 -6.93
CA TYR A 52 -5.01 -2.13 -6.97
C TYR A 52 -3.69 -2.49 -6.29
N ASP A 53 -3.58 -3.74 -5.87
CA ASP A 53 -2.36 -4.21 -5.20
C ASP A 53 -1.13 -3.90 -6.04
N TRP A 54 -0.31 -2.97 -5.54
CA TRP A 54 0.90 -2.57 -6.24
C TRP A 54 2.10 -3.40 -5.78
N PRO A 55 2.79 -4.02 -6.74
CA PRO A 55 3.96 -4.87 -6.45
C PRO A 55 5.15 -4.04 -5.98
N TYR A 56 5.49 -4.18 -4.71
CA TYR A 56 6.62 -3.45 -4.13
C TYR A 56 7.81 -3.44 -5.09
N ARG A 57 8.21 -4.63 -5.53
CA ARG A 57 9.33 -4.76 -6.45
C ARG A 57 9.34 -3.62 -7.47
N PHE A 58 8.16 -3.21 -7.89
CA PHE A 58 8.02 -2.12 -8.86
C PHE A 58 8.20 -0.76 -8.19
N LEU A 59 7.62 -0.61 -7.01
CA LEU A 59 7.72 0.63 -6.26
C LEU A 59 9.17 1.08 -6.11
N ARG A 60 9.53 2.15 -6.81
CA ARG A 60 10.89 2.66 -6.76
C ARG A 60 11.22 3.20 -5.38
N ARG A 61 10.34 4.05 -4.85
CA ARG A 61 10.53 4.63 -3.53
C ARG A 61 9.21 5.08 -2.94
N PHE A 62 9.21 5.36 -1.63
CA PHE A 62 8.00 5.79 -0.93
C PHE A 62 8.34 6.37 0.43
N GLY A 63 7.37 7.03 1.05
CA GLY A 63 7.59 7.63 2.36
C GLY A 63 6.29 8.03 3.03
N ARG A 64 6.34 8.23 4.34
CA ARG A 64 5.16 8.61 5.10
C ARG A 64 5.24 10.09 5.50
N ASP A 65 4.18 10.57 6.17
CA ASP A 65 4.13 11.96 6.60
C ASP A 65 3.09 12.14 7.70
N LYS A 66 3.06 13.33 8.28
CA LYS A 66 2.12 13.64 9.35
C LYS A 66 0.69 13.30 8.93
N VAL A 67 0.05 12.42 9.70
CA VAL A 67 -1.32 12.02 9.40
C VAL A 67 -1.54 11.83 7.90
N THR A 68 -0.48 11.39 7.21
CA THR A 68 -0.55 11.17 5.77
C THR A 68 0.50 10.16 5.33
N PHE A 69 0.22 9.46 4.24
CA PHE A 69 1.14 8.46 3.70
C PHE A 69 0.98 8.34 2.19
N SER A 70 2.11 8.43 1.48
CA SER A 70 2.10 8.33 0.03
C SER A 70 3.25 7.45 -0.46
N PHE A 71 3.29 7.21 -1.76
CA PHE A 71 4.33 6.38 -2.37
C PHE A 71 4.42 6.62 -3.87
N GLU A 72 5.49 6.13 -4.48
CA GLU A 72 5.69 6.29 -5.92
C GLU A 72 5.40 4.98 -6.66
N ALA A 73 4.34 4.98 -7.45
CA ALA A 73 3.95 3.80 -8.21
C ALA A 73 4.62 3.78 -9.57
N GLY A 74 5.37 2.72 -9.85
CA GLY A 74 6.06 2.59 -11.11
C GLY A 74 5.11 2.50 -12.28
N ARG A 75 5.66 2.36 -13.49
CA ARG A 75 4.84 2.25 -14.69
C ARG A 75 4.26 0.85 -14.84
N ARG A 76 3.40 0.68 -15.84
CA ARG A 76 2.78 -0.61 -16.09
C ARG A 76 1.90 -1.03 -14.91
N CYS A 77 1.16 -0.06 -14.37
CA CYS A 77 0.28 -0.33 -13.24
C CYS A 77 -1.19 -0.25 -13.65
N VAL A 78 -2.06 -0.82 -12.83
CA VAL A 78 -3.49 -0.82 -13.12
C VAL A 78 -4.11 0.55 -12.83
N SER A 79 -3.69 1.17 -11.73
CA SER A 79 -4.20 2.48 -11.35
C SER A 79 -3.57 3.58 -12.19
N GLY A 80 -2.25 3.49 -12.37
CA GLY A 80 -1.55 4.49 -13.16
C GLY A 80 -0.38 5.11 -12.40
N GLU A 81 0.77 5.17 -13.05
CA GLU A 81 1.96 5.75 -12.43
C GLU A 81 1.73 7.21 -12.07
N GLY A 82 2.15 7.59 -10.87
CA GLY A 82 1.99 8.96 -10.42
C GLY A 82 2.29 9.14 -8.94
N ASN A 83 1.51 9.98 -8.27
CA ASN A 83 1.71 10.23 -6.85
C ASN A 83 0.39 10.22 -6.11
N PHE A 84 0.20 9.21 -5.25
CA PHE A 84 -1.02 9.08 -4.48
C PHE A 84 -0.78 9.42 -3.01
N GLU A 85 -1.76 10.07 -2.38
CA GLU A 85 -1.65 10.46 -0.98
C GLU A 85 -2.84 9.96 -0.19
N PHE A 86 -2.58 9.56 1.06
CA PHE A 86 -3.64 9.05 1.93
C PHE A 86 -3.81 9.93 3.16
N GLU A 87 -5.05 10.27 3.48
CA GLU A 87 -5.35 11.11 4.62
C GLU A 87 -5.40 10.29 5.91
N THR A 88 -4.82 9.09 5.86
CA THR A 88 -4.80 8.21 7.02
C THR A 88 -3.92 8.78 8.12
N ARG A 89 -4.19 8.36 9.36
CA ARG A 89 -3.43 8.83 10.51
C ARG A 89 -2.30 7.86 10.84
N GLN A 90 -2.56 6.57 10.64
CA GLN A 90 -1.57 5.54 10.93
C GLN A 90 -0.59 5.37 9.76
N GLY A 91 -0.57 6.37 8.88
CA GLY A 91 0.30 6.32 7.72
C GLY A 91 1.63 5.66 8.04
N ASN A 92 2.27 6.11 9.12
CA ASN A 92 3.56 5.56 9.53
C ASN A 92 3.54 4.03 9.48
N GLU A 93 2.50 3.44 10.05
CA GLU A 93 2.37 1.99 10.07
C GLU A 93 2.37 1.42 8.65
N ILE A 94 1.45 1.89 7.83
CA ILE A 94 1.35 1.44 6.44
C ILE A 94 2.72 1.34 5.80
N PHE A 95 3.48 2.42 5.86
CA PHE A 95 4.81 2.46 5.27
C PHE A 95 5.67 1.31 5.82
N LEU A 96 5.89 1.32 7.13
CA LEU A 96 6.69 0.28 7.77
C LEU A 96 6.26 -1.10 7.30
N ALA A 97 4.97 -1.40 7.41
CA ALA A 97 4.43 -2.69 6.98
C ALA A 97 5.04 -3.12 5.66
N LEU A 98 5.11 -2.19 4.71
CA LEU A 98 5.67 -2.49 3.39
C LEU A 98 7.12 -2.94 3.50
N GLU A 99 7.94 -2.13 4.17
CA GLU A 99 9.35 -2.46 4.35
C GLU A 99 9.52 -3.80 5.05
N GLU A 100 8.78 -3.99 6.14
CA GLU A 100 8.85 -5.23 6.91
C GLU A 100 8.84 -6.44 5.98
N ALA A 101 7.85 -6.50 5.10
CA ALA A 101 7.74 -7.61 4.15
C ALA A 101 8.82 -7.54 3.09
N ILE A 102 8.81 -6.46 2.30
CA ILE A 102 9.79 -6.27 1.24
C ILE A 102 11.17 -6.75 1.69
N SER A 103 11.55 -6.41 2.92
CA SER A 103 12.84 -6.80 3.46
C SER A 103 13.09 -8.29 3.24
N ALA A 104 12.12 -9.11 3.62
CA ALA A 104 12.23 -10.56 3.46
C ALA A 104 12.83 -10.91 2.11
N GLN A 105 12.32 -10.28 1.05
CA GLN A 105 12.81 -10.53 -0.30
C GLN A 105 14.32 -10.70 -0.31
N LYS A 106 15.03 -9.71 0.22
CA LYS A 106 16.48 -9.74 0.27
C LYS A 106 16.97 -10.54 1.47
N ASN A 107 17.73 -11.59 1.20
CA ASN A 107 18.25 -12.45 2.26
C ASN A 107 18.98 -11.62 3.31
N SER A 108 19.92 -10.80 2.86
CA SER A 108 20.69 -9.95 3.77
C SER A 108 19.90 -8.69 4.14
N GLY A 109 19.49 -7.94 3.13
CA GLY A 109 18.74 -6.73 3.36
C GLY A 109 19.51 -5.72 4.20
N PRO A 110 19.43 -4.43 3.82
CA PRO A 110 20.11 -3.35 4.53
C PRO A 110 19.50 -3.08 5.90
N SER A 111 18.20 -3.23 6.01
CA SER A 111 17.49 -3.00 7.26
C SER A 111 17.86 -4.06 8.29
N SER A 112 17.58 -3.77 9.56
CA SER A 112 17.89 -4.70 10.64
C SER A 112 17.02 -4.41 11.86
N GLY A 113 17.04 -5.34 12.83
CA GLY A 113 16.25 -5.16 14.03
C GLY A 113 15.53 -6.42 14.43
N GLY A 1 9.68 -17.08 15.11
CA GLY A 1 11.00 -16.86 15.69
C GLY A 1 11.27 -15.38 15.95
N SER A 2 10.27 -14.69 16.49
CA SER A 2 10.41 -13.27 16.79
C SER A 2 9.32 -12.80 17.75
N SER A 3 9.51 -11.61 18.31
CA SER A 3 8.54 -11.06 19.25
C SER A 3 7.45 -10.29 18.52
N GLY A 4 7.85 -9.42 17.61
CA GLY A 4 6.90 -8.63 16.85
C GLY A 4 5.75 -9.48 16.32
N SER A 5 4.64 -8.82 15.97
CA SER A 5 3.47 -9.52 15.46
C SER A 5 3.13 -9.02 14.06
N SER A 6 2.74 -9.94 13.18
CA SER A 6 2.37 -9.60 11.81
C SER A 6 1.35 -10.57 11.26
N GLY A 7 0.57 -10.13 10.27
CA GLY A 7 -0.44 -10.97 9.67
C GLY A 7 -1.64 -10.19 9.18
N HIS A 8 -2.44 -9.69 10.12
CA HIS A 8 -3.63 -8.92 9.77
C HIS A 8 -3.55 -7.51 10.36
N LYS A 9 -3.40 -6.51 9.50
CA LYS A 9 -3.31 -5.13 9.93
C LYS A 9 -3.72 -4.18 8.82
N GLU A 10 -4.93 -3.63 8.92
CA GLU A 10 -5.44 -2.71 7.91
C GLU A 10 -5.39 -1.27 8.43
N PHE A 11 -5.71 -0.32 7.55
CA PHE A 11 -5.70 1.09 7.90
C PHE A 11 -6.73 1.86 7.09
N ALA A 12 -7.68 2.49 7.78
CA ALA A 12 -8.73 3.26 7.13
C ALA A 12 -8.16 4.54 6.51
N VAL A 13 -8.21 4.63 5.20
CA VAL A 13 -7.70 5.80 4.49
C VAL A 13 -8.77 6.41 3.59
N THR A 14 -8.57 7.66 3.20
CA THR A 14 -9.52 8.36 2.34
C THR A 14 -8.83 8.92 1.10
N MET A 15 -9.45 8.70 -0.06
CA MET A 15 -8.90 9.18 -1.32
C MET A 15 -8.66 10.70 -1.26
N ARG A 16 -7.39 11.09 -1.39
CA ARG A 16 -7.04 12.51 -1.36
C ARG A 16 -6.83 13.05 -2.77
N PRO A 17 -7.06 14.36 -2.93
CA PRO A 17 -6.92 15.02 -4.23
C PRO A 17 -5.46 15.14 -4.67
N THR A 18 -5.08 14.36 -5.68
CA THR A 18 -3.72 14.37 -6.19
C THR A 18 -3.70 14.42 -7.71
N GLU A 19 -2.64 15.00 -8.27
CA GLU A 19 -2.50 15.12 -9.71
C GLU A 19 -2.83 13.79 -10.40
N ALA A 20 -2.66 12.70 -9.67
CA ALA A 20 -2.94 11.37 -10.20
C ALA A 20 -4.39 10.97 -9.95
N SER A 21 -4.90 11.29 -8.77
CA SER A 21 -6.27 10.96 -8.40
C SER A 21 -7.23 11.30 -9.54
N GLU A 22 -6.96 12.42 -10.22
CA GLU A 22 -7.80 12.86 -11.32
C GLU A 22 -7.92 11.76 -12.38
N ARG A 23 -6.82 11.09 -12.65
CA ARG A 23 -6.81 10.01 -13.64
C ARG A 23 -7.75 8.88 -13.23
N CYS A 24 -7.41 8.18 -12.16
CA CYS A 24 -8.23 7.08 -11.68
C CYS A 24 -9.67 7.54 -11.42
N HIS A 25 -9.81 8.78 -10.96
CA HIS A 25 -11.13 9.34 -10.67
C HIS A 25 -11.78 8.61 -9.51
N LEU A 26 -10.98 8.31 -8.49
CA LEU A 26 -11.49 7.61 -7.31
C LEU A 26 -12.13 8.59 -6.34
N ARG A 27 -13.35 8.26 -5.91
CA ARG A 27 -14.08 9.12 -4.96
C ARG A 27 -14.59 8.31 -3.77
N GLY A 28 -14.37 8.84 -2.57
CA GLY A 28 -14.81 8.15 -1.38
C GLY A 28 -13.66 7.75 -0.48
N SER A 29 -13.74 6.57 0.10
CA SER A 29 -12.70 6.07 0.99
C SER A 29 -12.34 4.62 0.65
N TYR A 30 -11.08 4.26 0.89
CA TYR A 30 -10.62 2.91 0.60
C TYR A 30 -9.91 2.31 1.82
N THR A 31 -9.47 1.06 1.69
CA THR A 31 -8.77 0.38 2.76
C THR A 31 -7.34 0.04 2.37
N LEU A 32 -6.39 0.38 3.24
CA LEU A 32 -4.98 0.11 2.98
C LEU A 32 -4.47 -1.01 3.88
N ARG A 33 -3.75 -1.95 3.29
CA ARG A 33 -3.18 -3.07 4.04
C ARG A 33 -1.99 -3.68 3.30
N ALA A 34 -0.93 -3.96 4.04
CA ALA A 34 0.28 -4.55 3.47
C ALA A 34 0.15 -6.06 3.37
N GLY A 35 0.20 -6.56 2.13
CA GLY A 35 0.10 -8.00 1.92
C GLY A 35 1.37 -8.74 2.29
N GLU A 36 1.62 -9.86 1.61
CA GLU A 36 2.81 -10.65 1.88
C GLU A 36 3.91 -10.35 0.87
N SER A 37 3.53 -10.25 -0.39
CA SER A 37 4.49 -9.96 -1.46
C SER A 37 4.14 -8.66 -2.16
N ALA A 38 2.85 -8.36 -2.23
CA ALA A 38 2.39 -7.13 -2.87
C ALA A 38 1.48 -6.33 -1.94
N LEU A 39 1.12 -5.13 -2.37
CA LEU A 39 0.25 -4.26 -1.57
C LEU A 39 -1.21 -4.64 -1.77
N GLU A 40 -2.02 -4.42 -0.73
CA GLU A 40 -3.45 -4.72 -0.78
C GLU A 40 -4.28 -3.47 -0.56
N LEU A 41 -5.34 -3.33 -1.35
CA LEU A 41 -6.23 -2.17 -1.23
C LEU A 41 -7.65 -2.53 -1.66
N TRP A 42 -8.53 -2.72 -0.69
CA TRP A 42 -9.92 -3.07 -0.97
C TRP A 42 -10.73 -1.82 -1.34
N GLY A 43 -11.45 -1.91 -2.45
CA GLY A 43 -12.26 -0.79 -2.90
C GLY A 43 -13.59 -0.72 -2.20
N GLY A 44 -14.66 -1.08 -2.91
CA GLY A 44 -15.99 -1.04 -2.33
C GLY A 44 -16.15 -2.02 -1.18
N PRO A 45 -17.39 -2.19 -0.71
CA PRO A 45 -17.70 -3.10 0.40
C PRO A 45 -17.54 -4.56 0.01
N GLU A 46 -17.81 -5.45 0.96
CA GLU A 46 -17.70 -6.88 0.71
C GLU A 46 -18.50 -7.29 -0.52
N PRO A 47 -18.05 -8.36 -1.19
CA PRO A 47 -16.86 -9.11 -0.79
C PRO A 47 -15.57 -8.32 -1.00
N GLY A 48 -15.58 -7.46 -2.02
CA GLY A 48 -14.41 -6.65 -2.31
C GLY A 48 -13.21 -7.49 -2.71
N THR A 49 -12.40 -6.95 -3.63
CA THR A 49 -11.22 -7.67 -4.10
C THR A 49 -10.02 -6.73 -4.20
N GLN A 50 -8.86 -7.28 -4.52
CA GLN A 50 -7.64 -6.50 -4.65
C GLN A 50 -7.32 -6.23 -6.12
N LEU A 51 -7.49 -4.98 -6.53
CA LEU A 51 -7.22 -4.58 -7.91
C LEU A 51 -6.10 -3.54 -7.98
N TYR A 52 -6.01 -2.71 -6.94
CA TYR A 52 -5.00 -1.67 -6.88
C TYR A 52 -3.72 -2.21 -6.23
N ASP A 53 -3.72 -3.50 -5.92
CA ASP A 53 -2.56 -4.13 -5.29
C ASP A 53 -1.29 -3.86 -6.09
N TRP A 54 -0.44 -2.99 -5.56
CA TRP A 54 0.81 -2.64 -6.23
C TRP A 54 1.96 -3.48 -5.70
N PRO A 55 2.70 -4.12 -6.63
CA PRO A 55 3.84 -4.97 -6.29
C PRO A 55 5.02 -4.17 -5.75
N TYR A 56 5.32 -4.37 -4.48
CA TYR A 56 6.44 -3.67 -3.84
C TYR A 56 7.65 -3.61 -4.77
N ARG A 57 8.05 -4.76 -5.28
CA ARG A 57 9.19 -4.84 -6.18
C ARG A 57 9.22 -3.66 -7.15
N PHE A 58 8.04 -3.23 -7.58
CA PHE A 58 7.93 -2.11 -8.50
C PHE A 58 8.15 -0.79 -7.78
N LEU A 59 7.53 -0.64 -6.61
CA LEU A 59 7.67 0.57 -5.81
C LEU A 59 9.13 0.92 -5.60
N ARG A 60 9.62 1.90 -6.36
CA ARG A 60 11.00 2.33 -6.25
C ARG A 60 11.26 3.00 -4.91
N ARG A 61 10.35 3.88 -4.51
CA ARG A 61 10.47 4.58 -3.23
C ARG A 61 9.11 4.87 -2.63
N PHE A 62 9.09 5.15 -1.34
CA PHE A 62 7.84 5.44 -0.64
C PHE A 62 8.10 6.21 0.65
N GLY A 63 7.10 6.97 1.10
CA GLY A 63 7.25 7.75 2.32
C GLY A 63 6.01 7.72 3.18
N ARG A 64 6.06 8.41 4.31
CA ARG A 64 4.92 8.46 5.23
C ARG A 64 5.01 9.69 6.14
N ASP A 65 3.87 10.35 6.32
CA ASP A 65 3.80 11.53 7.17
C ASP A 65 2.60 11.49 8.10
N LYS A 66 2.83 11.80 9.37
CA LYS A 66 1.75 11.78 10.36
C LYS A 66 0.50 12.48 9.81
N VAL A 67 0.69 13.32 8.80
CA VAL A 67 -0.42 14.04 8.19
C VAL A 67 -0.99 13.27 7.01
N THR A 68 -0.13 12.54 6.31
CA THR A 68 -0.55 11.75 5.16
C THR A 68 0.53 10.76 4.75
N PHE A 69 0.11 9.65 4.14
CA PHE A 69 1.04 8.62 3.69
C PHE A 69 0.91 8.38 2.19
N SER A 70 2.03 8.52 1.49
CA SER A 70 2.05 8.32 0.04
C SER A 70 3.34 7.64 -0.40
N PHE A 71 3.42 7.30 -1.68
CA PHE A 71 4.59 6.65 -2.23
C PHE A 71 4.68 6.85 -3.73
N GLU A 72 5.78 6.40 -4.33
CA GLU A 72 5.99 6.54 -5.77
C GLU A 72 5.81 5.20 -6.47
N ALA A 73 4.89 5.16 -7.43
CA ALA A 73 4.63 3.93 -8.19
C ALA A 73 4.98 4.12 -9.66
N GLY A 74 5.37 3.02 -10.31
CA GLY A 74 5.72 3.08 -11.72
C GLY A 74 4.50 3.18 -12.61
N ARG A 75 4.75 3.36 -13.91
CA ARG A 75 3.66 3.47 -14.88
C ARG A 75 3.10 2.10 -15.23
N ARG A 76 4.00 1.16 -15.47
CA ARG A 76 3.61 -0.21 -15.83
C ARG A 76 2.33 -0.60 -15.10
N CYS A 77 2.22 -0.19 -13.84
CA CYS A 77 1.05 -0.50 -13.03
C CYS A 77 -0.24 -0.07 -13.75
N VAL A 78 -1.33 -0.77 -13.45
CA VAL A 78 -2.63 -0.47 -14.06
C VAL A 78 -3.04 0.97 -13.77
N SER A 79 -2.85 1.39 -12.53
CA SER A 79 -3.22 2.75 -12.13
C SER A 79 -2.39 3.79 -12.89
N GLY A 80 -1.09 3.52 -13.01
CA GLY A 80 -0.22 4.44 -13.72
C GLY A 80 0.77 5.12 -12.80
N GLU A 81 1.79 5.74 -13.38
CA GLU A 81 2.81 6.44 -12.60
C GLU A 81 2.26 7.74 -12.02
N GLY A 82 2.80 8.14 -10.87
CA GLY A 82 2.34 9.35 -10.22
C GLY A 82 2.54 9.33 -8.73
N ASN A 83 1.67 10.02 -8.00
CA ASN A 83 1.74 10.07 -6.55
C ASN A 83 0.37 9.85 -5.92
N PHE A 84 0.28 8.84 -5.06
CA PHE A 84 -0.99 8.53 -4.39
C PHE A 84 -0.91 8.85 -2.90
N GLU A 85 -1.89 9.59 -2.41
CA GLU A 85 -1.93 9.97 -1.00
C GLU A 85 -3.07 9.24 -0.27
N PHE A 86 -2.86 8.97 1.02
CA PHE A 86 -3.86 8.28 1.82
C PHE A 86 -4.11 9.02 3.13
N GLU A 87 -5.37 9.38 3.37
CA GLU A 87 -5.74 10.09 4.59
C GLU A 87 -5.63 9.19 5.81
N THR A 88 -4.55 9.36 6.57
CA THR A 88 -4.32 8.56 7.77
C THR A 88 -3.19 9.14 8.61
N ARG A 89 -3.18 8.80 9.90
CA ARG A 89 -2.16 9.29 10.81
C ARG A 89 -1.20 8.19 11.20
N GLN A 90 -1.71 6.96 11.29
CA GLN A 90 -0.89 5.81 11.66
C GLN A 90 -0.11 5.29 10.45
N GLY A 91 -0.06 6.10 9.40
CA GLY A 91 0.65 5.70 8.20
C GLY A 91 1.92 4.94 8.50
N ASN A 92 2.67 5.41 9.50
CA ASN A 92 3.92 4.77 9.89
C ASN A 92 3.82 3.24 9.73
N GLU A 93 2.86 2.65 10.43
CA GLU A 93 2.66 1.20 10.36
C GLU A 93 2.71 0.71 8.92
N ILE A 94 1.83 1.25 8.09
CA ILE A 94 1.78 0.87 6.68
C ILE A 94 3.17 0.87 6.05
N PHE A 95 3.80 2.05 6.05
CA PHE A 95 5.14 2.20 5.48
C PHE A 95 6.04 1.04 5.90
N LEU A 96 6.22 0.88 7.20
CA LEU A 96 7.06 -0.20 7.73
C LEU A 96 6.61 -1.55 7.19
N ALA A 97 5.30 -1.74 7.11
CA ALA A 97 4.74 -2.99 6.62
C ALA A 97 5.22 -3.28 5.19
N LEU A 98 5.40 -2.22 4.41
CA LEU A 98 5.85 -2.36 3.03
C LEU A 98 7.34 -2.69 2.98
N GLU A 99 8.15 -1.87 3.64
CA GLU A 99 9.60 -2.08 3.67
C GLU A 99 9.94 -3.40 4.36
N GLU A 100 9.51 -3.54 5.61
CA GLU A 100 9.77 -4.75 6.39
C GLU A 100 9.60 -5.99 5.52
N ALA A 101 8.53 -6.02 4.74
CA ALA A 101 8.25 -7.15 3.86
C ALA A 101 9.30 -7.27 2.76
N ILE A 102 9.51 -6.18 2.03
CA ILE A 102 10.48 -6.16 0.95
C ILE A 102 11.86 -6.62 1.44
N SER A 103 12.23 -6.18 2.63
CA SER A 103 13.51 -6.55 3.21
C SER A 103 13.55 -8.04 3.56
N ALA A 104 12.41 -8.56 4.01
CA ALA A 104 12.32 -9.97 4.38
C ALA A 104 12.36 -10.85 3.13
N GLN A 105 11.41 -10.66 2.23
CA GLN A 105 11.34 -11.43 1.00
C GLN A 105 12.70 -11.49 0.32
N LYS A 106 13.38 -10.35 0.26
CA LYS A 106 14.70 -10.28 -0.36
C LYS A 106 15.75 -10.97 0.50
N ASN A 107 15.62 -10.80 1.82
CA ASN A 107 16.57 -11.39 2.76
C ASN A 107 15.83 -12.17 3.84
N SER A 108 16.11 -13.47 3.92
CA SER A 108 15.47 -14.33 4.91
C SER A 108 15.45 -13.65 6.28
N GLY A 109 16.63 -13.26 6.75
CA GLY A 109 16.74 -12.61 8.04
C GLY A 109 18.17 -12.46 8.51
N PRO A 110 18.45 -11.40 9.27
CA PRO A 110 19.79 -11.12 9.79
C PRO A 110 20.21 -12.13 10.87
N SER A 111 19.35 -13.11 11.13
CA SER A 111 19.62 -14.12 12.13
C SER A 111 21.00 -14.74 11.92
N SER A 112 21.19 -15.38 10.77
CA SER A 112 22.46 -16.02 10.45
C SER A 112 23.09 -15.36 9.22
N GLY A 113 24.31 -15.78 8.90
CA GLY A 113 25.01 -15.23 7.75
C GLY A 113 26.15 -14.32 8.15
N GLY A 1 5.64 -26.95 4.84
CA GLY A 1 5.31 -25.93 5.82
C GLY A 1 5.53 -24.53 5.29
N SER A 2 4.49 -23.98 4.65
CA SER A 2 4.58 -22.63 4.09
C SER A 2 3.43 -21.76 4.60
N SER A 3 3.72 -20.48 4.80
CA SER A 3 2.71 -19.54 5.28
C SER A 3 1.64 -19.29 4.22
N GLY A 4 0.39 -19.53 4.59
CA GLY A 4 -0.71 -19.32 3.66
C GLY A 4 -0.97 -17.85 3.38
N SER A 5 -2.23 -17.44 3.51
CA SER A 5 -2.61 -16.05 3.28
C SER A 5 -3.27 -15.45 4.51
N SER A 6 -2.60 -14.49 5.13
CA SER A 6 -3.12 -13.82 6.32
C SER A 6 -3.28 -12.33 6.09
N GLY A 7 -4.19 -11.72 6.83
CA GLY A 7 -4.43 -10.29 6.70
C GLY A 7 -5.49 -9.78 7.66
N HIS A 8 -5.06 -9.41 8.85
CA HIS A 8 -5.98 -8.90 9.88
C HIS A 8 -5.77 -7.41 10.10
N LYS A 9 -4.52 -6.97 10.00
CA LYS A 9 -4.18 -5.57 10.18
C LYS A 9 -4.58 -4.73 8.97
N GLU A 10 -5.43 -3.73 9.21
CA GLU A 10 -5.90 -2.87 8.13
C GLU A 10 -5.98 -1.42 8.59
N PHE A 11 -5.84 -0.49 7.65
CA PHE A 11 -5.90 0.93 7.97
C PHE A 11 -6.87 1.66 7.04
N ALA A 12 -7.89 2.26 7.62
CA ALA A 12 -8.88 3.00 6.84
C ALA A 12 -8.33 4.33 6.36
N VAL A 13 -8.31 4.51 5.04
CA VAL A 13 -7.81 5.75 4.44
C VAL A 13 -8.84 6.38 3.52
N THR A 14 -8.63 7.64 3.18
CA THR A 14 -9.55 8.36 2.31
C THR A 14 -8.82 8.90 1.08
N MET A 15 -9.47 8.75 -0.08
CA MET A 15 -8.88 9.22 -1.33
C MET A 15 -8.50 10.69 -1.24
N ARG A 16 -7.20 10.97 -1.38
CA ARG A 16 -6.71 12.34 -1.31
C ARG A 16 -6.68 12.99 -2.69
N PRO A 17 -6.95 14.30 -2.73
CA PRO A 17 -6.96 15.07 -3.97
C PRO A 17 -5.57 15.22 -4.59
N THR A 18 -5.25 14.37 -5.56
CA THR A 18 -3.96 14.41 -6.21
C THR A 18 -4.11 14.45 -7.73
N GLU A 19 -2.99 14.55 -8.44
CA GLU A 19 -3.00 14.61 -9.90
C GLU A 19 -3.35 13.24 -10.48
N ALA A 20 -2.71 12.20 -9.97
CA ALA A 20 -2.95 10.85 -10.46
C ALA A 20 -4.42 10.46 -10.27
N SER A 21 -4.89 10.50 -9.03
CA SER A 21 -6.28 10.16 -8.73
C SER A 21 -7.21 10.60 -9.84
N GLU A 22 -7.03 11.84 -10.29
CA GLU A 22 -7.86 12.39 -11.36
C GLU A 22 -8.09 11.36 -12.46
N ARG A 23 -6.99 10.85 -13.04
CA ARG A 23 -7.07 9.87 -14.10
C ARG A 23 -7.89 8.65 -13.65
N CYS A 24 -7.65 8.20 -12.43
CA CYS A 24 -8.36 7.05 -11.88
C CYS A 24 -9.83 7.39 -11.64
N HIS A 25 -10.11 8.67 -11.40
CA HIS A 25 -11.47 9.12 -11.15
C HIS A 25 -12.04 8.47 -9.90
N LEU A 26 -11.22 8.36 -8.87
CA LEU A 26 -11.64 7.74 -7.61
C LEU A 26 -12.22 8.79 -6.67
N ARG A 27 -13.33 8.44 -6.02
CA ARG A 27 -13.99 9.35 -5.08
C ARG A 27 -14.56 8.58 -3.90
N GLY A 28 -14.26 9.05 -2.69
CA GLY A 28 -14.75 8.40 -1.50
C GLY A 28 -13.64 7.97 -0.57
N SER A 29 -13.79 6.78 0.03
CA SER A 29 -12.78 6.26 0.95
C SER A 29 -12.44 4.81 0.61
N TYR A 30 -11.15 4.48 0.73
CA TYR A 30 -10.69 3.13 0.44
C TYR A 30 -9.93 2.54 1.62
N THR A 31 -9.74 1.22 1.60
CA THR A 31 -9.03 0.54 2.67
C THR A 31 -7.57 0.28 2.29
N LEU A 32 -6.67 0.52 3.24
CA LEU A 32 -5.25 0.32 3.00
C LEU A 32 -4.74 -0.90 3.75
N ARG A 33 -3.94 -1.73 3.08
CA ARG A 33 -3.39 -2.93 3.69
C ARG A 33 -2.05 -3.30 3.06
N ALA A 34 -1.20 -3.96 3.83
CA ALA A 34 0.11 -4.37 3.35
C ALA A 34 0.38 -5.84 3.66
N GLY A 35 0.27 -6.69 2.64
CA GLY A 35 0.51 -8.10 2.83
C GLY A 35 1.99 -8.44 2.97
N GLU A 36 2.41 -9.51 2.31
CA GLU A 36 3.80 -9.93 2.37
C GLU A 36 4.46 -9.84 1.00
N SER A 37 3.68 -10.11 -0.04
CA SER A 37 4.18 -10.07 -1.41
C SER A 37 3.84 -8.73 -2.07
N ALA A 38 2.58 -8.33 -1.97
CA ALA A 38 2.13 -7.08 -2.56
C ALA A 38 1.22 -6.31 -1.60
N LEU A 39 0.86 -5.10 -1.98
CA LEU A 39 -0.02 -4.27 -1.15
C LEU A 39 -1.48 -4.64 -1.37
N GLU A 40 -2.29 -4.46 -0.32
CA GLU A 40 -3.71 -4.77 -0.39
C GLU A 40 -4.56 -3.51 -0.24
N LEU A 41 -5.49 -3.30 -1.15
CA LEU A 41 -6.35 -2.14 -1.12
C LEU A 41 -7.77 -2.49 -1.58
N TRP A 42 -8.68 -2.64 -0.63
CA TRP A 42 -10.06 -2.97 -0.93
C TRP A 42 -10.76 -1.82 -1.65
N GLY A 43 -11.40 -2.12 -2.77
CA GLY A 43 -12.10 -1.09 -3.53
C GLY A 43 -12.89 -0.16 -2.64
N GLY A 44 -13.49 -0.71 -1.59
CA GLY A 44 -14.28 0.09 -0.68
C GLY A 44 -15.57 -0.58 -0.28
N PRO A 45 -16.40 -0.91 -1.27
CA PRO A 45 -17.69 -1.56 -1.06
C PRO A 45 -17.54 -3.01 -0.59
N GLU A 46 -18.57 -3.53 0.07
CA GLU A 46 -18.55 -4.89 0.57
C GLU A 46 -19.17 -5.85 -0.45
N PRO A 47 -18.56 -7.04 -0.58
CA PRO A 47 -17.37 -7.41 0.20
C PRO A 47 -16.14 -6.62 -0.22
N GLY A 48 -16.06 -6.27 -1.51
CA GLY A 48 -14.93 -5.51 -2.01
C GLY A 48 -13.71 -6.38 -2.23
N THR A 49 -13.07 -6.21 -3.39
CA THR A 49 -11.88 -6.99 -3.72
C THR A 49 -10.67 -6.08 -3.90
N GLN A 50 -9.49 -6.68 -3.84
CA GLN A 50 -8.25 -5.93 -3.99
C GLN A 50 -7.79 -5.89 -5.44
N LEU A 51 -7.92 -4.73 -6.07
CA LEU A 51 -7.53 -4.56 -7.47
C LEU A 51 -6.40 -3.54 -7.60
N TYR A 52 -6.34 -2.62 -6.64
CA TYR A 52 -5.31 -1.58 -6.65
C TYR A 52 -4.04 -2.07 -5.96
N ASP A 53 -4.04 -3.34 -5.58
CA ASP A 53 -2.88 -3.94 -4.91
C ASP A 53 -1.61 -3.69 -5.71
N TRP A 54 -0.73 -2.83 -5.20
CA TRP A 54 0.52 -2.52 -5.88
C TRP A 54 1.68 -3.31 -5.27
N PRO A 55 2.49 -3.92 -6.13
CA PRO A 55 3.66 -4.72 -5.72
C PRO A 55 4.76 -3.85 -5.12
N TYR A 56 5.15 -4.16 -3.90
CA TYR A 56 6.20 -3.42 -3.21
C TYR A 56 7.39 -3.18 -4.14
N ARG A 57 7.68 -4.17 -4.99
CA ARG A 57 8.79 -4.06 -5.93
C ARG A 57 8.64 -2.84 -6.83
N PHE A 58 7.42 -2.63 -7.33
CA PHE A 58 7.14 -1.49 -8.19
C PHE A 58 7.54 -0.19 -7.52
N LEU A 59 6.96 0.07 -6.35
CA LEU A 59 7.25 1.29 -5.61
C LEU A 59 8.76 1.48 -5.44
N ARG A 60 9.33 2.37 -6.23
CA ARG A 60 10.76 2.64 -6.16
C ARG A 60 11.13 3.31 -4.84
N ARG A 61 10.31 4.27 -4.43
CA ARG A 61 10.55 4.99 -3.18
C ARG A 61 9.25 5.56 -2.62
N PHE A 62 9.17 5.65 -1.29
CA PHE A 62 7.97 6.18 -0.64
C PHE A 62 8.36 6.97 0.62
N GLY A 63 7.42 7.80 1.08
CA GLY A 63 7.68 8.60 2.26
C GLY A 63 6.41 8.88 3.04
N ARG A 64 6.27 8.22 4.19
CA ARG A 64 5.09 8.40 5.04
C ARG A 64 5.10 9.79 5.68
N ASP A 65 3.92 10.23 6.12
CA ASP A 65 3.78 11.54 6.75
C ASP A 65 3.10 11.42 8.10
N LYS A 66 2.96 12.55 8.79
CA LYS A 66 2.33 12.57 10.11
C LYS A 66 0.93 11.94 10.04
N VAL A 67 0.05 12.57 9.28
CA VAL A 67 -1.32 12.08 9.15
C VAL A 67 -1.62 11.72 7.70
N THR A 68 -0.56 11.54 6.90
CA THR A 68 -0.71 11.19 5.50
C THR A 68 0.38 10.23 5.05
N PHE A 69 0.03 9.32 4.13
CA PHE A 69 0.98 8.35 3.62
C PHE A 69 0.82 8.16 2.12
N SER A 70 1.92 8.30 1.39
CA SER A 70 1.89 8.15 -0.07
C SER A 70 3.13 7.41 -0.55
N PHE A 71 3.16 7.10 -1.85
CA PHE A 71 4.27 6.39 -2.45
C PHE A 71 4.40 6.72 -3.93
N GLU A 72 5.43 6.16 -4.56
CA GLU A 72 5.66 6.39 -5.99
C GLU A 72 5.36 5.13 -6.80
N ALA A 73 4.37 5.21 -7.67
CA ALA A 73 3.99 4.08 -8.51
C ALA A 73 4.35 4.32 -9.97
N GLY A 74 5.06 3.36 -10.57
CA GLY A 74 5.46 3.50 -11.95
C GLY A 74 4.28 3.73 -12.88
N ARG A 75 4.49 3.49 -14.16
CA ARG A 75 3.44 3.67 -15.16
C ARG A 75 2.75 2.36 -15.48
N ARG A 76 3.55 1.31 -15.68
CA ARG A 76 3.02 -0.01 -16.00
C ARG A 76 1.68 -0.25 -15.28
N CYS A 77 1.63 0.14 -14.00
CA CYS A 77 0.43 -0.04 -13.20
C CYS A 77 -0.77 0.59 -13.90
N VAL A 78 -1.93 -0.06 -13.77
CA VAL A 78 -3.16 0.44 -14.38
C VAL A 78 -3.57 1.78 -13.78
N SER A 79 -3.63 1.83 -12.46
CA SER A 79 -4.01 3.05 -11.75
C SER A 79 -3.48 4.28 -12.47
N GLY A 80 -2.16 4.36 -12.59
CA GLY A 80 -1.53 5.49 -13.26
C GLY A 80 -0.28 5.96 -12.55
N GLU A 81 0.67 6.50 -13.32
CA GLU A 81 1.92 6.99 -12.77
C GLU A 81 1.69 8.29 -12.00
N GLY A 82 2.48 8.49 -10.94
CA GLY A 82 2.36 9.69 -10.14
C GLY A 82 2.56 9.43 -8.66
N ASN A 83 1.66 9.96 -7.84
CA ASN A 83 1.75 9.78 -6.39
C ASN A 83 0.35 9.67 -5.78
N PHE A 84 0.13 8.58 -5.05
CA PHE A 84 -1.16 8.35 -4.41
C PHE A 84 -1.06 8.55 -2.90
N GLU A 85 -1.74 9.57 -2.40
CA GLU A 85 -1.73 9.88 -0.97
C GLU A 85 -2.92 9.24 -0.27
N PHE A 86 -2.72 8.85 0.98
CA PHE A 86 -3.79 8.23 1.77
C PHE A 86 -3.98 8.95 3.10
N GLU A 87 -5.23 9.28 3.41
CA GLU A 87 -5.55 9.97 4.66
C GLU A 87 -5.59 9.00 5.83
N THR A 88 -4.56 9.04 6.66
CA THR A 88 -4.48 8.16 7.83
C THR A 88 -3.48 8.70 8.85
N ARG A 89 -3.60 8.23 10.09
CA ARG A 89 -2.72 8.66 11.16
C ARG A 89 -1.62 7.63 11.41
N GLN A 90 -1.97 6.36 11.23
CA GLN A 90 -1.01 5.27 11.45
C GLN A 90 -0.08 5.13 10.25
N GLY A 91 -0.13 6.11 9.35
CA GLY A 91 0.72 6.07 8.18
C GLY A 91 2.07 5.44 8.45
N ASN A 92 2.65 5.76 9.61
CA ASN A 92 3.95 5.22 9.99
C ASN A 92 4.00 3.71 9.76
N GLU A 93 2.98 3.01 10.26
CA GLU A 93 2.91 1.56 10.11
C GLU A 93 2.96 1.16 8.64
N ILE A 94 1.96 1.59 7.88
CA ILE A 94 1.89 1.28 6.46
C ILE A 94 3.28 1.24 5.84
N PHE A 95 4.11 2.20 6.19
CA PHE A 95 5.48 2.27 5.67
C PHE A 95 6.29 1.07 6.14
N LEU A 96 6.41 0.92 7.44
CA LEU A 96 7.17 -0.19 8.02
C LEU A 96 6.77 -1.51 7.39
N ALA A 97 5.47 -1.69 7.17
CA ALA A 97 4.96 -2.92 6.57
C ALA A 97 5.68 -3.22 5.25
N LEU A 98 5.52 -2.33 4.28
CA LEU A 98 6.17 -2.51 2.98
C LEU A 98 7.63 -2.91 3.14
N GLU A 99 8.33 -2.23 4.05
CA GLU A 99 9.73 -2.51 4.29
C GLU A 99 9.92 -3.93 4.81
N GLU A 100 9.31 -4.23 5.95
CA GLU A 100 9.41 -5.55 6.55
C GLU A 100 9.26 -6.64 5.49
N ALA A 101 8.26 -6.48 4.62
CA ALA A 101 8.00 -7.44 3.56
C ALA A 101 9.18 -7.53 2.61
N ILE A 102 9.70 -6.38 2.20
CA ILE A 102 10.84 -6.33 1.28
C ILE A 102 12.10 -6.88 1.94
N SER A 103 12.54 -6.22 3.00
CA SER A 103 13.73 -6.64 3.71
C SER A 103 13.79 -8.16 3.83
N ALA A 104 12.63 -8.80 3.78
CA ALA A 104 12.54 -10.25 3.88
C ALA A 104 12.81 -10.90 2.53
N GLN A 105 11.87 -10.72 1.60
CA GLN A 105 11.99 -11.29 0.27
C GLN A 105 13.37 -11.00 -0.33
N LYS A 106 13.83 -9.77 -0.15
CA LYS A 106 15.13 -9.35 -0.66
C LYS A 106 16.26 -10.13 0.02
N ASN A 107 17.25 -10.54 -0.77
CA ASN A 107 18.39 -11.29 -0.23
C ASN A 107 19.34 -10.36 0.50
N SER A 108 19.29 -10.39 1.82
CA SER A 108 20.16 -9.56 2.65
C SER A 108 21.63 -9.82 2.33
N GLY A 109 22.02 -11.09 2.43
CA GLY A 109 23.40 -11.47 2.15
C GLY A 109 23.59 -12.97 2.08
N PRO A 110 23.80 -13.60 3.24
CA PRO A 110 23.99 -15.05 3.33
C PRO A 110 22.73 -15.83 3.01
N SER A 111 22.89 -17.05 2.52
CA SER A 111 21.76 -17.91 2.17
C SER A 111 20.89 -17.24 1.11
N SER A 112 21.54 -16.64 0.11
CA SER A 112 20.83 -15.97 -0.96
C SER A 112 19.85 -16.91 -1.64
N GLY A 113 20.33 -18.10 -2.00
CA GLY A 113 19.48 -19.08 -2.66
C GLY A 113 18.11 -19.18 -2.01
N GLY A 1 -4.55 -23.42 21.24
CA GLY A 1 -3.70 -22.49 21.94
C GLY A 1 -4.29 -21.09 22.02
N SER A 2 -4.59 -20.64 23.23
CA SER A 2 -5.18 -19.32 23.43
C SER A 2 -4.62 -18.32 22.41
N SER A 3 -3.30 -18.18 22.39
CA SER A 3 -2.65 -17.25 21.47
C SER A 3 -2.31 -17.95 20.15
N GLY A 4 -1.95 -17.16 19.15
CA GLY A 4 -1.61 -17.70 17.85
C GLY A 4 -2.46 -17.13 16.73
N SER A 5 -3.76 -17.08 16.96
CA SER A 5 -4.69 -16.54 15.96
C SER A 5 -4.38 -15.08 15.65
N SER A 6 -4.51 -14.70 14.39
CA SER A 6 -4.24 -13.33 13.97
C SER A 6 -5.45 -12.72 13.27
N GLY A 7 -5.48 -11.40 13.20
CA GLY A 7 -6.59 -10.72 12.56
C GLY A 7 -6.14 -9.83 11.40
N HIS A 8 -6.97 -8.86 11.05
CA HIS A 8 -6.66 -7.94 9.96
C HIS A 8 -5.94 -6.70 10.49
N LYS A 9 -4.80 -6.38 9.87
CA LYS A 9 -4.02 -5.22 10.27
C LYS A 9 -4.21 -4.07 9.29
N GLU A 10 -5.27 -4.14 8.49
CA GLU A 10 -5.55 -3.11 7.50
C GLU A 10 -5.58 -1.74 8.15
N PHE A 11 -5.68 -0.69 7.32
CA PHE A 11 -5.71 0.68 7.81
C PHE A 11 -6.70 1.52 7.00
N ALA A 12 -7.74 2.01 7.65
CA ALA A 12 -8.74 2.82 7.00
C ALA A 12 -8.17 4.19 6.59
N VAL A 13 -8.24 4.49 5.31
CA VAL A 13 -7.72 5.76 4.80
C VAL A 13 -8.75 6.45 3.91
N THR A 14 -8.47 7.71 3.56
CA THR A 14 -9.37 8.48 2.72
C THR A 14 -8.70 8.87 1.41
N MET A 15 -9.48 8.87 0.32
CA MET A 15 -8.96 9.22 -0.99
C MET A 15 -8.85 10.73 -1.14
N ARG A 16 -7.66 11.22 -1.44
CA ARG A 16 -7.43 12.65 -1.60
C ARG A 16 -7.29 13.00 -3.09
N PRO A 17 -7.90 14.12 -3.49
CA PRO A 17 -7.87 14.60 -4.88
C PRO A 17 -6.48 15.09 -5.28
N THR A 18 -5.93 14.49 -6.33
CA THR A 18 -4.61 14.87 -6.82
C THR A 18 -4.54 14.80 -8.34
N GLU A 19 -3.39 15.17 -8.89
CA GLU A 19 -3.20 15.15 -10.34
C GLU A 19 -3.60 13.80 -10.92
N ALA A 20 -2.90 12.75 -10.50
CA ALA A 20 -3.18 11.39 -10.97
C ALA A 20 -4.57 10.94 -10.54
N SER A 21 -4.79 10.89 -9.24
CA SER A 21 -6.08 10.47 -8.69
C SER A 21 -7.22 10.93 -9.59
N GLU A 22 -7.17 12.20 -9.98
CA GLU A 22 -8.21 12.77 -10.84
C GLU A 22 -8.57 11.81 -11.98
N ARG A 23 -7.57 11.49 -12.80
CA ARG A 23 -7.79 10.59 -13.92
C ARG A 23 -8.54 9.33 -13.48
N CYS A 24 -8.16 8.79 -12.34
CA CYS A 24 -8.80 7.60 -11.80
C CYS A 24 -10.22 7.90 -11.34
N HIS A 25 -10.43 9.12 -10.84
CA HIS A 25 -11.74 9.53 -10.37
C HIS A 25 -12.16 8.72 -9.15
N LEU A 26 -11.24 8.58 -8.20
CA LEU A 26 -11.51 7.83 -6.97
C LEU A 26 -12.09 8.73 -5.89
N ARG A 27 -13.30 8.42 -5.45
CA ARG A 27 -13.95 9.21 -4.41
C ARG A 27 -14.34 8.33 -3.22
N GLY A 28 -14.32 8.92 -2.03
CA GLY A 28 -14.65 8.18 -0.83
C GLY A 28 -13.43 7.77 -0.04
N SER A 29 -13.56 6.69 0.73
CA SER A 29 -12.45 6.20 1.55
C SER A 29 -12.14 4.74 1.22
N TYR A 30 -10.87 4.46 0.96
CA TYR A 30 -10.44 3.11 0.62
C TYR A 30 -9.70 2.47 1.79
N THR A 31 -9.39 1.19 1.65
CA THR A 31 -8.68 0.45 2.70
C THR A 31 -7.26 0.12 2.27
N LEU A 32 -6.29 0.53 3.08
CA LEU A 32 -4.88 0.27 2.79
C LEU A 32 -4.34 -0.87 3.65
N ARG A 33 -3.90 -1.94 2.99
CA ARG A 33 -3.36 -3.10 3.68
C ARG A 33 -2.02 -3.51 3.09
N ALA A 34 -1.05 -3.75 3.97
CA ALA A 34 0.28 -4.16 3.54
C ALA A 34 0.38 -5.67 3.39
N GLY A 35 0.66 -6.12 2.16
CA GLY A 35 0.77 -7.54 1.90
C GLY A 35 2.16 -8.08 2.15
N GLU A 36 2.48 -9.21 1.54
CA GLU A 36 3.79 -9.82 1.69
C GLU A 36 4.72 -9.43 0.54
N SER A 37 4.24 -9.63 -0.68
CA SER A 37 5.02 -9.30 -1.88
C SER A 37 4.50 -8.03 -2.54
N ALA A 38 3.19 -7.82 -2.45
CA ALA A 38 2.57 -6.65 -3.04
C ALA A 38 1.63 -5.97 -2.05
N LEU A 39 1.16 -4.78 -2.41
CA LEU A 39 0.25 -4.02 -1.55
C LEU A 39 -1.19 -4.50 -1.73
N GLU A 40 -2.01 -4.31 -0.70
CA GLU A 40 -3.41 -4.72 -0.75
C GLU A 40 -4.33 -3.52 -0.55
N LEU A 41 -5.20 -3.28 -1.53
CA LEU A 41 -6.14 -2.17 -1.46
C LEU A 41 -7.54 -2.62 -1.86
N TRP A 42 -8.40 -2.80 -0.87
CA TRP A 42 -9.77 -3.23 -1.12
C TRP A 42 -10.65 -2.03 -1.47
N GLY A 43 -11.51 -2.22 -2.48
CA GLY A 43 -12.39 -1.15 -2.90
C GLY A 43 -13.67 -1.67 -3.52
N GLY A 44 -14.72 -0.85 -3.48
CA GLY A 44 -16.00 -1.25 -4.03
C GLY A 44 -16.83 -2.07 -3.06
N PRO A 45 -17.92 -2.67 -3.56
CA PRO A 45 -18.82 -3.49 -2.74
C PRO A 45 -18.17 -4.80 -2.31
N GLU A 46 -18.82 -5.50 -1.38
CA GLU A 46 -18.31 -6.77 -0.88
C GLU A 46 -18.61 -7.90 -1.86
N PRO A 47 -17.81 -8.97 -1.79
CA PRO A 47 -16.70 -9.07 -0.83
C PRO A 47 -15.56 -8.12 -1.16
N GLY A 48 -15.13 -8.12 -2.42
CA GLY A 48 -14.05 -7.25 -2.84
C GLY A 48 -12.78 -8.02 -3.14
N THR A 49 -11.85 -7.37 -3.84
CA THR A 49 -10.58 -7.99 -4.19
C THR A 49 -9.52 -6.95 -4.48
N GLN A 50 -8.26 -7.38 -4.49
CA GLN A 50 -7.14 -6.48 -4.75
C GLN A 50 -6.96 -6.25 -6.26
N LEU A 51 -7.24 -5.03 -6.70
CA LEU A 51 -7.11 -4.68 -8.11
C LEU A 51 -6.06 -3.60 -8.31
N TYR A 52 -5.95 -2.70 -7.34
CA TYR A 52 -4.99 -1.61 -7.40
C TYR A 52 -3.70 -1.97 -6.65
N ASP A 53 -3.63 -3.20 -6.18
CA ASP A 53 -2.46 -3.68 -5.44
C ASP A 53 -1.18 -3.41 -6.23
N TRP A 54 -0.33 -2.55 -5.69
CA TRP A 54 0.92 -2.21 -6.35
C TRP A 54 2.09 -2.98 -5.73
N PRO A 55 2.83 -3.70 -6.58
CA PRO A 55 3.98 -4.50 -6.14
C PRO A 55 5.15 -3.63 -5.70
N TYR A 56 5.48 -3.71 -4.41
CA TYR A 56 6.59 -2.93 -3.85
C TYR A 56 7.81 -2.98 -4.77
N ARG A 57 8.25 -4.20 -5.09
CA ARG A 57 9.41 -4.38 -5.94
C ARG A 57 9.46 -3.31 -7.04
N PHE A 58 8.28 -2.90 -7.49
CA PHE A 58 8.19 -1.89 -8.54
C PHE A 58 8.30 -0.49 -7.94
N LEU A 59 7.63 -0.27 -6.82
CA LEU A 59 7.65 1.02 -6.14
C LEU A 59 9.09 1.50 -5.92
N ARG A 60 9.53 2.45 -6.74
CA ARG A 60 10.87 2.99 -6.63
C ARG A 60 11.09 3.65 -5.28
N ARG A 61 10.17 4.52 -4.89
CA ARG A 61 10.26 5.23 -3.61
C ARG A 61 8.87 5.54 -3.07
N PHE A 62 8.77 5.70 -1.75
CA PHE A 62 7.50 6.01 -1.11
C PHE A 62 7.72 6.90 0.12
N GLY A 63 6.61 7.34 0.72
CA GLY A 63 6.70 8.19 1.89
C GLY A 63 5.34 8.60 2.42
N ARG A 64 5.21 8.65 3.74
CA ARG A 64 3.95 9.01 4.37
C ARG A 64 4.19 9.94 5.55
N ASP A 65 3.33 10.96 5.69
CA ASP A 65 3.46 11.91 6.78
C ASP A 65 2.71 11.42 8.02
N LYS A 66 2.76 12.20 9.09
CA LYS A 66 2.08 11.86 10.33
C LYS A 66 0.57 11.77 10.13
N VAL A 67 0.06 12.57 9.21
CA VAL A 67 -1.37 12.59 8.91
C VAL A 67 -1.64 12.16 7.47
N THR A 68 -0.67 12.42 6.60
CA THR A 68 -0.81 12.07 5.19
C THR A 68 0.00 10.83 4.85
N PHE A 69 -0.40 10.14 3.78
CA PHE A 69 0.29 8.93 3.35
C PHE A 69 0.22 8.76 1.84
N SER A 70 1.38 8.62 1.20
CA SER A 70 1.44 8.46 -0.24
C SER A 70 2.64 7.60 -0.64
N PHE A 71 2.77 7.35 -1.94
CA PHE A 71 3.88 6.55 -2.46
C PHE A 71 4.13 6.86 -3.93
N GLU A 72 5.16 6.24 -4.49
CA GLU A 72 5.51 6.44 -5.89
C GLU A 72 5.21 5.19 -6.71
N ALA A 73 4.37 5.35 -7.73
CA ALA A 73 4.00 4.23 -8.59
C ALA A 73 4.44 4.49 -10.03
N GLY A 74 5.01 3.46 -10.65
CA GLY A 74 5.47 3.59 -12.02
C GLY A 74 4.32 3.68 -13.01
N ARG A 75 4.62 3.44 -14.28
CA ARG A 75 3.61 3.51 -15.34
C ARG A 75 3.05 2.12 -15.64
N ARG A 76 3.92 1.11 -15.61
CA ARG A 76 3.52 -0.26 -15.88
C ARG A 76 2.22 -0.60 -15.16
N CYS A 77 2.11 -0.17 -13.91
CA CYS A 77 0.92 -0.42 -13.11
C CYS A 77 -0.34 0.07 -13.83
N VAL A 78 -1.33 -0.81 -13.95
CA VAL A 78 -2.58 -0.46 -14.61
C VAL A 78 -3.06 0.92 -14.21
N SER A 79 -2.98 1.21 -12.91
CA SER A 79 -3.42 2.50 -12.39
C SER A 79 -2.79 3.64 -13.18
N GLY A 80 -1.50 3.52 -13.47
CA GLY A 80 -0.81 4.54 -14.22
C GLY A 80 0.08 5.41 -13.34
N GLU A 81 1.11 6.00 -13.94
CA GLU A 81 2.03 6.85 -13.20
C GLU A 81 1.28 7.95 -12.45
N GLY A 82 1.88 8.44 -11.36
CA GLY A 82 1.26 9.48 -10.58
C GLY A 82 1.32 9.20 -9.09
N ASN A 83 1.45 10.26 -8.30
CA ASN A 83 1.52 10.12 -6.85
C ASN A 83 0.13 10.00 -6.24
N PHE A 84 -0.06 9.01 -5.38
CA PHE A 84 -1.34 8.78 -4.73
C PHE A 84 -1.28 9.16 -3.25
N GLU A 85 -1.83 10.33 -2.92
CA GLU A 85 -1.84 10.81 -1.54
C GLU A 85 -3.07 10.32 -0.80
N PHE A 86 -2.91 10.02 0.48
CA PHE A 86 -4.01 9.55 1.31
C PHE A 86 -3.99 10.20 2.68
N GLU A 87 -5.15 10.24 3.34
CA GLU A 87 -5.26 10.83 4.66
C GLU A 87 -5.35 9.75 5.74
N THR A 88 -4.27 9.59 6.50
CA THR A 88 -4.22 8.59 7.56
C THR A 88 -3.08 8.87 8.53
N ARG A 89 -3.20 8.35 9.74
CA ARG A 89 -2.17 8.55 10.75
C ARG A 89 -1.30 7.30 10.90
N GLN A 90 -1.91 6.14 10.68
CA GLN A 90 -1.20 4.88 10.79
C GLN A 90 -0.06 4.80 9.78
N GLY A 91 -0.01 5.78 8.88
CA GLY A 91 1.03 5.81 7.87
C GLY A 91 2.35 5.24 8.37
N ASN A 92 2.77 5.70 9.54
CA ASN A 92 4.03 5.24 10.14
C ASN A 92 4.09 3.71 10.12
N GLU A 93 3.01 3.07 10.57
CA GLU A 93 2.96 1.62 10.61
C GLU A 93 2.97 1.03 9.20
N ILE A 94 2.12 1.56 8.34
CA ILE A 94 2.03 1.09 6.96
C ILE A 94 3.42 0.92 6.35
N PHE A 95 4.31 1.86 6.65
CA PHE A 95 5.67 1.81 6.13
C PHE A 95 6.41 0.57 6.64
N LEU A 96 6.47 0.43 7.96
CA LEU A 96 7.14 -0.71 8.57
C LEU A 96 6.76 -2.01 7.88
N ALA A 97 5.47 -2.19 7.65
CA ALA A 97 4.98 -3.40 6.99
C ALA A 97 5.66 -3.60 5.65
N LEU A 98 5.59 -2.59 4.79
CA LEU A 98 6.21 -2.65 3.47
C LEU A 98 7.68 -3.04 3.57
N GLU A 99 8.39 -2.40 4.49
CA GLU A 99 9.81 -2.69 4.69
C GLU A 99 10.01 -4.12 5.19
N GLU A 100 9.14 -4.56 6.10
CA GLU A 100 9.23 -5.90 6.65
C GLU A 100 9.30 -6.94 5.55
N ALA A 101 8.28 -6.96 4.69
CA ALA A 101 8.23 -7.91 3.58
C ALA A 101 9.48 -7.80 2.70
N ILE A 102 9.70 -6.61 2.15
CA ILE A 102 10.86 -6.38 1.30
C ILE A 102 12.12 -7.01 1.89
N SER A 103 12.32 -6.80 3.19
CA SER A 103 13.49 -7.34 3.88
C SER A 103 13.50 -8.86 3.79
N ALA A 104 12.34 -9.48 3.99
CA ALA A 104 12.24 -10.93 3.93
C ALA A 104 12.75 -11.47 2.60
N GLN A 105 12.38 -10.81 1.52
CA GLN A 105 12.80 -11.22 0.18
C GLN A 105 14.26 -11.69 0.20
N LYS A 106 15.15 -10.79 0.58
CA LYS A 106 16.58 -11.11 0.64
C LYS A 106 17.24 -10.43 1.83
N ASN A 107 18.24 -11.09 2.42
CA ASN A 107 18.95 -10.54 3.57
C ASN A 107 20.40 -11.01 3.57
N SER A 108 21.26 -10.25 4.25
CA SER A 108 22.68 -10.59 4.32
C SER A 108 22.88 -11.92 5.02
N GLY A 109 23.86 -12.68 4.55
CA GLY A 109 24.14 -13.99 5.14
C GLY A 109 23.05 -14.99 4.85
N PRO A 110 23.22 -15.77 3.77
CA PRO A 110 22.26 -16.80 3.37
C PRO A 110 22.22 -17.97 4.33
N SER A 111 21.05 -18.61 4.44
CA SER A 111 20.88 -19.75 5.33
C SER A 111 21.96 -20.80 5.07
N SER A 112 22.39 -21.48 6.13
CA SER A 112 23.41 -22.51 6.02
C SER A 112 22.77 -23.89 5.80
N GLY A 113 23.60 -24.87 5.50
CA GLY A 113 23.11 -26.22 5.29
C GLY A 113 22.48 -26.82 6.53
N GLY A 1 9.76 -15.07 18.95
CA GLY A 1 9.42 -16.41 19.39
C GLY A 1 9.18 -17.36 18.23
N SER A 2 9.59 -18.61 18.41
CA SER A 2 9.43 -19.63 17.36
C SER A 2 7.97 -19.71 16.90
N SER A 3 7.06 -19.73 17.87
CA SER A 3 5.64 -19.81 17.58
C SER A 3 5.07 -18.43 17.26
N GLY A 4 4.09 -18.39 16.35
CA GLY A 4 3.48 -17.13 15.99
C GLY A 4 2.31 -17.31 15.05
N SER A 5 1.30 -16.45 15.19
CA SER A 5 0.11 -16.51 14.36
C SER A 5 0.00 -15.28 13.46
N SER A 6 -0.43 -15.51 12.22
CA SER A 6 -0.58 -14.42 11.26
C SER A 6 -1.98 -13.81 11.33
N GLY A 7 -2.04 -12.48 11.40
CA GLY A 7 -3.32 -11.81 11.47
C GLY A 7 -3.62 -11.01 10.21
N HIS A 8 -4.26 -9.86 10.38
CA HIS A 8 -4.61 -9.01 9.26
C HIS A 8 -4.47 -7.53 9.63
N LYS A 9 -3.41 -6.90 9.14
CA LYS A 9 -3.17 -5.49 9.42
C LYS A 9 -3.76 -4.60 8.33
N GLU A 10 -4.66 -3.70 8.73
CA GLU A 10 -5.31 -2.80 7.79
C GLU A 10 -5.47 -1.41 8.39
N PHE A 11 -5.52 -0.40 7.53
CA PHE A 11 -5.68 0.98 7.98
C PHE A 11 -6.68 1.73 7.11
N ALA A 12 -7.71 2.30 7.74
CA ALA A 12 -8.73 3.04 7.03
C ALA A 12 -8.18 4.34 6.45
N VAL A 13 -8.19 4.45 5.13
CA VAL A 13 -7.68 5.64 4.46
C VAL A 13 -8.75 6.26 3.55
N THR A 14 -8.69 7.58 3.39
CA THR A 14 -9.65 8.28 2.55
C THR A 14 -8.98 8.80 1.28
N MET A 15 -9.67 8.65 0.15
CA MET A 15 -9.16 9.10 -1.13
C MET A 15 -9.05 10.63 -1.17
N ARG A 16 -7.83 11.12 -1.35
CA ARG A 16 -7.60 12.56 -1.41
C ARG A 16 -7.52 13.05 -2.86
N PRO A 17 -8.03 14.27 -3.09
CA PRO A 17 -8.03 14.87 -4.43
C PRO A 17 -6.63 15.25 -4.90
N THR A 18 -6.05 14.41 -5.75
CA THR A 18 -4.71 14.66 -6.27
C THR A 18 -4.68 14.51 -7.78
N GLU A 19 -3.59 14.96 -8.40
CA GLU A 19 -3.43 14.88 -9.85
C GLU A 19 -3.75 13.47 -10.35
N ALA A 20 -3.13 12.47 -9.73
CA ALA A 20 -3.35 11.09 -10.12
C ALA A 20 -4.79 10.66 -9.82
N SER A 21 -5.14 10.62 -8.55
CA SER A 21 -6.48 10.23 -8.14
C SER A 21 -7.52 10.71 -9.14
N GLU A 22 -7.39 11.97 -9.56
CA GLU A 22 -8.31 12.55 -10.52
C GLU A 22 -8.58 11.59 -11.68
N ARG A 23 -7.54 11.29 -12.44
CA ARG A 23 -7.66 10.39 -13.58
C ARG A 23 -8.34 9.08 -13.17
N CYS A 24 -7.96 8.56 -12.01
CA CYS A 24 -8.54 7.32 -11.51
C CYS A 24 -10.03 7.49 -11.21
N HIS A 25 -10.40 8.69 -10.76
CA HIS A 25 -11.79 8.98 -10.44
C HIS A 25 -12.24 8.18 -9.22
N LEU A 26 -11.35 8.00 -8.26
CA LEU A 26 -11.66 7.25 -7.05
C LEU A 26 -12.28 8.16 -6.00
N ARG A 27 -13.52 7.85 -5.61
CA ARG A 27 -14.23 8.64 -4.61
C ARG A 27 -14.69 7.76 -3.45
N GLY A 28 -14.31 8.15 -2.24
CA GLY A 28 -14.69 7.38 -1.07
C GLY A 28 -13.49 6.97 -0.23
N SER A 29 -13.72 6.10 0.75
CA SER A 29 -12.66 5.64 1.63
C SER A 29 -12.27 4.20 1.31
N TYR A 30 -10.99 3.99 1.02
CA TYR A 30 -10.50 2.66 0.69
C TYR A 30 -9.69 2.08 1.85
N THR A 31 -9.36 0.80 1.75
CA THR A 31 -8.60 0.11 2.79
C THR A 31 -7.13 -0.08 2.36
N LEU A 32 -6.22 0.35 3.21
CA LEU A 32 -4.79 0.23 2.93
C LEU A 32 -4.19 -0.96 3.66
N ARG A 33 -3.58 -1.87 2.90
CA ARG A 33 -2.97 -3.06 3.48
C ARG A 33 -1.65 -3.38 2.78
N ALA A 34 -0.76 -4.07 3.49
CA ALA A 34 0.53 -4.44 2.95
C ALA A 34 0.70 -5.96 2.91
N GLY A 35 0.75 -6.51 1.69
CA GLY A 35 0.90 -7.94 1.54
C GLY A 35 2.32 -8.41 1.82
N GLU A 36 2.69 -9.54 1.23
CA GLU A 36 4.02 -10.10 1.44
C GLU A 36 4.96 -9.68 0.32
N SER A 37 4.47 -9.77 -0.92
CA SER A 37 5.27 -9.41 -2.08
C SER A 37 4.75 -8.14 -2.74
N ALA A 38 3.44 -7.91 -2.60
CA ALA A 38 2.80 -6.73 -3.17
C ALA A 38 1.90 -6.05 -2.15
N LEU A 39 1.42 -4.86 -2.50
CA LEU A 39 0.53 -4.11 -1.61
C LEU A 39 -0.91 -4.58 -1.76
N GLU A 40 -1.70 -4.38 -0.69
CA GLU A 40 -3.10 -4.78 -0.70
C GLU A 40 -4.01 -3.58 -0.51
N LEU A 41 -5.11 -3.56 -1.26
CA LEU A 41 -6.07 -2.46 -1.18
C LEU A 41 -7.47 -2.93 -1.53
N TRP A 42 -8.30 -3.12 -0.51
CA TRP A 42 -9.68 -3.58 -0.72
C TRP A 42 -10.57 -2.43 -1.18
N GLY A 43 -11.39 -2.69 -2.19
CA GLY A 43 -12.28 -1.67 -2.71
C GLY A 43 -13.25 -2.21 -3.74
N GLY A 44 -14.22 -1.38 -4.11
CA GLY A 44 -15.20 -1.80 -5.10
C GLY A 44 -16.40 -2.48 -4.48
N PRO A 45 -17.18 -3.20 -5.29
CA PRO A 45 -18.37 -3.91 -4.84
C PRO A 45 -18.03 -5.12 -3.96
N GLU A 46 -18.96 -5.50 -3.10
CA GLU A 46 -18.75 -6.63 -2.20
C GLU A 46 -18.70 -7.94 -2.98
N PRO A 47 -17.99 -8.94 -2.43
CA PRO A 47 -17.30 -8.79 -1.15
C PRO A 47 -16.10 -7.85 -1.24
N GLY A 48 -15.25 -8.08 -2.22
CA GLY A 48 -14.07 -7.25 -2.39
C GLY A 48 -12.82 -8.06 -2.69
N THR A 49 -11.91 -7.49 -3.46
CA THR A 49 -10.68 -8.16 -3.82
C THR A 49 -9.58 -7.16 -4.18
N GLN A 50 -8.32 -7.55 -3.99
CA GLN A 50 -7.19 -6.70 -4.28
C GLN A 50 -7.00 -6.56 -5.79
N LEU A 51 -7.33 -5.38 -6.32
CA LEU A 51 -7.19 -5.12 -7.75
C LEU A 51 -6.17 -4.00 -8.00
N TYR A 52 -5.95 -3.17 -7.00
CA TYR A 52 -5.02 -2.06 -7.11
C TYR A 52 -3.68 -2.42 -6.47
N ASP A 53 -3.56 -3.66 -6.01
CA ASP A 53 -2.33 -4.12 -5.38
C ASP A 53 -1.12 -3.84 -6.26
N TRP A 54 -0.31 -2.87 -5.85
CA TRP A 54 0.88 -2.50 -6.60
C TRP A 54 2.10 -3.27 -6.11
N PRO A 55 2.85 -3.87 -7.05
CA PRO A 55 4.05 -4.64 -6.73
C PRO A 55 5.19 -3.76 -6.25
N TYR A 56 5.53 -3.87 -4.97
CA TYR A 56 6.61 -3.09 -4.38
C TYR A 56 7.75 -2.90 -5.37
N ARG A 57 8.28 -4.02 -5.86
CA ARG A 57 9.37 -3.99 -6.83
C ARG A 57 9.25 -2.80 -7.77
N PHE A 58 8.03 -2.57 -8.26
CA PHE A 58 7.78 -1.47 -9.17
C PHE A 58 7.97 -0.13 -8.46
N LEU A 59 7.36 0.01 -7.28
CA LEU A 59 7.45 1.23 -6.51
C LEU A 59 8.92 1.65 -6.34
N ARG A 60 9.27 2.80 -6.89
CA ARG A 60 10.63 3.31 -6.79
C ARG A 60 10.94 3.76 -5.37
N ARG A 61 9.97 4.43 -4.75
CA ARG A 61 10.14 4.92 -3.39
C ARG A 61 8.79 5.08 -2.69
N PHE A 62 8.82 5.25 -1.38
CA PHE A 62 7.60 5.41 -0.59
C PHE A 62 7.91 5.88 0.82
N GLY A 63 6.88 6.31 1.54
CA GLY A 63 7.07 6.78 2.90
C GLY A 63 6.05 7.84 3.29
N ARG A 64 6.02 8.16 4.58
CA ARG A 64 5.08 9.17 5.08
C ARG A 64 5.82 10.45 5.44
N ASP A 65 5.21 11.59 5.13
CA ASP A 65 5.80 12.90 5.43
C ASP A 65 5.24 13.47 6.72
N LYS A 66 3.96 13.84 6.69
CA LYS A 66 3.30 14.40 7.87
C LYS A 66 1.85 13.95 7.94
N VAL A 67 1.54 13.13 8.94
CA VAL A 67 0.18 12.64 9.12
C VAL A 67 -0.44 12.23 7.79
N THR A 68 0.40 11.75 6.88
CA THR A 68 -0.07 11.32 5.57
C THR A 68 0.88 10.29 4.96
N PHE A 69 0.31 9.33 4.24
CA PHE A 69 1.11 8.28 3.60
C PHE A 69 1.01 8.38 2.08
N SER A 70 2.17 8.40 1.42
CA SER A 70 2.22 8.50 -0.04
C SER A 70 3.32 7.60 -0.60
N PHE A 71 3.34 7.48 -1.92
CA PHE A 71 4.34 6.65 -2.59
C PHE A 71 4.39 6.96 -4.09
N GLU A 72 5.50 6.61 -4.72
CA GLU A 72 5.68 6.85 -6.15
C GLU A 72 5.50 5.55 -6.94
N ALA A 73 4.43 5.50 -7.73
CA ALA A 73 4.14 4.33 -8.54
C ALA A 73 4.85 4.40 -9.90
N GLY A 74 5.23 3.25 -10.43
CA GLY A 74 5.91 3.22 -11.71
C GLY A 74 4.95 3.30 -12.88
N ARG A 75 5.42 2.94 -14.06
CA ARG A 75 4.60 2.99 -15.27
C ARG A 75 4.00 1.61 -15.58
N ARG A 76 3.20 1.55 -16.63
CA ARG A 76 2.57 0.29 -17.03
C ARG A 76 1.85 -0.35 -15.86
N CYS A 77 1.32 0.48 -14.96
CA CYS A 77 0.60 0.00 -13.78
C CYS A 77 -0.90 0.03 -14.01
N VAL A 78 -1.60 -0.93 -13.44
CA VAL A 78 -3.05 -1.01 -13.58
C VAL A 78 -3.70 0.35 -13.40
N SER A 79 -3.22 1.10 -12.40
CA SER A 79 -3.75 2.42 -12.11
C SER A 79 -3.08 3.48 -12.98
N GLY A 80 -1.76 3.36 -13.13
CA GLY A 80 -1.01 4.31 -13.94
C GLY A 80 -0.07 5.16 -13.10
N GLU A 81 0.87 5.82 -13.77
CA GLU A 81 1.84 6.67 -13.09
C GLU A 81 1.15 7.91 -12.50
N GLY A 82 1.51 8.24 -11.26
CA GLY A 82 0.92 9.40 -10.61
C GLY A 82 1.02 9.33 -9.10
N ASN A 83 1.37 10.44 -8.48
CA ASN A 83 1.51 10.50 -7.02
C ASN A 83 0.18 10.19 -6.35
N PHE A 84 0.24 9.54 -5.19
CA PHE A 84 -0.96 9.18 -4.45
C PHE A 84 -0.80 9.54 -2.97
N GLU A 85 -1.88 10.02 -2.37
CA GLU A 85 -1.86 10.41 -0.96
C GLU A 85 -3.06 9.82 -0.22
N PHE A 86 -2.82 9.31 0.98
CA PHE A 86 -3.87 8.71 1.79
C PHE A 86 -4.03 9.45 3.12
N GLU A 87 -5.25 9.89 3.40
CA GLU A 87 -5.52 10.61 4.64
C GLU A 87 -5.72 9.64 5.80
N THR A 88 -4.70 9.54 6.65
CA THR A 88 -4.76 8.65 7.81
C THR A 88 -3.68 9.01 8.82
N ARG A 89 -3.82 8.48 10.03
CA ARG A 89 -2.85 8.75 11.10
C ARG A 89 -1.83 7.62 11.20
N GLN A 90 -2.22 6.43 10.78
CA GLN A 90 -1.33 5.27 10.82
C GLN A 90 -0.38 5.28 9.62
N GLY A 91 -0.31 6.42 8.94
CA GLY A 91 0.57 6.53 7.79
C GLY A 91 1.91 5.85 8.00
N ASN A 92 2.52 6.10 9.15
CA ASN A 92 3.81 5.50 9.47
C ASN A 92 3.73 3.98 9.44
N GLU A 93 2.81 3.42 10.22
CA GLU A 93 2.62 1.98 10.27
C GLU A 93 2.55 1.38 8.88
N ILE A 94 1.73 1.99 8.02
CA ILE A 94 1.57 1.52 6.65
C ILE A 94 2.91 1.43 5.93
N PHE A 95 3.76 2.44 6.14
CA PHE A 95 5.07 2.47 5.52
C PHE A 95 5.93 1.30 6.00
N LEU A 96 6.07 1.16 7.31
CA LEU A 96 6.87 0.09 7.89
C LEU A 96 6.43 -1.26 7.34
N ALA A 97 5.12 -1.46 7.24
CA ALA A 97 4.57 -2.71 6.73
C ALA A 97 5.23 -3.10 5.41
N LEU A 98 5.10 -2.23 4.41
CA LEU A 98 5.68 -2.47 3.10
C LEU A 98 7.13 -2.95 3.22
N GLU A 99 7.93 -2.19 3.97
CA GLU A 99 9.33 -2.55 4.17
C GLU A 99 9.46 -3.93 4.79
N GLU A 100 8.83 -4.13 5.94
CA GLU A 100 8.88 -5.41 6.64
C GLU A 100 8.69 -6.57 5.65
N ALA A 101 7.75 -6.40 4.73
CA ALA A 101 7.47 -7.43 3.73
C ALA A 101 8.63 -7.57 2.76
N ILE A 102 9.09 -6.45 2.22
CA ILE A 102 10.20 -6.46 1.27
C ILE A 102 11.44 -7.11 1.87
N SER A 103 11.85 -6.60 3.04
CA SER A 103 13.02 -7.11 3.72
C SER A 103 13.09 -8.63 3.61
N ALA A 104 11.96 -9.29 3.87
CA ALA A 104 11.89 -10.74 3.81
C ALA A 104 12.65 -11.27 2.59
N GLN A 105 12.38 -10.69 1.43
CA GLN A 105 13.04 -11.11 0.20
C GLN A 105 14.54 -10.83 0.26
N LYS A 106 14.89 -9.56 0.42
CA LYS A 106 16.29 -9.15 0.49
C LYS A 106 17.07 -10.06 1.44
N ASN A 107 16.67 -10.05 2.71
CA ASN A 107 17.33 -10.87 3.73
C ASN A 107 17.03 -12.35 3.51
N SER A 108 18.06 -13.12 3.21
CA SER A 108 17.91 -14.55 2.97
C SER A 108 18.75 -15.36 3.95
N GLY A 109 18.08 -16.04 4.88
CA GLY A 109 18.80 -16.84 5.86
C GLY A 109 19.21 -18.20 5.31
N PRO A 110 20.07 -18.90 6.07
CA PRO A 110 20.57 -20.22 5.67
C PRO A 110 19.47 -21.29 5.74
N SER A 111 18.29 -20.89 6.17
CA SER A 111 17.17 -21.82 6.28
C SER A 111 17.08 -22.72 5.05
N SER A 112 17.45 -22.16 3.89
CA SER A 112 17.42 -22.92 2.65
C SER A 112 18.73 -22.79 1.88
N GLY A 113 18.99 -23.73 0.99
CA GLY A 113 20.22 -23.70 0.23
C GLY A 113 19.97 -23.79 -1.27
#